data_6BUQ
#
_entry.id   6BUQ
#
_cell.length_a   81.050
_cell.length_b   89.770
_cell.length_c   198.710
_cell.angle_alpha   90.00
_cell.angle_beta   90.00
_cell.angle_gamma   90.00
#
_symmetry.space_group_name_H-M   'P 21 21 21'
#
loop_
_entity.id
_entity.type
_entity.pdbx_description
1 polymer 'Cyanuric acid amidohydrolase'
2 non-polymer 'MALONATE ION'
3 non-polymer 'CALCIUM ION'
4 non-polymer 'SODIUM ION'
5 non-polymer 1,3-PROPANDIOL
6 non-polymer 'CHLORIDE ION'
7 non-polymer 'BARBITURIC ACID'
8 non-polymer DI(HYDROXYETHYL)ETHER
9 water water
#
_entity_poly.entity_id   1
_entity_poly.type   'polypeptide(L)'
_entity_poly.pdbx_seq_one_letter_code
;HMQKVEVFRIPTASPDDISGLATLIDSGKINPAEIVAILGKTEGNGCVNDFTRGFATQSLAMYLAEKLGISREEVVKKVA
FIMSGGTEGVMTPHITVFVRKDVAAPAAPGKRLAVGVAFTRDFLPEELGRMEQVNEVARAVKEAMKDAQIDDPRDVHFVQ
IKCPLLTAERIEDAKRRGKDVVVNDTYKSMAYSRGASALGVALALGEISADKISNEAICHDWNLYSSVASTSAGVELLND
EIIVVGNSTNSASDLVIGHSVMKDAIDADAVRAALKDAGIRSDDEMDRIVNVLAKAEAASSGTVRGRRNTMLDDSDINHT
RSARAVVNAVIASVVGDPMVYVSGGAEHQGPDGGGPIAVIARV
;
_entity_poly.pdbx_strand_id   A,B,C,D
#
loop_
_chem_comp.id
_chem_comp.type
_chem_comp.name
_chem_comp.formula
BR8 non-polymer 'BARBITURIC ACID' 'C4 H4 N2 O3'
CA non-polymer 'CALCIUM ION' 'Ca 2'
CL non-polymer 'CHLORIDE ION' 'Cl -1'
MLI non-polymer 'MALONATE ION' 'C3 H2 O4 -2'
NA non-polymer 'SODIUM ION' 'Na 1'
PDO non-polymer 1,3-PROPANDIOL 'C3 H8 O2'
PEG non-polymer DI(HYDROXYETHYL)ETHER 'C4 H10 O3'
#
# COMPACT_ATOMS: atom_id res chain seq x y z
N MET A 2 -28.77 34.15 -23.69
CA MET A 2 -28.81 34.00 -22.21
C MET A 2 -28.80 32.53 -21.79
N GLN A 3 -27.78 32.15 -21.03
CA GLN A 3 -27.59 30.77 -20.60
C GLN A 3 -27.88 30.66 -19.12
N LYS A 4 -28.43 29.53 -18.71
CA LYS A 4 -28.69 29.25 -17.31
C LYS A 4 -27.99 27.93 -16.98
N VAL A 5 -27.14 27.95 -15.95
CA VAL A 5 -26.40 26.77 -15.55
C VAL A 5 -26.98 26.25 -14.25
N GLU A 6 -27.24 24.96 -14.19
CA GLU A 6 -27.66 24.26 -12.98
C GLU A 6 -26.62 23.19 -12.69
N VAL A 7 -26.33 23.00 -11.39
CA VAL A 7 -25.28 22.11 -10.95
C VAL A 7 -25.84 21.19 -9.88
N PHE A 8 -25.64 19.89 -10.07
CA PHE A 8 -26.17 18.86 -9.20
C PHE A 8 -25.03 18.03 -8.66
N ARG A 9 -24.85 18.08 -7.34
CA ARG A 9 -23.87 17.26 -6.62
C ARG A 9 -24.60 15.99 -6.14
N ILE A 10 -24.16 14.84 -6.63
CA ILE A 10 -24.89 13.58 -6.48
C ILE A 10 -24.00 12.56 -5.79
N PRO A 11 -24.42 11.99 -4.65
CA PRO A 11 -23.62 10.92 -4.04
C PRO A 11 -23.65 9.68 -4.92
N THR A 12 -22.55 8.92 -4.92
CA THR A 12 -22.46 7.67 -5.66
C THR A 12 -22.10 6.52 -4.73
N ALA A 13 -22.61 5.34 -5.05
CA ALA A 13 -22.37 4.13 -4.26
C ALA A 13 -21.16 3.33 -4.78
N SER A 14 -20.68 3.63 -5.96
CA SER A 14 -19.60 2.90 -6.62
C SER A 14 -19.22 3.69 -7.88
N PRO A 15 -18.10 3.36 -8.52
CA PRO A 15 -17.70 4.16 -9.70
C PRO A 15 -18.73 4.12 -10.81
N ASP A 16 -19.44 2.99 -10.96
CA ASP A 16 -20.37 2.79 -12.06
C ASP A 16 -21.81 3.16 -11.67
N ASP A 17 -22.00 3.83 -10.54
CA ASP A 17 -23.35 4.09 -10.03
C ASP A 17 -23.94 5.29 -10.79
N ILE A 18 -24.94 5.03 -11.63
CA ILE A 18 -25.64 6.11 -12.32
C ILE A 18 -27.03 6.38 -11.72
N SER A 19 -27.35 5.76 -10.59
CA SER A 19 -28.73 5.76 -10.11
C SER A 19 -29.16 7.15 -9.69
N GLY A 20 -28.25 7.93 -9.13
CA GLY A 20 -28.63 9.24 -8.64
C GLY A 20 -28.92 10.20 -9.77
N LEU A 21 -28.11 10.14 -10.83
CA LEU A 21 -28.37 10.92 -12.03
C LEU A 21 -29.66 10.45 -12.70
N ALA A 22 -29.86 9.14 -12.81
CA ALA A 22 -31.08 8.62 -13.41
C ALA A 22 -32.32 9.10 -12.66
N THR A 23 -32.23 9.20 -11.32
CA THR A 23 -33.38 9.67 -10.54
C THR A 23 -33.73 11.11 -10.89
N LEU A 24 -32.71 11.97 -11.04
CA LEU A 24 -32.96 13.36 -11.40
C LEU A 24 -33.52 13.49 -12.82
N ILE A 25 -33.06 12.63 -13.74
CA ILE A 25 -33.61 12.64 -15.10
C ILE A 25 -35.04 12.12 -15.10
N ASP A 26 -35.28 10.99 -14.44
CA ASP A 26 -36.62 10.41 -14.41
C ASP A 26 -37.60 11.27 -13.63
N SER A 27 -37.14 12.13 -12.74
CA SER A 27 -38.05 13.03 -12.04
C SER A 27 -38.34 14.29 -12.84
N GLY A 28 -37.65 14.51 -13.96
CA GLY A 28 -37.84 15.71 -14.73
C GLY A 28 -36.97 16.88 -14.32
N LYS A 29 -36.06 16.69 -13.37
CA LYS A 29 -35.23 17.79 -12.92
C LYS A 29 -34.05 18.04 -13.86
N ILE A 30 -33.59 17.01 -14.58
CA ILE A 30 -32.52 17.14 -15.56
C ILE A 30 -33.00 16.63 -16.91
N ASN A 31 -32.97 17.50 -17.92
CA ASN A 31 -33.03 17.08 -19.32
C ASN A 31 -31.62 16.61 -19.70
N PRO A 32 -31.45 15.31 -20.00
CA PRO A 32 -30.09 14.83 -20.29
C PRO A 32 -29.42 15.51 -21.49
N ALA A 33 -30.19 16.02 -22.43
CA ALA A 33 -29.61 16.70 -23.59
C ALA A 33 -28.93 18.01 -23.23
N GLU A 34 -29.19 18.53 -22.03
CA GLU A 34 -28.63 19.79 -21.57
C GLU A 34 -27.37 19.60 -20.72
N ILE A 35 -26.99 18.36 -20.42
CA ILE A 35 -25.75 18.09 -19.67
C ILE A 35 -24.56 18.47 -20.54
N VAL A 36 -23.66 19.28 -19.99
CA VAL A 36 -22.45 19.67 -20.71
C VAL A 36 -21.19 19.12 -20.08
N ALA A 37 -21.21 18.71 -18.81
CA ALA A 37 -20.00 18.21 -18.17
C ALA A 37 -20.37 17.46 -16.90
N ILE A 38 -19.55 16.46 -16.56
CA ILE A 38 -19.64 15.77 -15.29
C ILE A 38 -18.24 15.66 -14.69
N LEU A 39 -18.10 16.12 -13.45
CA LEU A 39 -16.86 16.13 -12.69
C LEU A 39 -17.04 15.19 -11.51
N GLY A 40 -16.28 14.11 -11.50
CA GLY A 40 -16.44 13.06 -10.51
C GLY A 40 -15.27 12.93 -9.55
N LYS A 41 -15.59 12.48 -8.33
CA LYS A 41 -14.64 11.86 -7.43
C LYS A 41 -14.94 10.36 -7.41
N THR A 42 -13.99 9.56 -7.88
CA THR A 42 -14.17 8.11 -7.93
C THR A 42 -13.19 7.41 -6.98
N GLU A 43 -13.58 6.23 -6.48
CA GLU A 43 -12.93 5.69 -5.30
C GLU A 43 -11.74 4.75 -5.59
N GLY A 44 -11.08 4.87 -6.73
CA GLY A 44 -9.78 4.25 -6.96
C GLY A 44 -8.67 4.99 -6.25
N ASN A 45 -7.41 4.62 -6.56
CA ASN A 45 -6.31 5.20 -5.79
C ASN A 45 -5.87 6.57 -6.31
N GLY A 46 -6.47 7.08 -7.38
CA GLY A 46 -6.16 8.39 -7.92
C GLY A 46 -4.77 8.52 -8.53
N CYS A 47 -4.09 7.41 -8.75
CA CYS A 47 -2.72 7.46 -9.26
C CYS A 47 -2.68 6.88 -10.67
N VAL A 48 -1.63 6.15 -11.03
CA VAL A 48 -1.51 5.65 -12.40
C VAL A 48 -2.54 4.55 -12.65
N ASN A 49 -2.50 3.51 -11.84
CA ASN A 49 -3.35 2.33 -12.03
C ASN A 49 -4.69 2.48 -11.30
N ASP A 50 -5.39 3.56 -11.62
CA ASP A 50 -6.76 3.80 -11.17
C ASP A 50 -7.67 3.66 -12.37
N PHE A 51 -8.42 2.56 -12.42
CA PHE A 51 -9.36 2.28 -13.48
C PHE A 51 -10.79 2.64 -13.10
N THR A 52 -11.03 3.15 -11.88
CA THR A 52 -12.35 3.60 -11.52
C THR A 52 -12.74 4.84 -12.33
N ARG A 53 -11.74 5.63 -12.73
CA ARG A 53 -12.01 6.81 -13.54
C ARG A 53 -12.65 6.40 -14.86
N GLY A 54 -12.01 5.46 -15.58
CA GLY A 54 -12.56 5.03 -16.85
C GLY A 54 -13.85 4.26 -16.71
N PHE A 55 -13.96 3.45 -15.64
CA PHE A 55 -15.19 2.70 -15.38
C PHE A 55 -16.36 3.65 -15.18
N ALA A 56 -16.14 4.74 -14.44
CA ALA A 56 -17.18 5.72 -14.23
C ALA A 56 -17.58 6.41 -15.53
N THR A 57 -16.59 6.80 -16.33
CA THR A 57 -16.89 7.48 -17.58
C THR A 57 -17.63 6.55 -18.52
N GLN A 58 -17.16 5.31 -18.64
CA GLN A 58 -17.85 4.36 -19.51
C GLN A 58 -19.29 4.18 -19.07
N SER A 59 -19.53 4.09 -17.75
CA SER A 59 -20.88 3.83 -17.27
C SER A 59 -21.80 5.01 -17.53
N LEU A 60 -21.31 6.22 -17.30
CA LEU A 60 -22.10 7.42 -17.56
C LEU A 60 -22.36 7.60 -19.07
N ALA A 61 -21.34 7.37 -19.91
CA ALA A 61 -21.51 7.55 -21.34
C ALA A 61 -22.49 6.52 -21.91
N MET A 62 -22.43 5.29 -21.43
N MET A 62 -22.38 5.26 -21.47
CA MET A 62 -23.37 4.28 -21.91
CA MET A 62 -23.36 4.24 -21.84
C MET A 62 -24.80 4.60 -21.47
C MET A 62 -24.77 4.68 -21.50
N TYR A 63 -24.97 5.10 -20.25
CA TYR A 63 -26.29 5.44 -19.76
C TYR A 63 -26.88 6.62 -20.52
N LEU A 64 -26.09 7.69 -20.68
CA LEU A 64 -26.57 8.86 -21.40
C LEU A 64 -26.82 8.55 -22.85
N ALA A 65 -25.97 7.71 -23.45
CA ALA A 65 -26.17 7.33 -24.84
C ALA A 65 -27.51 6.64 -25.03
N GLU A 66 -27.87 5.74 -24.11
CA GLU A 66 -29.17 5.08 -24.18
C GLU A 66 -30.29 6.09 -24.00
N LYS A 67 -30.14 6.99 -23.03
CA LYS A 67 -31.21 7.94 -22.76
C LYS A 67 -31.44 8.85 -23.95
N LEU A 68 -30.36 9.24 -24.64
CA LEU A 68 -30.44 10.23 -25.71
C LEU A 68 -30.64 9.63 -27.08
N GLY A 69 -30.53 8.31 -27.22
CA GLY A 69 -30.66 7.70 -28.53
C GLY A 69 -29.50 7.95 -29.45
N ILE A 70 -28.28 8.08 -28.91
CA ILE A 70 -27.09 8.31 -29.72
C ILE A 70 -26.01 7.35 -29.26
N SER A 71 -24.90 7.32 -30.01
CA SER A 71 -23.81 6.42 -29.68
C SER A 71 -22.98 6.96 -28.52
N ARG A 72 -22.27 6.05 -27.83
CA ARG A 72 -21.36 6.43 -26.77
C ARG A 72 -20.28 7.36 -27.29
N GLU A 73 -19.75 7.08 -28.49
CA GLU A 73 -18.73 7.95 -29.06
C GLU A 73 -19.24 9.39 -29.19
N GLU A 74 -20.49 9.54 -29.62
CA GLU A 74 -21.06 10.88 -29.77
C GLU A 74 -21.25 11.56 -28.42
N VAL A 75 -21.61 10.80 -27.37
CA VAL A 75 -21.73 11.39 -26.05
C VAL A 75 -20.38 11.93 -25.58
N VAL A 76 -19.30 11.19 -25.79
CA VAL A 76 -18.02 11.66 -25.26
C VAL A 76 -17.43 12.78 -26.09
N LYS A 77 -17.91 12.95 -27.33
CA LYS A 77 -17.57 14.14 -28.09
C LYS A 77 -18.34 15.37 -27.62
N LYS A 78 -19.49 15.17 -26.98
CA LYS A 78 -20.42 16.24 -26.63
C LYS A 78 -20.29 16.69 -25.17
N VAL A 79 -19.94 15.78 -24.27
CA VAL A 79 -19.98 16.00 -22.82
C VAL A 79 -18.58 15.78 -22.26
N ALA A 80 -18.10 16.73 -21.48
CA ALA A 80 -16.86 16.54 -20.75
C ALA A 80 -17.08 15.56 -19.60
N PHE A 81 -16.22 14.55 -19.52
CA PHE A 81 -16.22 13.61 -18.40
C PHE A 81 -14.85 13.68 -17.75
N ILE A 82 -14.79 14.26 -16.57
CA ILE A 82 -13.56 14.45 -15.84
C ILE A 82 -13.71 13.71 -14.51
N MET A 83 -13.06 12.58 -14.39
CA MET A 83 -13.15 11.73 -13.22
C MET A 83 -11.82 11.81 -12.48
N SER A 84 -11.86 12.38 -11.27
CA SER A 84 -10.70 12.50 -10.39
C SER A 84 -10.73 11.35 -9.39
N GLY A 85 -9.78 10.43 -9.49
CA GLY A 85 -9.72 9.32 -8.57
C GLY A 85 -9.15 9.74 -7.20
N GLY A 86 -9.26 8.82 -6.25
CA GLY A 86 -8.75 9.03 -4.91
C GLY A 86 -9.79 9.66 -4.00
N THR A 87 -10.40 8.85 -3.15
CA THR A 87 -11.34 9.34 -2.15
C THR A 87 -10.82 8.87 -0.79
N GLU A 88 -9.66 9.40 -0.41
CA GLU A 88 -9.00 9.03 0.83
C GLU A 88 -9.63 9.76 2.02
N GLY A 89 -9.27 9.31 3.21
CA GLY A 89 -9.83 9.88 4.42
C GLY A 89 -11.34 9.71 4.45
N VAL A 90 -12.03 10.81 4.75
CA VAL A 90 -13.48 10.82 4.81
C VAL A 90 -14.12 11.32 3.52
N MET A 91 -13.33 11.55 2.47
CA MET A 91 -13.84 12.17 1.25
C MET A 91 -14.88 11.25 0.61
N THR A 92 -16.05 11.81 0.29
CA THR A 92 -17.20 11.01 -0.15
C THR A 92 -17.28 10.95 -1.66
N PRO A 93 -17.31 9.75 -2.26
CA PRO A 93 -17.47 9.68 -3.73
C PRO A 93 -18.78 10.31 -4.19
N HIS A 94 -18.71 11.02 -5.31
CA HIS A 94 -19.86 11.78 -5.83
C HIS A 94 -19.52 12.23 -7.23
N ILE A 95 -20.54 12.71 -7.94
CA ILE A 95 -20.36 13.40 -9.21
C ILE A 95 -21.07 14.74 -9.15
N THR A 96 -20.51 15.71 -9.87
CA THR A 96 -21.09 17.04 -10.01
C THR A 96 -21.44 17.20 -11.48
N VAL A 97 -22.73 17.38 -11.75
CA VAL A 97 -23.29 17.40 -13.10
C VAL A 97 -23.61 18.84 -13.44
N PHE A 98 -23.03 19.33 -14.54
CA PHE A 98 -23.29 20.68 -15.03
C PHE A 98 -24.29 20.63 -16.18
N VAL A 99 -25.41 21.34 -16.00
CA VAL A 99 -26.47 21.44 -16.99
C VAL A 99 -26.52 22.89 -17.47
N ARG A 100 -26.57 23.09 -18.79
CA ARG A 100 -26.62 24.43 -19.36
C ARG A 100 -27.79 24.49 -20.34
N LYS A 101 -28.69 25.44 -20.14
CA LYS A 101 -29.84 25.57 -21.03
C LYS A 101 -29.94 27.00 -21.54
N ASP A 102 -30.50 27.12 -22.75
CA ASP A 102 -30.81 28.43 -23.31
C ASP A 102 -32.14 28.90 -22.75
N VAL A 103 -32.21 30.16 -22.32
CA VAL A 103 -33.43 30.69 -21.72
C VAL A 103 -33.64 32.13 -22.15
N ALA A 104 -34.91 32.53 -22.21
CA ALA A 104 -35.30 33.92 -22.40
C ALA A 104 -35.62 34.48 -21.03
N ALA A 105 -34.78 35.38 -20.54
CA ALA A 105 -34.89 35.87 -19.17
C ALA A 105 -34.35 37.30 -19.13
N PRO A 106 -34.74 38.07 -18.11
CA PRO A 106 -34.24 39.45 -18.01
C PRO A 106 -32.73 39.48 -17.79
N ALA A 107 -32.16 40.65 -18.11
CA ALA A 107 -30.71 40.84 -18.07
C ALA A 107 -30.31 41.66 -16.85
N ALA A 108 -28.99 41.81 -16.67
CA ALA A 108 -28.38 42.53 -15.56
C ALA A 108 -28.66 41.87 -14.21
N PRO A 109 -28.60 40.51 -14.10
CA PRO A 109 -28.61 39.88 -12.78
C PRO A 109 -27.21 39.88 -12.15
N GLY A 110 -26.56 41.05 -12.19
CA GLY A 110 -25.13 41.08 -11.93
C GLY A 110 -24.43 40.08 -12.81
N LYS A 111 -23.48 39.36 -12.25
CA LYS A 111 -22.84 38.24 -12.92
C LYS A 111 -23.23 36.95 -12.20
N ARG A 112 -23.53 35.92 -12.97
CA ARG A 112 -23.99 34.64 -12.42
C ARG A 112 -23.23 33.51 -13.12
N LEU A 113 -23.34 32.32 -12.55
CA LEU A 113 -22.50 31.19 -12.94
C LEU A 113 -22.58 30.91 -14.45
N ALA A 114 -21.41 30.70 -15.04
CA ALA A 114 -21.27 30.39 -16.47
C ALA A 114 -20.27 29.26 -16.60
N VAL A 115 -20.51 28.38 -17.58
CA VAL A 115 -19.65 27.21 -17.79
C VAL A 115 -19.35 27.04 -19.29
N GLY A 116 -18.12 26.63 -19.58
CA GLY A 116 -17.71 26.37 -20.94
C GLY A 116 -16.82 25.14 -20.99
N VAL A 117 -16.83 24.48 -22.14
CA VAL A 117 -16.13 23.21 -22.33
C VAL A 117 -15.34 23.26 -23.63
N ALA A 118 -14.12 22.72 -23.61
CA ALA A 118 -13.33 22.54 -24.82
C ALA A 118 -12.42 21.34 -24.64
N PHE A 119 -12.07 20.72 -25.77
CA PHE A 119 -11.18 19.56 -25.77
C PHE A 119 -9.95 19.86 -26.61
N THR A 120 -8.78 19.35 -26.21
CA THR A 120 -7.62 19.40 -27.10
C THR A 120 -7.56 18.17 -27.98
N ARG A 121 -6.65 18.22 -28.96
CA ARG A 121 -6.22 17.03 -29.67
C ARG A 121 -5.55 16.04 -28.72
N ASP A 122 -5.43 14.79 -29.17
CA ASP A 122 -4.63 13.80 -28.47
C ASP A 122 -3.16 14.19 -28.52
N PHE A 123 -2.42 13.79 -27.49
CA PHE A 123 -1.00 14.09 -27.37
C PHE A 123 -0.18 12.80 -27.53
N LEU A 124 0.94 12.89 -28.23
CA LEU A 124 1.92 11.82 -28.19
C LEU A 124 2.57 11.77 -26.81
N PRO A 125 3.05 10.60 -26.40
CA PRO A 125 3.64 10.49 -25.05
C PRO A 125 4.78 11.47 -24.81
N GLU A 126 5.57 11.78 -25.83
CA GLU A 126 6.70 12.69 -25.69
C GLU A 126 6.30 14.15 -25.64
N GLU A 127 5.01 14.46 -25.81
CA GLU A 127 4.55 15.84 -25.65
C GLU A 127 4.07 16.15 -24.24
N LEU A 128 3.78 15.14 -23.44
CA LEU A 128 3.29 15.42 -22.11
C LEU A 128 4.39 16.14 -21.33
N GLY A 129 3.97 17.14 -20.54
CA GLY A 129 4.89 17.86 -19.69
C GLY A 129 5.76 18.88 -20.41
N ARG A 130 5.43 19.21 -21.65
CA ARG A 130 6.21 20.08 -22.50
C ARG A 130 5.32 21.12 -23.16
N MET A 131 5.94 22.03 -23.90
CA MET A 131 5.28 23.24 -24.39
C MET A 131 4.14 22.94 -25.33
N GLU A 132 4.19 21.81 -26.06
CA GLU A 132 3.06 21.46 -26.93
C GLU A 132 1.79 21.28 -26.12
N GLN A 133 1.88 20.63 -24.96
CA GLN A 133 0.72 20.50 -24.09
C GLN A 133 0.32 21.86 -23.53
N VAL A 134 1.29 22.67 -23.07
CA VAL A 134 0.98 24.01 -22.57
C VAL A 134 0.17 24.80 -23.60
N ASN A 135 0.68 24.85 -24.84
CA ASN A 135 0.10 25.73 -25.86
C ASN A 135 -1.25 25.22 -26.35
N GLU A 136 -1.38 23.90 -26.53
N GLU A 136 -1.40 23.90 -26.51
CA GLU A 136 -2.67 23.33 -26.92
CA GLU A 136 -2.69 23.37 -26.94
C GLU A 136 -3.72 23.60 -25.85
C GLU A 136 -3.74 23.55 -25.84
N VAL A 137 -3.36 23.38 -24.58
CA VAL A 137 -4.30 23.63 -23.49
C VAL A 137 -4.69 25.11 -23.45
N ALA A 138 -3.73 26.00 -23.62
CA ALA A 138 -4.04 27.42 -23.61
C ALA A 138 -5.08 27.76 -24.68
N ARG A 139 -4.92 27.23 -25.89
CA ARG A 139 -5.91 27.46 -26.94
C ARG A 139 -7.29 26.94 -26.51
N ALA A 140 -7.34 25.73 -25.95
CA ALA A 140 -8.62 25.18 -25.54
C ALA A 140 -9.27 25.99 -24.41
N VAL A 141 -8.46 26.49 -23.46
CA VAL A 141 -9.00 27.33 -22.41
C VAL A 141 -9.67 28.57 -22.98
N LYS A 142 -9.03 29.18 -23.99
CA LYS A 142 -9.65 30.34 -24.64
C LYS A 142 -10.96 29.96 -25.30
N GLU A 143 -11.01 28.78 -25.95
CA GLU A 143 -12.26 28.34 -26.56
C GLU A 143 -13.35 28.10 -25.50
N ALA A 144 -12.99 27.48 -24.38
CA ALA A 144 -13.96 27.23 -23.32
C ALA A 144 -14.48 28.53 -22.72
N MET A 145 -13.61 29.53 -22.57
CA MET A 145 -14.08 30.84 -22.14
C MET A 145 -15.15 31.40 -23.07
N LYS A 146 -14.92 31.33 -24.39
CA LYS A 146 -15.92 31.77 -25.37
C LYS A 146 -17.21 30.97 -25.23
N ASP A 147 -17.11 29.64 -25.09
CA ASP A 147 -18.28 28.81 -24.84
C ASP A 147 -19.01 29.24 -23.58
N ALA A 148 -18.31 29.77 -22.60
CA ALA A 148 -18.92 30.23 -21.35
C ALA A 148 -19.47 31.64 -21.45
N GLN A 149 -19.17 32.33 -22.55
CA GLN A 149 -19.52 33.74 -22.72
C GLN A 149 -18.87 34.59 -21.63
N ILE A 150 -17.61 34.29 -21.33
CA ILE A 150 -16.80 35.06 -20.41
C ILE A 150 -15.66 35.68 -21.22
N ASP A 151 -15.60 37.01 -21.24
CA ASP A 151 -14.51 37.70 -21.94
C ASP A 151 -13.42 38.21 -21.01
N ASP A 152 -13.72 38.36 -19.73
CA ASP A 152 -12.77 38.93 -18.77
C ASP A 152 -12.17 37.80 -17.94
N PRO A 153 -10.86 37.54 -18.04
CA PRO A 153 -10.29 36.42 -17.26
C PRO A 153 -10.44 36.59 -15.75
N ARG A 154 -10.65 37.81 -15.25
CA ARG A 154 -10.91 38.00 -13.82
C ARG A 154 -12.24 37.40 -13.40
N ASP A 155 -13.12 37.08 -14.35
CA ASP A 155 -14.39 36.43 -14.04
C ASP A 155 -14.31 34.91 -14.15
N VAL A 156 -13.13 34.36 -14.42
CA VAL A 156 -12.91 32.91 -14.36
C VAL A 156 -12.47 32.57 -12.95
N HIS A 157 -13.15 31.61 -12.32
CA HIS A 157 -12.84 31.26 -10.94
C HIS A 157 -12.33 29.85 -10.76
N PHE A 158 -12.40 29.01 -11.78
CA PHE A 158 -11.95 27.64 -11.66
C PHE A 158 -11.86 27.04 -13.06
N VAL A 159 -10.72 26.49 -13.43
CA VAL A 159 -10.53 25.83 -14.71
C VAL A 159 -10.13 24.40 -14.40
N GLN A 160 -11.05 23.48 -14.60
CA GLN A 160 -10.86 22.07 -14.28
C GLN A 160 -10.45 21.34 -15.54
N ILE A 161 -9.37 20.57 -15.45
CA ILE A 161 -8.80 19.87 -16.59
C ILE A 161 -8.59 18.41 -16.24
N LYS A 162 -8.88 17.53 -17.19
CA LYS A 162 -8.39 16.16 -17.16
C LYS A 162 -7.31 16.03 -18.20
N CYS A 163 -6.20 15.38 -17.84
CA CYS A 163 -5.06 15.28 -18.75
C CYS A 163 -4.44 13.89 -18.72
N PRO A 164 -3.58 13.55 -19.68
CA PRO A 164 -3.08 12.17 -19.80
C PRO A 164 -1.91 11.89 -18.88
N LEU A 165 -1.42 10.66 -18.94
CA LEU A 165 -0.23 10.28 -18.19
C LEU A 165 0.54 9.24 -19.00
N LEU A 166 1.71 8.87 -18.49
CA LEU A 166 2.56 7.87 -19.11
C LEU A 166 2.44 6.56 -18.34
N THR A 167 2.31 5.48 -19.09
CA THR A 167 2.51 4.14 -18.58
C THR A 167 3.81 3.60 -19.13
N ALA A 168 4.30 2.50 -18.53
CA ALA A 168 5.49 1.85 -19.07
C ALA A 168 5.32 1.52 -20.55
N GLU A 169 4.14 1.03 -20.95
CA GLU A 169 3.89 0.68 -22.35
C GLU A 169 4.00 1.89 -23.26
N ARG A 170 3.46 3.05 -22.84
CA ARG A 170 3.56 4.25 -23.66
C ARG A 170 4.98 4.79 -23.72
N ILE A 171 5.74 4.67 -22.64
CA ILE A 171 7.15 5.06 -22.68
C ILE A 171 7.90 4.20 -23.70
N GLU A 172 7.58 2.91 -23.75
CA GLU A 172 8.26 2.02 -24.70
C GLU A 172 7.88 2.35 -26.14
N ASP A 173 6.60 2.66 -26.39
CA ASP A 173 6.21 3.15 -27.71
C ASP A 173 7.04 4.38 -28.10
N ALA A 174 7.24 5.31 -27.16
CA ALA A 174 8.04 6.49 -27.44
C ALA A 174 9.47 6.09 -27.77
N LYS A 175 10.06 5.18 -26.98
CA LYS A 175 11.41 4.73 -27.27
C LYS A 175 11.51 4.10 -28.64
N ARG A 176 10.56 3.23 -28.99
CA ARG A 176 10.63 2.56 -30.29
C ARG A 176 10.61 3.57 -31.43
N ARG A 177 9.98 4.72 -31.25
CA ARG A 177 9.97 5.76 -32.26
C ARG A 177 11.13 6.74 -32.12
N GLY A 178 12.09 6.45 -31.25
CA GLY A 178 13.25 7.29 -31.11
C GLY A 178 13.02 8.56 -30.31
N LYS A 179 12.03 8.57 -29.44
CA LYS A 179 11.68 9.76 -28.68
C LYS A 179 11.92 9.53 -27.19
N ASP A 180 12.31 10.61 -26.50
N ASP A 180 12.33 10.59 -26.51
CA ASP A 180 12.48 10.59 -25.06
CA ASP A 180 12.47 10.58 -25.07
C ASP A 180 11.32 11.32 -24.40
C ASP A 180 11.25 11.27 -24.46
N VAL A 181 10.73 10.70 -23.39
CA VAL A 181 9.63 11.30 -22.65
C VAL A 181 10.20 12.25 -21.60
N VAL A 182 9.34 13.09 -21.04
CA VAL A 182 9.80 14.12 -20.11
C VAL A 182 10.33 13.50 -18.83
N VAL A 183 9.78 12.36 -18.40
CA VAL A 183 10.27 11.67 -17.20
C VAL A 183 9.97 10.18 -17.36
N ASN A 184 10.85 9.34 -16.83
CA ASN A 184 10.73 7.90 -17.04
C ASN A 184 10.05 7.19 -15.88
N ASP A 185 9.18 7.88 -15.18
CA ASP A 185 8.51 7.38 -14.00
C ASP A 185 7.03 7.65 -14.20
N THR A 186 6.21 6.59 -14.15
CA THR A 186 4.80 6.76 -14.49
C THR A 186 4.09 7.67 -13.51
N TYR A 187 4.35 7.52 -12.20
CA TYR A 187 3.74 8.41 -11.22
C TYR A 187 4.18 9.87 -11.44
N LYS A 188 5.48 10.11 -11.63
CA LYS A 188 5.93 11.48 -11.84
C LYS A 188 5.39 12.05 -13.15
N SER A 189 5.08 11.19 -14.13
CA SER A 189 4.51 11.72 -15.38
C SER A 189 3.18 12.43 -15.11
N MET A 190 2.42 12.00 -14.09
CA MET A 190 1.18 12.70 -13.76
C MET A 190 1.45 14.14 -13.33
N ALA A 191 2.52 14.38 -12.56
CA ALA A 191 2.86 15.75 -12.16
C ALA A 191 3.22 16.63 -13.34
N TYR A 192 3.97 16.09 -14.31
CA TYR A 192 4.35 16.88 -15.49
C TYR A 192 3.13 17.21 -16.36
N SER A 193 2.22 16.25 -16.51
CA SER A 193 1.01 16.51 -17.29
C SER A 193 0.09 17.50 -16.57
N ARG A 194 -0.08 17.34 -15.25
CA ARG A 194 -0.82 18.31 -14.46
C ARG A 194 -0.18 19.69 -14.53
N GLY A 195 1.14 19.76 -14.42
CA GLY A 195 1.83 21.04 -14.36
C GLY A 195 1.81 21.78 -15.68
N ALA A 196 2.08 21.08 -16.76
CA ALA A 196 2.04 21.69 -18.08
C ALA A 196 0.63 22.17 -18.41
N SER A 197 -0.39 21.38 -18.06
CA SER A 197 -1.76 21.78 -18.28
C SER A 197 -2.13 23.02 -17.47
N ALA A 198 -1.62 23.11 -16.23
CA ALA A 198 -1.90 24.24 -15.37
C ALA A 198 -1.25 25.50 -15.90
N LEU A 199 -0.01 25.39 -16.39
CA LEU A 199 0.63 26.55 -17.01
C LEU A 199 -0.10 26.97 -18.28
N GLY A 200 -0.74 26.03 -18.98
CA GLY A 200 -1.58 26.40 -20.12
C GLY A 200 -2.75 27.27 -19.71
N VAL A 201 -3.34 26.99 -18.55
CA VAL A 201 -4.38 27.88 -18.01
C VAL A 201 -3.81 29.26 -17.74
N ALA A 202 -2.68 29.32 -17.02
CA ALA A 202 -2.09 30.60 -16.69
C ALA A 202 -1.76 31.41 -17.94
N LEU A 203 -1.22 30.74 -18.97
CA LEU A 203 -0.94 31.43 -20.23
C LEU A 203 -2.21 32.02 -20.84
N ALA A 204 -3.28 31.22 -20.89
CA ALA A 204 -4.50 31.65 -21.56
C ALA A 204 -5.17 32.81 -20.83
N LEU A 205 -5.13 32.79 -19.49
CA LEU A 205 -5.80 33.80 -18.68
C LEU A 205 -4.95 35.06 -18.48
N GLY A 206 -3.70 35.06 -18.91
CA GLY A 206 -2.85 36.21 -18.68
C GLY A 206 -2.25 36.26 -17.30
N GLU A 207 -2.26 35.14 -16.56
CA GLU A 207 -1.66 35.12 -15.23
C GLU A 207 -0.13 35.07 -15.33
N ILE A 208 0.40 34.45 -16.38
CA ILE A 208 1.84 34.42 -16.64
C ILE A 208 2.05 34.75 -18.12
N SER A 209 3.03 35.59 -18.41
CA SER A 209 3.34 35.90 -19.80
C SER A 209 4.08 34.74 -20.46
N ALA A 210 3.90 34.62 -21.78
CA ALA A 210 4.43 33.48 -22.52
C ALA A 210 5.95 33.38 -22.37
N ASP A 211 6.63 34.51 -22.37
CA ASP A 211 8.08 34.48 -22.34
C ASP A 211 8.66 33.89 -21.05
N LYS A 212 7.85 33.65 -20.03
CA LYS A 212 8.32 33.05 -18.80
C LYS A 212 8.15 31.54 -18.76
N ILE A 213 7.47 30.95 -19.74
CA ILE A 213 7.18 29.52 -19.73
C ILE A 213 8.06 28.86 -20.77
N SER A 214 8.77 27.80 -20.35
CA SER A 214 9.60 26.96 -21.21
C SER A 214 9.58 25.55 -20.64
N ASN A 215 10.08 24.58 -21.42
CA ASN A 215 10.17 23.21 -20.94
C ASN A 215 10.94 23.12 -19.63
N GLU A 216 12.01 23.92 -19.50
CA GLU A 216 12.86 23.84 -18.31
C GLU A 216 12.14 24.33 -17.05
N ALA A 217 11.18 25.22 -17.19
CA ALA A 217 10.45 25.71 -16.04
C ALA A 217 9.39 24.72 -15.55
N ILE A 218 8.89 23.86 -16.42
CA ILE A 218 7.76 23.01 -16.06
C ILE A 218 8.17 22.05 -14.95
N CYS A 219 7.40 22.07 -13.86
CA CYS A 219 7.67 21.29 -12.65
C CYS A 219 9.03 21.61 -12.03
N HIS A 220 9.53 22.83 -12.26
CA HIS A 220 10.74 23.27 -11.59
C HIS A 220 10.62 24.65 -10.94
N ASP A 221 9.99 25.61 -11.62
CA ASP A 221 9.83 26.98 -11.08
C ASP A 221 8.44 27.06 -10.45
N TRP A 222 8.37 26.80 -9.14
CA TRP A 222 7.09 26.76 -8.47
C TRP A 222 6.49 28.14 -8.25
N ASN A 223 7.25 29.20 -8.47
CA ASN A 223 6.69 30.54 -8.40
C ASN A 223 5.87 30.89 -9.62
N LEU A 224 5.87 30.04 -10.66
CA LEU A 224 4.96 30.19 -11.79
C LEU A 224 3.70 29.39 -11.48
N TYR A 225 2.56 30.04 -11.39
CA TYR A 225 1.37 29.24 -11.18
C TYR A 225 0.12 30.01 -11.54
N SER A 226 -0.93 29.25 -11.79
CA SER A 226 -2.29 29.74 -11.91
C SER A 226 -2.97 29.72 -10.55
N SER A 227 -3.83 30.71 -10.33
CA SER A 227 -4.64 30.77 -9.12
C SER A 227 -6.02 30.16 -9.27
N VAL A 228 -6.35 29.62 -10.46
CA VAL A 228 -7.67 29.03 -10.65
C VAL A 228 -7.60 27.66 -11.32
N ALA A 229 -6.41 27.25 -11.75
CA ALA A 229 -6.29 25.97 -12.48
C ALA A 229 -6.36 24.79 -11.51
N SER A 230 -7.07 23.74 -11.95
CA SER A 230 -7.23 22.52 -11.19
C SER A 230 -7.11 21.37 -12.17
N THR A 231 -5.99 20.65 -12.15
CA THR A 231 -5.72 19.66 -13.18
C THR A 231 -5.57 18.27 -12.56
N SER A 232 -5.93 17.26 -13.35
CA SER A 232 -6.13 15.91 -12.84
C SER A 232 -5.77 14.95 -13.96
N ALA A 233 -4.96 13.94 -13.67
CA ALA A 233 -4.39 13.10 -14.71
C ALA A 233 -4.98 11.69 -14.63
N GLY A 234 -5.01 11.00 -15.76
CA GLY A 234 -5.60 9.67 -15.78
C GLY A 234 -5.17 8.87 -16.98
N VAL A 235 -5.18 7.54 -16.82
CA VAL A 235 -4.82 6.61 -17.89
C VAL A 235 -5.90 6.52 -18.95
N GLU A 236 -7.12 6.97 -18.65
CA GLU A 236 -8.29 6.70 -19.47
C GLU A 236 -8.46 7.67 -20.63
N LEU A 237 -7.56 8.65 -20.81
CA LEU A 237 -7.70 9.57 -21.94
C LEU A 237 -6.32 9.97 -22.45
N LEU A 238 -6.27 10.37 -23.71
CA LEU A 238 -5.03 10.75 -24.35
C LEU A 238 -4.95 12.24 -24.72
N ASN A 239 -6.01 13.00 -24.43
CA ASN A 239 -6.05 14.44 -24.67
C ASN A 239 -6.27 15.15 -23.33
N ASP A 240 -6.47 16.47 -23.38
CA ASP A 240 -6.95 17.25 -22.25
C ASP A 240 -8.43 17.63 -22.48
N GLU A 241 -9.23 17.54 -21.42
CA GLU A 241 -10.58 18.07 -21.42
C GLU A 241 -10.62 19.25 -20.45
N ILE A 242 -11.28 20.34 -20.86
CA ILE A 242 -11.28 21.60 -20.11
C ILE A 242 -12.71 22.00 -19.75
N ILE A 243 -12.93 22.33 -18.48
CA ILE A 243 -14.16 22.97 -18.03
C ILE A 243 -13.77 24.32 -17.42
N VAL A 244 -14.23 25.40 -18.03
CA VAL A 244 -14.08 26.76 -17.47
C VAL A 244 -15.34 27.11 -16.70
N VAL A 245 -15.17 27.54 -15.44
CA VAL A 245 -16.29 27.94 -14.59
C VAL A 245 -16.01 29.36 -14.08
N GLY A 246 -16.98 30.25 -14.31
CA GLY A 246 -16.86 31.63 -13.88
C GLY A 246 -18.23 32.25 -13.76
N ASN A 247 -18.25 33.58 -13.75
CA ASN A 247 -19.50 34.33 -13.75
C ASN A 247 -19.54 35.26 -14.96
N SER A 248 -20.72 35.46 -15.53
CA SER A 248 -20.86 36.34 -16.68
C SER A 248 -22.14 37.14 -16.57
N THR A 249 -22.20 38.26 -17.29
CA THR A 249 -23.42 39.05 -17.33
C THR A 249 -24.48 38.46 -18.23
N ASN A 250 -24.11 37.56 -19.14
CA ASN A 250 -25.08 36.89 -20.00
C ASN A 250 -25.59 35.58 -19.39
N SER A 251 -25.64 35.51 -18.06
CA SER A 251 -26.04 34.30 -17.36
C SER A 251 -27.28 34.55 -16.53
N ALA A 252 -28.22 33.60 -16.60
CA ALA A 252 -29.43 33.64 -15.79
C ALA A 252 -29.41 32.63 -14.65
N SER A 253 -28.23 32.10 -14.32
CA SER A 253 -28.12 31.12 -13.25
C SER A 253 -28.53 31.73 -11.91
N ASP A 254 -29.09 30.87 -11.05
CA ASP A 254 -29.35 31.16 -9.65
C ASP A 254 -28.13 30.85 -8.78
N LEU A 255 -26.97 30.71 -9.38
CA LEU A 255 -25.75 30.32 -8.71
C LEU A 255 -24.63 31.28 -9.07
N VAL A 256 -23.59 31.30 -8.24
CA VAL A 256 -22.36 32.03 -8.51
C VAL A 256 -21.20 31.16 -8.06
N ILE A 257 -20.00 31.52 -8.51
CA ILE A 257 -18.79 30.83 -8.08
C ILE A 257 -17.84 31.90 -7.55
N GLY A 258 -17.14 31.56 -6.47
CA GLY A 258 -16.06 32.37 -5.96
C GLY A 258 -14.88 31.47 -5.66
N HIS A 259 -13.73 32.08 -5.36
CA HIS A 259 -12.57 31.25 -5.07
C HIS A 259 -11.59 32.01 -4.19
N SER A 260 -10.64 31.26 -3.64
CA SER A 260 -9.44 31.79 -3.02
C SER A 260 -8.31 30.81 -3.34
N VAL A 261 -7.19 30.95 -2.66
CA VAL A 261 -6.06 30.06 -2.84
C VAL A 261 -5.60 29.64 -1.45
N MET A 262 -5.55 28.34 -1.21
CA MET A 262 -4.97 27.81 0.02
C MET A 262 -3.47 28.00 -0.04
N LYS A 263 -2.90 28.69 0.95
CA LYS A 263 -1.45 28.86 0.96
C LYS A 263 -0.75 27.58 1.41
N ASP A 264 -1.43 26.74 2.19
CA ASP A 264 -0.89 25.43 2.57
C ASP A 264 -2.06 24.50 2.88
N ALA A 265 -1.74 23.26 3.22
CA ALA A 265 -2.75 22.22 3.29
C ALA A 265 -3.68 22.35 4.48
N ILE A 266 -3.36 23.21 5.45
CA ILE A 266 -4.24 23.40 6.60
C ILE A 266 -4.79 24.82 6.67
N ASP A 267 -4.87 25.49 5.53
CA ASP A 267 -5.28 26.90 5.46
C ASP A 267 -6.80 26.98 5.45
N ALA A 268 -7.39 26.80 6.64
CA ALA A 268 -8.83 26.94 6.81
C ALA A 268 -9.30 28.38 6.52
N ASP A 269 -8.46 29.37 6.79
CA ASP A 269 -8.79 30.76 6.44
C ASP A 269 -9.14 30.90 4.96
N ALA A 270 -8.39 30.21 4.09
CA ALA A 270 -8.65 30.33 2.65
C ALA A 270 -9.96 29.66 2.27
N VAL A 271 -10.33 28.58 2.95
CA VAL A 271 -11.64 27.97 2.75
C VAL A 271 -12.74 28.97 3.06
N ARG A 272 -12.62 29.64 4.21
CA ARG A 272 -13.61 30.66 4.58
C ARG A 272 -13.58 31.86 3.64
N ALA A 273 -12.41 32.20 3.09
CA ALA A 273 -12.34 33.30 2.13
C ALA A 273 -13.04 32.93 0.82
N ALA A 274 -12.88 31.69 0.37
CA ALA A 274 -13.57 31.24 -0.85
C ALA A 274 -15.08 31.20 -0.65
N LEU A 275 -15.54 30.74 0.52
CA LEU A 275 -16.98 30.79 0.80
C LEU A 275 -17.51 32.22 0.73
N LYS A 276 -16.75 33.17 1.32
CA LYS A 276 -17.18 34.56 1.33
C LYS A 276 -17.19 35.15 -0.07
N ASP A 277 -16.21 34.78 -0.90
CA ASP A 277 -16.20 35.24 -2.28
C ASP A 277 -17.39 34.70 -3.06
N ALA A 278 -17.97 33.59 -2.63
CA ALA A 278 -19.15 33.01 -3.23
C ALA A 278 -20.44 33.48 -2.57
N GLY A 279 -20.36 34.43 -1.64
CA GLY A 279 -21.54 35.03 -1.03
C GLY A 279 -21.98 34.39 0.26
N ILE A 280 -21.26 33.40 0.76
CA ILE A 280 -21.59 32.72 2.01
C ILE A 280 -20.81 33.44 3.11
N ARG A 281 -21.51 34.26 3.90
CA ARG A 281 -20.88 35.19 4.82
C ARG A 281 -20.95 34.73 6.27
N SER A 282 -21.49 33.55 6.55
CA SER A 282 -21.61 33.08 7.93
C SER A 282 -21.87 31.59 7.91
N ASP A 283 -21.57 30.94 9.04
CA ASP A 283 -21.88 29.52 9.20
C ASP A 283 -23.35 29.26 8.91
N ASP A 284 -24.21 30.22 9.24
CA ASP A 284 -25.65 30.05 9.05
C ASP A 284 -26.01 29.88 7.59
N GLU A 285 -25.15 30.29 6.65
CA GLU A 285 -25.46 30.24 5.23
C GLU A 285 -24.75 29.10 4.51
N MET A 286 -24.10 28.19 5.23
CA MET A 286 -23.42 27.07 4.59
C MET A 286 -24.36 26.24 3.74
N ASP A 287 -25.66 26.27 4.03
CA ASP A 287 -26.64 25.47 3.31
C ASP A 287 -26.77 25.87 1.84
N ARG A 288 -26.21 27.01 1.43
CA ARG A 288 -26.23 27.42 0.02
C ARG A 288 -25.09 26.83 -0.78
N ILE A 289 -24.19 26.06 -0.16
CA ILE A 289 -23.12 25.42 -0.92
C ILE A 289 -23.71 24.39 -1.87
N VAL A 290 -23.30 24.46 -3.13
CA VAL A 290 -23.56 23.36 -4.06
C VAL A 290 -22.38 22.39 -4.06
N ASN A 291 -21.16 22.89 -4.21
CA ASN A 291 -19.98 22.05 -3.98
C ASN A 291 -18.80 22.97 -3.69
N VAL A 292 -17.76 22.38 -3.13
CA VAL A 292 -16.47 23.03 -2.93
C VAL A 292 -15.47 22.22 -3.75
N LEU A 293 -14.63 22.90 -4.51
CA LEU A 293 -13.66 22.26 -5.38
C LEU A 293 -12.26 22.77 -5.05
N ALA A 294 -11.34 21.85 -4.75
CA ALA A 294 -10.03 22.29 -4.29
C ALA A 294 -8.90 21.40 -4.78
N LYS A 295 -7.70 21.99 -4.87
CA LYS A 295 -6.45 21.30 -5.10
C LYS A 295 -5.63 21.19 -3.81
N ALA A 296 -4.98 20.04 -3.64
CA ALA A 296 -4.16 19.74 -2.47
C ALA A 296 -2.81 19.17 -2.90
N GLU A 297 -1.77 19.42 -2.09
CA GLU A 297 -0.50 18.79 -2.43
C GLU A 297 0.47 18.82 -1.26
N ALA A 298 1.45 17.92 -1.34
CA ALA A 298 2.61 17.96 -0.47
C ALA A 298 3.55 19.09 -0.90
N ALA A 299 4.02 19.88 0.06
CA ALA A 299 4.98 20.92 -0.25
C ALA A 299 6.35 20.30 -0.55
N SER A 300 7.09 20.88 -1.49
CA SER A 300 8.40 20.34 -1.84
C SER A 300 9.39 20.44 -0.67
N SER A 301 9.18 21.36 0.26
CA SER A 301 10.05 21.49 1.43
C SER A 301 9.90 20.33 2.42
N GLY A 302 8.88 19.50 2.27
CA GLY A 302 8.62 18.44 3.23
C GLY A 302 8.07 18.92 4.55
N THR A 303 7.50 20.12 4.58
CA THR A 303 7.06 20.73 5.83
C THR A 303 5.73 21.45 5.62
N VAL A 304 5.05 21.67 6.75
CA VAL A 304 3.88 22.55 6.84
C VAL A 304 4.12 23.46 8.04
N ARG A 305 4.19 24.77 7.79
CA ARG A 305 4.47 25.79 8.82
C ARG A 305 5.64 25.37 9.70
N GLY A 306 6.73 24.96 9.05
CA GLY A 306 7.94 24.59 9.77
C GLY A 306 7.96 23.21 10.39
N ARG A 307 6.90 22.43 10.24
CA ARG A 307 6.77 21.12 10.86
C ARG A 307 6.95 20.03 9.80
N ARG A 308 7.86 19.09 10.07
CA ARG A 308 8.14 18.02 9.12
C ARG A 308 6.95 17.08 9.00
N ASN A 309 6.75 16.53 7.81
CA ASN A 309 5.87 15.38 7.65
C ASN A 309 6.54 14.42 6.67
N THR A 310 5.95 13.24 6.52
CA THR A 310 6.59 12.16 5.78
C THR A 310 6.00 11.96 4.38
N MET A 311 5.18 12.90 3.92
CA MET A 311 4.42 12.65 2.69
C MET A 311 5.34 12.36 1.52
N LEU A 312 6.47 13.06 1.41
CA LEU A 312 7.37 12.84 0.30
C LEU A 312 8.29 11.65 0.50
N ASP A 313 8.35 11.06 1.70
CA ASP A 313 9.28 9.99 2.01
C ASP A 313 8.59 8.64 2.17
N ASP A 314 7.28 8.61 2.13
CA ASP A 314 6.52 7.41 2.49
C ASP A 314 6.38 6.53 1.25
N SER A 315 7.17 5.45 1.21
CA SER A 315 7.14 4.56 0.05
C SER A 315 5.89 3.68 0.01
N ASP A 316 5.08 3.68 1.06
CA ASP A 316 3.88 2.85 1.08
C ASP A 316 2.64 3.59 0.58
N ILE A 317 2.60 4.91 0.71
CA ILE A 317 1.44 5.70 0.35
C ILE A 317 1.92 6.91 -0.43
N ASN A 318 1.52 7.01 -1.70
CA ASN A 318 1.98 8.12 -2.52
C ASN A 318 1.42 9.45 -2.02
N HIS A 319 2.21 10.51 -2.21
CA HIS A 319 1.93 11.75 -1.50
C HIS A 319 0.62 12.41 -1.96
N THR A 320 0.17 12.19 -3.21
CA THR A 320 -1.10 12.79 -3.59
C THR A 320 -2.27 12.14 -2.84
N ARG A 321 -2.18 10.86 -2.50
CA ARG A 321 -3.23 10.27 -1.66
C ARG A 321 -3.31 10.96 -0.30
N SER A 322 -2.16 11.22 0.33
CA SER A 322 -2.17 11.85 1.65
C SER A 322 -2.67 13.30 1.56
N ALA A 323 -2.26 14.03 0.53
CA ALA A 323 -2.66 15.42 0.41
C ALA A 323 -4.18 15.54 0.26
N ARG A 324 -4.79 14.61 -0.50
CA ARG A 324 -6.23 14.62 -0.67
C ARG A 324 -6.96 14.37 0.66
N ALA A 325 -6.49 13.39 1.44
CA ALA A 325 -7.14 13.13 2.72
C ALA A 325 -7.08 14.35 3.63
N VAL A 326 -5.91 14.99 3.68
CA VAL A 326 -5.69 16.13 4.56
C VAL A 326 -6.60 17.30 4.17
N VAL A 327 -6.55 17.70 2.91
CA VAL A 327 -7.28 18.92 2.52
C VAL A 327 -8.80 18.66 2.54
N ASN A 328 -9.23 17.46 2.17
CA ASN A 328 -10.65 17.15 2.31
C ASN A 328 -11.07 17.26 3.77
N ALA A 329 -10.25 16.77 4.70
CA ALA A 329 -10.64 16.83 6.11
C ALA A 329 -10.73 18.28 6.58
N VAL A 330 -9.79 19.12 6.14
CA VAL A 330 -9.81 20.53 6.56
C VAL A 330 -11.07 21.21 6.05
N ILE A 331 -11.37 21.05 4.76
CA ILE A 331 -12.59 21.65 4.20
C ILE A 331 -13.81 21.11 4.90
N ALA A 332 -13.85 19.78 5.07
CA ALA A 332 -15.02 19.18 5.69
C ALA A 332 -15.25 19.75 7.08
N SER A 333 -14.17 20.05 7.81
CA SER A 333 -14.33 20.55 9.17
C SER A 333 -14.86 21.98 9.18
N VAL A 334 -14.67 22.73 8.08
CA VAL A 334 -15.20 24.09 7.98
C VAL A 334 -16.66 24.07 7.56
N VAL A 335 -17.02 23.24 6.56
CA VAL A 335 -18.36 23.28 5.99
C VAL A 335 -19.27 22.19 6.55
N GLY A 336 -18.74 21.25 7.33
CA GLY A 336 -19.55 20.23 7.97
C GLY A 336 -19.98 19.10 7.07
N ASP A 337 -19.25 18.87 5.97
CA ASP A 337 -19.68 17.92 4.94
C ASP A 337 -18.43 17.43 4.20
N PRO A 338 -18.11 16.14 4.25
CA PRO A 338 -16.93 15.63 3.52
C PRO A 338 -17.18 15.37 2.04
N MET A 339 -18.39 15.59 1.54
CA MET A 339 -18.69 15.32 0.13
C MET A 339 -18.41 16.58 -0.69
N VAL A 340 -17.12 16.83 -0.85
CA VAL A 340 -16.60 17.97 -1.61
C VAL A 340 -15.47 17.43 -2.48
N TYR A 341 -15.18 18.17 -3.55
CA TYR A 341 -14.18 17.77 -4.52
C TYR A 341 -12.79 18.21 -4.09
N VAL A 342 -11.88 17.25 -3.90
CA VAL A 342 -10.48 17.54 -3.61
C VAL A 342 -9.62 16.67 -4.52
N SER A 343 -8.74 17.32 -5.28
CA SER A 343 -7.85 16.66 -6.22
C SER A 343 -6.41 16.94 -5.79
N GLY A 344 -5.56 15.94 -5.88
CA GLY A 344 -4.18 16.03 -5.40
C GLY A 344 -3.17 16.32 -6.49
N GLY A 345 -2.05 16.92 -6.11
CA GLY A 345 -1.00 17.27 -7.06
C GLY A 345 -1.27 18.64 -7.66
N ALA A 346 -0.65 19.67 -7.13
CA ALA A 346 -1.03 21.05 -7.46
C ALA A 346 0.13 21.78 -8.08
N GLU A 347 0.81 21.11 -9.00
CA GLU A 347 1.95 21.70 -9.70
C GLU A 347 1.50 22.89 -10.52
N HIS A 348 2.10 24.05 -10.24
CA HIS A 348 1.73 25.29 -10.93
C HIS A 348 0.26 25.63 -10.74
N GLN A 349 -0.34 25.12 -9.67
CA GLN A 349 -1.71 25.43 -9.26
C GLN A 349 -1.60 25.97 -7.85
N GLY A 350 -1.63 27.28 -7.69
CA GLY A 350 -1.30 27.86 -6.41
C GLY A 350 0.18 27.69 -6.08
N PRO A 351 0.63 28.33 -5.00
CA PRO A 351 2.03 28.20 -4.59
C PRO A 351 2.37 26.77 -4.19
N ASP A 352 3.66 26.53 -4.02
CA ASP A 352 4.21 25.24 -3.59
C ASP A 352 3.61 24.82 -2.25
N GLY A 353 2.84 23.75 -2.23
CA GLY A 353 2.19 23.29 -1.03
C GLY A 353 0.76 23.77 -0.86
N GLY A 354 0.29 24.67 -1.72
CA GLY A 354 -1.07 25.13 -1.72
C GLY A 354 -1.75 24.89 -3.06
N GLY A 355 -2.99 25.34 -3.15
CA GLY A 355 -3.76 25.16 -4.37
C GLY A 355 -5.03 25.96 -4.37
N PRO A 356 -5.61 26.20 -5.56
CA PRO A 356 -6.86 26.96 -5.63
C PRO A 356 -8.02 26.21 -4.97
N ILE A 357 -8.96 27.00 -4.46
CA ILE A 357 -10.20 26.46 -3.89
C ILE A 357 -11.37 27.34 -4.32
N ALA A 358 -12.39 26.72 -4.91
CA ALA A 358 -13.56 27.44 -5.39
C ALA A 358 -14.82 26.90 -4.72
N VAL A 359 -15.82 27.76 -4.67
CA VAL A 359 -17.12 27.41 -4.10
C VAL A 359 -18.20 27.78 -5.09
N ILE A 360 -19.08 26.83 -5.40
CA ILE A 360 -20.30 27.10 -6.15
C ILE A 360 -21.44 27.18 -5.14
N ALA A 361 -22.18 28.27 -5.18
CA ALA A 361 -23.19 28.56 -4.17
C ALA A 361 -24.44 29.12 -4.81
N ARG A 362 -25.59 28.81 -4.21
CA ARG A 362 -26.83 29.52 -4.54
C ARG A 362 -26.74 30.97 -4.06
N VAL A 363 -27.34 31.87 -4.82
CA VAL A 363 -27.33 33.28 -4.45
C VAL A 363 -28.31 33.52 -3.30
N HIS B 1 -24.88 -32.05 -32.56
CA HIS B 1 -24.11 -33.27 -32.93
C HIS B 1 -22.96 -33.57 -31.95
N MET B 2 -21.96 -32.69 -31.90
CA MET B 2 -20.73 -33.02 -31.19
C MET B 2 -20.05 -31.79 -30.61
N GLN B 3 -19.68 -31.87 -29.33
CA GLN B 3 -19.05 -30.72 -28.67
C GLN B 3 -17.57 -30.67 -29.03
N LYS B 4 -17.08 -29.48 -29.37
CA LYS B 4 -15.67 -29.22 -29.53
C LYS B 4 -15.38 -27.95 -28.76
N VAL B 5 -14.47 -28.03 -27.78
CA VAL B 5 -14.12 -26.87 -26.96
C VAL B 5 -12.79 -26.30 -27.48
N GLU B 6 -12.77 -25.00 -27.72
CA GLU B 6 -11.54 -24.28 -28.03
C GLU B 6 -11.35 -23.23 -26.94
N VAL B 7 -10.10 -23.03 -26.54
CA VAL B 7 -9.76 -22.14 -25.43
C VAL B 7 -8.71 -21.16 -25.93
N PHE B 8 -8.95 -19.87 -25.73
CA PHE B 8 -8.06 -18.82 -26.24
C PHE B 8 -7.57 -17.98 -25.07
N ARG B 9 -6.25 -17.99 -24.84
CA ARG B 9 -5.61 -17.17 -23.81
C ARG B 9 -5.13 -15.89 -24.50
N ILE B 10 -5.70 -14.76 -24.11
CA ILE B 10 -5.58 -13.50 -24.83
C ILE B 10 -4.94 -12.47 -23.91
N PRO B 11 -3.78 -11.91 -24.26
CA PRO B 11 -3.23 -10.80 -23.46
C PRO B 11 -4.12 -9.56 -23.55
N THR B 12 -4.19 -8.84 -22.44
CA THR B 12 -4.97 -7.62 -22.36
C THR B 12 -4.07 -6.47 -21.94
N ALA B 13 -4.36 -5.29 -22.48
CA ALA B 13 -3.59 -4.08 -22.23
C ALA B 13 -4.14 -3.29 -21.05
N SER B 14 -5.38 -3.61 -20.63
CA SER B 14 -6.13 -2.87 -19.60
C SER B 14 -7.36 -3.68 -19.26
N PRO B 15 -8.06 -3.40 -18.17
CA PRO B 15 -9.25 -4.21 -17.83
C PRO B 15 -10.31 -4.20 -18.90
N ASP B 16 -10.44 -3.07 -19.60
CA ASP B 16 -11.48 -2.86 -20.59
C ASP B 16 -11.05 -3.22 -22.01
N ASP B 17 -9.88 -3.83 -22.17
CA ASP B 17 -9.35 -4.12 -23.51
C ASP B 17 -10.04 -5.36 -24.07
N ILE B 18 -10.82 -5.16 -25.14
CA ILE B 18 -11.44 -6.27 -25.87
C ILE B 18 -10.78 -6.49 -27.24
N SER B 19 -9.66 -5.81 -27.53
CA SER B 19 -9.12 -5.82 -28.88
C SER B 19 -8.63 -7.21 -29.31
N GLY B 20 -8.03 -7.97 -28.39
CA GLY B 20 -7.52 -9.28 -28.76
C GLY B 20 -8.64 -10.27 -29.05
N LEU B 21 -9.71 -10.22 -28.27
CA LEU B 21 -10.90 -11.00 -28.57
C LEU B 21 -11.53 -10.56 -29.89
N ALA B 22 -11.59 -9.23 -30.12
CA ALA B 22 -12.15 -8.74 -31.37
C ALA B 22 -11.34 -9.21 -32.58
N THR B 23 -10.02 -9.26 -32.45
CA THR B 23 -9.20 -9.74 -33.54
C THR B 23 -9.53 -11.19 -33.90
N LEU B 24 -9.73 -12.04 -32.90
CA LEU B 24 -10.05 -13.45 -33.15
C LEU B 24 -11.47 -13.61 -33.73
N ILE B 25 -12.40 -12.75 -33.35
CA ILE B 25 -13.73 -12.79 -33.94
C ILE B 25 -13.70 -12.27 -35.37
N ASP B 26 -13.03 -11.14 -35.59
CA ASP B 26 -12.99 -10.54 -36.93
C ASP B 26 -12.29 -11.47 -37.94
N SER B 27 -11.34 -12.28 -37.49
CA SER B 27 -10.67 -13.20 -38.39
C SER B 27 -11.48 -14.48 -38.63
N GLY B 28 -12.59 -14.66 -37.92
CA GLY B 28 -13.41 -15.85 -38.09
C GLY B 28 -13.01 -17.02 -37.21
N LYS B 29 -12.03 -16.85 -36.31
CA LYS B 29 -11.56 -17.95 -35.48
C LYS B 29 -12.51 -18.25 -34.33
N ILE B 30 -13.24 -17.23 -33.87
CA ILE B 30 -14.24 -17.36 -32.81
C ILE B 30 -15.57 -16.86 -33.34
N ASN B 31 -16.58 -17.71 -33.32
CA ASN B 31 -17.96 -17.27 -33.43
C ASN B 31 -18.41 -16.79 -32.05
N PRO B 32 -18.78 -15.52 -31.88
CA PRO B 32 -19.11 -15.04 -30.53
C PRO B 32 -20.33 -15.71 -29.92
N ALA B 33 -21.26 -16.20 -30.74
CA ALA B 33 -22.41 -16.93 -30.20
C ALA B 33 -22.02 -18.26 -29.55
N GLU B 34 -20.79 -18.72 -29.75
CA GLU B 34 -20.33 -19.98 -29.18
C GLU B 34 -19.49 -19.79 -27.92
N ILE B 35 -19.24 -18.54 -27.51
CA ILE B 35 -18.55 -18.31 -26.25
C ILE B 35 -19.48 -18.70 -25.09
N VAL B 36 -18.97 -19.52 -24.18
CA VAL B 36 -19.72 -19.93 -22.99
C VAL B 36 -19.13 -19.36 -21.71
N ALA B 37 -17.87 -18.92 -21.70
CA ALA B 37 -17.28 -18.44 -20.47
C ALA B 37 -16.03 -17.64 -20.79
N ILE B 38 -15.76 -16.65 -19.96
CA ILE B 38 -14.52 -15.90 -20.02
C ILE B 38 -13.96 -15.81 -18.62
N LEU B 39 -12.72 -16.26 -18.44
CA LEU B 39 -12.04 -16.24 -17.15
C LEU B 39 -10.92 -15.21 -17.26
N GLY B 40 -10.94 -14.20 -16.41
CA GLY B 40 -10.00 -13.09 -16.53
C GLY B 40 -9.08 -12.96 -15.34
N LYS B 41 -7.85 -12.51 -15.60
CA LYS B 41 -6.98 -11.88 -14.62
C LYS B 41 -6.96 -10.38 -14.91
N THR B 42 -7.48 -9.58 -13.97
CA THR B 42 -7.57 -8.14 -14.13
C THR B 42 -6.67 -7.44 -13.13
N GLU B 43 -6.19 -6.24 -13.49
CA GLU B 43 -5.05 -5.67 -12.80
C GLU B 43 -5.38 -4.77 -11.61
N GLY B 44 -6.57 -4.91 -11.01
CA GLY B 44 -6.86 -4.30 -9.73
C GLY B 44 -6.22 -5.09 -8.60
N ASN B 45 -6.58 -4.73 -7.36
CA ASN B 45 -5.82 -5.30 -6.23
C ASN B 45 -6.34 -6.67 -5.81
N GLY B 46 -7.39 -7.19 -6.46
CA GLY B 46 -7.89 -8.52 -6.19
C GLY B 46 -8.50 -8.69 -4.83
N CYS B 47 -8.74 -7.59 -4.11
CA CYS B 47 -9.25 -7.68 -2.75
C CYS B 47 -10.65 -7.08 -2.71
N VAL B 48 -10.96 -6.28 -1.69
CA VAL B 48 -12.31 -5.76 -1.55
C VAL B 48 -12.59 -4.69 -2.60
N ASN B 49 -11.78 -3.63 -2.62
CA ASN B 49 -12.06 -2.48 -3.47
C ASN B 49 -11.34 -2.62 -4.81
N ASP B 50 -11.70 -3.68 -5.54
CA ASP B 50 -11.18 -3.92 -6.88
C ASP B 50 -12.33 -3.75 -7.85
N PHE B 51 -12.32 -2.64 -8.59
CA PHE B 51 -13.34 -2.36 -9.59
C PHE B 51 -12.93 -2.73 -11.01
N THR B 52 -11.71 -3.28 -11.20
CA THR B 52 -11.34 -3.80 -12.51
C THR B 52 -12.14 -5.05 -12.86
N ARG B 53 -12.60 -5.79 -11.85
CA ARG B 53 -13.43 -6.96 -12.11
C ARG B 53 -14.70 -6.56 -12.84
N GLY B 54 -15.46 -5.64 -12.26
CA GLY B 54 -16.68 -5.19 -12.88
C GLY B 54 -16.47 -4.41 -14.16
N PHE B 55 -15.39 -3.63 -14.23
CA PHE B 55 -15.05 -2.90 -15.44
C PHE B 55 -14.79 -3.84 -16.60
N ALA B 56 -14.07 -4.93 -16.35
CA ALA B 56 -13.77 -5.90 -17.39
C ALA B 56 -15.04 -6.61 -17.86
N THR B 57 -15.88 -7.07 -16.91
CA THR B 57 -17.11 -7.76 -17.29
C THR B 57 -18.02 -6.83 -18.08
N GLN B 58 -18.18 -5.58 -17.61
CA GLN B 58 -19.04 -4.65 -18.31
C GLN B 58 -18.53 -4.42 -19.73
N SER B 59 -17.21 -4.28 -19.90
CA SER B 59 -16.66 -4.01 -21.22
C SER B 59 -16.87 -5.21 -22.13
N LEU B 60 -16.67 -6.41 -21.60
CA LEU B 60 -16.86 -7.61 -22.44
C LEU B 60 -18.34 -7.82 -22.79
N ALA B 61 -19.22 -7.60 -21.82
CA ALA B 61 -20.66 -7.75 -22.07
C ALA B 61 -21.16 -6.72 -23.09
N MET B 62 -20.73 -5.46 -22.96
N MET B 62 -20.70 -5.47 -23.00
CA MET B 62 -21.06 -4.46 -23.96
CA MET B 62 -21.11 -4.49 -23.98
C MET B 62 -20.62 -4.90 -25.35
C MET B 62 -20.60 -4.83 -25.37
N TYR B 63 -19.36 -5.31 -25.49
CA TYR B 63 -18.82 -5.68 -26.78
C TYR B 63 -19.60 -6.86 -27.38
N LEU B 64 -19.82 -7.91 -26.58
CA LEU B 64 -20.47 -9.11 -27.11
C LEU B 64 -21.93 -8.84 -27.43
N ALA B 65 -22.59 -8.01 -26.62
CA ALA B 65 -23.97 -7.62 -26.91
C ALA B 65 -24.09 -6.95 -28.27
N GLU B 66 -23.17 -6.02 -28.57
CA GLU B 66 -23.18 -5.35 -29.87
C GLU B 66 -22.89 -6.32 -31.01
N LYS B 67 -21.92 -7.23 -30.81
CA LYS B 67 -21.61 -8.19 -31.86
C LYS B 67 -22.76 -9.18 -32.06
N LEU B 68 -23.44 -9.57 -30.99
CA LEU B 68 -24.50 -10.56 -31.09
C LEU B 68 -25.87 -9.96 -31.38
N GLY B 69 -26.00 -8.63 -31.35
CA GLY B 69 -27.30 -8.01 -31.54
C GLY B 69 -28.28 -8.27 -30.43
N ILE B 70 -27.81 -8.44 -29.20
CA ILE B 70 -28.66 -8.68 -28.05
C ILE B 70 -28.26 -7.73 -26.92
N SER B 71 -29.07 -7.71 -25.88
CA SER B 71 -28.82 -6.81 -24.77
C SER B 71 -27.67 -7.31 -23.91
N ARG B 72 -27.04 -6.36 -23.20
CA ARG B 72 -26.02 -6.74 -22.22
C ARG B 72 -26.56 -7.72 -21.20
N GLU B 73 -27.81 -7.52 -20.76
CA GLU B 73 -28.36 -8.41 -19.74
C GLU B 73 -28.53 -9.82 -20.27
N GLU B 74 -28.87 -9.98 -21.54
CA GLU B 74 -28.95 -11.31 -22.13
C GLU B 74 -27.57 -11.96 -22.22
N VAL B 75 -26.52 -11.18 -22.53
CA VAL B 75 -25.18 -11.75 -22.56
C VAL B 75 -24.79 -12.28 -21.18
N VAL B 76 -25.06 -11.50 -20.12
CA VAL B 76 -24.69 -11.89 -18.75
C VAL B 76 -25.50 -13.09 -18.27
N LYS B 77 -26.73 -13.25 -18.75
CA LYS B 77 -27.50 -14.45 -18.45
C LYS B 77 -26.94 -15.68 -19.17
N LYS B 78 -26.26 -15.48 -20.29
CA LYS B 78 -25.86 -16.58 -21.17
C LYS B 78 -24.42 -17.01 -20.98
N VAL B 79 -23.53 -16.07 -20.67
CA VAL B 79 -22.10 -16.30 -20.67
C VAL B 79 -21.57 -16.11 -19.25
N ALA B 80 -20.74 -17.06 -18.79
CA ALA B 80 -20.09 -16.90 -17.50
C ALA B 80 -18.96 -15.88 -17.60
N PHE B 81 -18.96 -14.87 -16.74
CA PHE B 81 -17.90 -13.89 -16.66
C PHE B 81 -17.29 -13.99 -15.26
N ILE B 82 -16.06 -14.50 -15.19
CA ILE B 82 -15.37 -14.74 -13.94
C ILE B 82 -14.07 -13.94 -14.00
N MET B 83 -14.05 -12.79 -13.35
CA MET B 83 -12.89 -11.90 -13.35
C MET B 83 -12.22 -11.95 -11.99
N SER B 84 -11.01 -12.48 -11.96
CA SER B 84 -10.20 -12.58 -10.77
C SER B 84 -9.18 -11.44 -10.81
N GLY B 85 -9.33 -10.49 -9.90
CA GLY B 85 -8.40 -9.39 -9.78
C GLY B 85 -7.10 -9.79 -9.13
N GLY B 86 -6.11 -8.93 -9.28
CA GLY B 86 -4.82 -9.11 -8.68
C GLY B 86 -3.81 -9.71 -9.64
N THR B 87 -2.94 -8.88 -10.20
CA THR B 87 -1.90 -9.32 -11.14
C THR B 87 -0.57 -8.81 -10.60
N GLU B 88 -0.16 -9.39 -9.48
CA GLU B 88 1.01 -8.95 -8.74
C GLU B 88 2.27 -9.62 -9.30
N GLY B 89 3.41 -9.17 -8.81
CA GLY B 89 4.68 -9.71 -9.29
C GLY B 89 4.82 -9.48 -10.77
N VAL B 90 5.13 -10.56 -11.50
CA VAL B 90 5.21 -10.51 -12.95
C VAL B 90 3.95 -11.05 -13.62
N MET B 91 2.88 -11.31 -12.88
CA MET B 91 1.70 -11.93 -13.48
C MET B 91 1.08 -11.02 -14.55
N THR B 92 0.84 -11.57 -15.71
CA THR B 92 0.39 -10.79 -16.86
C THR B 92 -1.14 -10.76 -16.96
N PRO B 93 -1.76 -9.58 -17.02
CA PRO B 93 -3.22 -9.53 -17.26
C PRO B 93 -3.59 -10.18 -18.58
N HIS B 94 -4.71 -10.90 -18.58
CA HIS B 94 -5.15 -11.67 -19.73
C HIS B 94 -6.56 -12.19 -19.46
N ILE B 95 -7.23 -12.65 -20.51
CA ILE B 95 -8.47 -13.39 -20.38
C ILE B 95 -8.33 -14.75 -21.07
N THR B 96 -9.09 -15.72 -20.58
CA THR B 96 -9.19 -17.04 -21.21
C THR B 96 -10.63 -17.23 -21.66
N VAL B 97 -10.82 -17.37 -22.96
CA VAL B 97 -12.15 -17.44 -23.57
C VAL B 97 -12.43 -18.89 -23.92
N PHE B 98 -13.52 -19.43 -23.38
CA PHE B 98 -13.94 -20.80 -23.64
C PHE B 98 -15.04 -20.80 -24.69
N VAL B 99 -14.80 -21.48 -25.80
CA VAL B 99 -15.72 -21.55 -26.92
C VAL B 99 -16.18 -22.99 -27.04
N ARG B 100 -17.49 -23.22 -27.04
CA ARG B 100 -18.03 -24.56 -27.25
C ARG B 100 -18.74 -24.59 -28.59
N LYS B 101 -18.11 -25.20 -29.57
CA LYS B 101 -18.69 -25.44 -30.88
C LYS B 101 -19.58 -26.69 -30.86
N ASP B 102 -20.45 -26.76 -31.85
CA ASP B 102 -21.22 -27.96 -32.14
C ASP B 102 -20.81 -28.35 -33.55
N VAL B 103 -20.06 -29.45 -33.68
CA VAL B 103 -19.40 -29.77 -34.94
C VAL B 103 -20.01 -31.03 -35.54
N ALA B 104 -19.81 -31.19 -36.84
CA ALA B 104 -20.19 -32.41 -37.56
C ALA B 104 -18.94 -33.28 -37.73
N ALA B 105 -18.47 -33.78 -36.59
CA ALA B 105 -17.35 -34.70 -36.54
C ALA B 105 -17.61 -35.69 -35.41
N PRO B 106 -17.02 -36.88 -35.48
CA PRO B 106 -17.11 -37.81 -34.35
C PRO B 106 -16.27 -37.32 -33.19
N ALA B 107 -16.50 -37.93 -32.01
CA ALA B 107 -15.62 -37.71 -30.88
C ALA B 107 -14.21 -38.18 -31.22
N ALA B 108 -13.23 -37.49 -30.69
CA ALA B 108 -11.85 -37.94 -30.78
C ALA B 108 -11.66 -39.17 -29.91
N PRO B 109 -10.67 -40.02 -30.22
CA PRO B 109 -10.42 -41.20 -29.38
C PRO B 109 -10.01 -40.81 -27.97
N GLY B 110 -10.45 -41.62 -27.00
CA GLY B 110 -10.16 -41.29 -25.63
C GLY B 110 -10.98 -40.11 -25.12
N LYS B 111 -10.42 -39.41 -24.14
CA LYS B 111 -11.12 -38.33 -23.48
C LYS B 111 -10.47 -37.00 -23.85
N ARG B 112 -11.30 -36.01 -24.14
CA ARG B 112 -10.80 -34.71 -24.57
C ARG B 112 -11.60 -33.62 -23.88
N LEU B 113 -11.04 -32.42 -23.89
CA LEU B 113 -11.54 -31.31 -23.09
C LEU B 113 -13.05 -31.10 -23.27
N ALA B 114 -13.71 -30.85 -22.15
CA ALA B 114 -15.15 -30.61 -22.09
C ALA B 114 -15.41 -29.57 -21.00
N VAL B 115 -16.40 -28.74 -21.24
CA VAL B 115 -16.71 -27.64 -20.34
C VAL B 115 -18.21 -27.58 -20.13
N GLY B 116 -18.60 -27.27 -18.90
CA GLY B 116 -19.99 -27.06 -18.56
C GLY B 116 -20.10 -25.85 -17.68
N VAL B 117 -21.20 -25.12 -17.83
CA VAL B 117 -21.44 -23.88 -17.10
C VAL B 117 -22.78 -24.00 -16.39
N ALA B 118 -22.84 -23.50 -15.16
CA ALA B 118 -24.11 -23.42 -14.44
C ALA B 118 -24.06 -22.25 -13.47
N PHE B 119 -25.22 -21.61 -13.27
CA PHE B 119 -25.34 -20.52 -12.31
C PHE B 119 -26.24 -20.98 -11.16
N THR B 120 -25.89 -20.58 -9.93
CA THR B 120 -26.80 -20.82 -8.82
C THR B 120 -27.85 -19.72 -8.76
N ARG B 121 -28.83 -19.92 -7.88
CA ARG B 121 -29.68 -18.83 -7.45
C ARG B 121 -28.85 -17.77 -6.75
N ASP B 122 -29.42 -16.57 -6.66
CA ASP B 122 -28.85 -15.53 -5.82
C ASP B 122 -28.95 -15.95 -4.36
N PHE B 123 -27.97 -15.53 -3.57
CA PHE B 123 -27.90 -15.87 -2.15
C PHE B 123 -28.28 -14.66 -1.32
N LEU B 124 -29.06 -14.90 -0.29
CA LEU B 124 -29.22 -13.91 0.76
C LEU B 124 -27.90 -13.74 1.52
N PRO B 125 -27.63 -12.53 2.03
CA PRO B 125 -26.37 -12.34 2.75
C PRO B 125 -26.13 -13.34 3.87
N GLU B 126 -27.15 -13.72 4.63
CA GLU B 126 -26.98 -14.65 5.72
C GLU B 126 -26.67 -16.08 5.26
N GLU B 127 -26.67 -16.33 3.95
CA GLU B 127 -26.36 -17.66 3.43
C GLU B 127 -24.90 -17.79 3.03
N LEU B 128 -24.22 -16.67 2.78
CA LEU B 128 -22.82 -16.73 2.38
C LEU B 128 -22.00 -17.40 3.49
N GLY B 129 -21.07 -18.26 3.07
CA GLY B 129 -20.24 -18.94 4.03
C GLY B 129 -20.93 -20.00 4.85
N ARG B 130 -22.11 -20.46 4.42
CA ARG B 130 -22.89 -21.40 5.21
C ARG B 130 -23.43 -22.51 4.31
N MET B 131 -24.14 -23.47 4.93
CA MET B 131 -24.49 -24.70 4.22
C MET B 131 -25.37 -24.43 3.01
N GLU B 132 -26.21 -23.40 3.07
N GLU B 132 -26.21 -23.39 3.04
CA GLU B 132 -27.04 -23.05 1.91
CA GLU B 132 -27.05 -23.11 1.88
C GLU B 132 -26.18 -22.83 0.67
C GLU B 132 -26.20 -22.79 0.64
N GLN B 133 -25.06 -22.13 0.83
CA GLN B 133 -24.17 -21.87 -0.31
C GLN B 133 -23.45 -23.14 -0.74
N VAL B 134 -22.98 -23.94 0.23
CA VAL B 134 -22.37 -25.24 -0.06
C VAL B 134 -23.31 -26.10 -0.90
N ASN B 135 -24.55 -26.30 -0.44
CA ASN B 135 -25.44 -27.26 -1.07
C ASN B 135 -25.90 -26.79 -2.44
N GLU B 136 -26.12 -25.49 -2.60
CA GLU B 136 -26.56 -24.99 -3.90
C GLU B 136 -25.41 -25.01 -4.91
N VAL B 137 -24.18 -24.71 -4.46
CA VAL B 137 -23.03 -24.86 -5.35
C VAL B 137 -22.89 -26.32 -5.78
N ALA B 138 -23.00 -27.25 -4.82
CA ALA B 138 -22.89 -28.67 -5.15
C ALA B 138 -23.89 -29.05 -6.23
N ARG B 139 -25.15 -28.63 -6.07
CA ARG B 139 -26.16 -28.90 -7.08
C ARG B 139 -25.75 -28.31 -8.44
N ALA B 140 -25.25 -27.08 -8.46
CA ALA B 140 -24.88 -26.47 -9.73
C ALA B 140 -23.64 -27.13 -10.35
N VAL B 141 -22.73 -27.62 -9.53
CA VAL B 141 -21.57 -28.34 -10.06
C VAL B 141 -22.02 -29.60 -10.78
N LYS B 142 -22.96 -30.34 -10.18
CA LYS B 142 -23.46 -31.55 -10.85
C LYS B 142 -24.13 -31.20 -12.16
N GLU B 143 -24.89 -30.11 -12.20
CA GLU B 143 -25.50 -29.64 -13.43
C GLU B 143 -24.47 -29.32 -14.50
N ALA B 144 -23.42 -28.58 -14.12
CA ALA B 144 -22.38 -28.24 -15.09
C ALA B 144 -21.66 -29.48 -15.61
N MET B 145 -21.43 -30.47 -14.74
CA MET B 145 -20.83 -31.73 -15.19
C MET B 145 -21.66 -32.37 -16.29
N LYS B 146 -22.98 -32.42 -16.10
CA LYS B 146 -23.85 -33.00 -17.11
C LYS B 146 -23.83 -32.15 -18.36
N ASP B 147 -23.80 -30.83 -18.22
CA ASP B 147 -23.65 -29.95 -19.36
C ASP B 147 -22.39 -30.30 -20.16
N ALA B 148 -21.31 -30.68 -19.46
CA ALA B 148 -20.05 -31.04 -20.09
C ALA B 148 -20.01 -32.47 -20.60
N GLN B 149 -21.00 -33.29 -20.28
CA GLN B 149 -21.03 -34.70 -20.62
C GLN B 149 -19.88 -35.44 -19.97
N ILE B 150 -19.63 -35.11 -18.70
CA ILE B 150 -18.64 -35.80 -17.87
C ILE B 150 -19.42 -36.61 -16.85
N ASP B 151 -19.24 -37.93 -16.89
CA ASP B 151 -19.91 -38.87 -15.97
C ASP B 151 -19.09 -39.15 -14.72
N ASP B 152 -17.78 -39.28 -14.87
CA ASP B 152 -16.91 -39.70 -13.78
C ASP B 152 -16.29 -38.49 -13.13
N PRO B 153 -16.56 -38.21 -11.84
CA PRO B 153 -15.98 -37.02 -11.22
C PRO B 153 -14.47 -37.01 -11.26
N ARG B 154 -13.82 -38.16 -11.41
CA ARG B 154 -12.38 -38.16 -11.55
C ARG B 154 -11.92 -37.53 -12.86
N ASP B 155 -12.84 -37.34 -13.80
CA ASP B 155 -12.51 -36.69 -15.06
C ASP B 155 -12.73 -35.18 -15.00
N VAL B 156 -13.12 -34.64 -13.82
CA VAL B 156 -13.15 -33.20 -13.58
C VAL B 156 -11.80 -32.79 -13.02
N HIS B 157 -11.15 -31.81 -13.66
CA HIS B 157 -9.80 -31.39 -13.29
C HIS B 157 -9.70 -29.96 -12.81
N PHE B 158 -10.76 -29.17 -12.96
CA PHE B 158 -10.77 -27.79 -12.49
C PHE B 158 -12.20 -27.29 -12.49
N VAL B 159 -12.64 -26.76 -11.35
CA VAL B 159 -13.95 -26.18 -11.21
C VAL B 159 -13.72 -24.77 -10.74
N GLN B 160 -13.97 -23.82 -11.63
CA GLN B 160 -13.72 -22.40 -11.39
C GLN B 160 -15.04 -21.73 -11.03
N ILE B 161 -15.06 -20.95 -9.94
CA ILE B 161 -16.29 -20.36 -9.43
C ILE B 161 -16.07 -18.87 -9.20
N LYS B 162 -17.03 -18.06 -9.61
CA LYS B 162 -17.14 -16.69 -9.11
C LYS B 162 -18.20 -16.68 -8.01
N CYS B 163 -17.88 -16.08 -6.88
CA CYS B 163 -18.80 -16.09 -5.75
C CYS B 163 -18.92 -14.70 -5.15
N PRO B 164 -19.96 -14.48 -4.34
CA PRO B 164 -20.25 -13.13 -3.85
C PRO B 164 -19.49 -12.77 -2.61
N LEU B 165 -19.69 -11.56 -2.12
CA LEU B 165 -19.11 -11.12 -0.85
C LEU B 165 -20.16 -10.27 -0.15
N LEU B 166 -19.84 -9.91 1.09
CA LEU B 166 -20.72 -9.10 1.91
C LEU B 166 -20.24 -7.66 1.91
N THR B 167 -21.11 -6.74 1.51
CA THR B 167 -20.89 -5.31 1.66
C THR B 167 -21.55 -4.84 2.94
N ALA B 168 -21.24 -3.59 3.32
CA ALA B 168 -21.93 -2.97 4.44
C ALA B 168 -23.44 -2.96 4.23
N GLU B 169 -23.89 -2.67 3.01
CA GLU B 169 -25.32 -2.55 2.75
C GLU B 169 -26.00 -3.92 2.85
N ARG B 170 -25.32 -4.96 2.39
CA ARG B 170 -25.90 -6.30 2.45
C ARG B 170 -25.95 -6.81 3.88
N ILE B 171 -24.90 -6.52 4.68
CA ILE B 171 -24.94 -6.90 6.08
C ILE B 171 -26.11 -6.22 6.77
N GLU B 172 -26.33 -4.92 6.49
CA GLU B 172 -27.42 -4.17 7.11
C GLU B 172 -28.78 -4.71 6.67
N ASP B 173 -28.91 -5.14 5.41
CA ASP B 173 -30.15 -5.76 4.96
C ASP B 173 -30.48 -7.00 5.79
N ALA B 174 -29.49 -7.87 6.00
CA ALA B 174 -29.69 -9.05 6.84
C ALA B 174 -30.11 -8.63 8.24
N LYS B 175 -29.41 -7.63 8.81
CA LYS B 175 -29.77 -7.15 10.15
C LYS B 175 -31.20 -6.63 10.21
N ARG B 176 -31.62 -5.86 9.20
CA ARG B 176 -33.00 -5.36 9.20
C ARG B 176 -34.00 -6.50 9.13
N ARG B 177 -33.64 -7.63 8.54
CA ARG B 177 -34.54 -8.77 8.45
C ARG B 177 -34.39 -9.74 9.63
N GLY B 178 -33.64 -9.35 10.66
CA GLY B 178 -33.46 -10.18 11.83
C GLY B 178 -32.45 -11.30 11.70
N LYS B 179 -31.50 -11.20 10.77
CA LYS B 179 -30.51 -12.24 10.53
C LYS B 179 -29.09 -11.74 10.83
N ASP B 180 -28.21 -12.67 11.18
CA ASP B 180 -26.81 -12.38 11.35
C ASP B 180 -26.02 -13.00 10.19
N VAL B 181 -24.88 -12.40 9.88
CA VAL B 181 -24.04 -12.90 8.81
C VAL B 181 -22.86 -13.66 9.40
N VAL B 182 -22.22 -14.46 8.55
CA VAL B 182 -21.18 -15.37 9.04
C VAL B 182 -20.02 -14.58 9.63
N VAL B 183 -19.74 -13.38 9.09
CA VAL B 183 -18.72 -12.51 9.65
C VAL B 183 -19.04 -11.07 9.24
N ASN B 184 -18.80 -10.15 10.15
CA ASN B 184 -19.10 -8.73 9.93
C ASN B 184 -17.85 -8.00 9.42
N ASP B 185 -17.40 -8.41 8.24
CA ASP B 185 -16.16 -7.89 7.62
C ASP B 185 -16.14 -8.27 6.16
N THR B 186 -16.04 -7.28 5.26
CA THR B 186 -16.12 -7.59 3.83
C THR B 186 -14.98 -8.48 3.39
N TYR B 187 -13.75 -8.12 3.78
CA TYR B 187 -12.59 -8.89 3.35
C TYR B 187 -12.67 -10.35 3.81
N LYS B 188 -12.99 -10.57 5.09
CA LYS B 188 -13.13 -11.94 5.58
C LYS B 188 -14.30 -12.66 4.93
N SER B 189 -15.36 -11.94 4.54
CA SER B 189 -16.49 -12.59 3.88
C SER B 189 -16.06 -13.21 2.56
N MET B 190 -15.05 -12.66 1.91
CA MET B 190 -14.51 -13.25 0.69
C MET B 190 -13.99 -14.65 0.94
N ALA B 191 -13.31 -14.86 2.08
CA ALA B 191 -12.76 -16.17 2.40
C ALA B 191 -13.86 -17.17 2.70
N TYR B 192 -14.91 -16.73 3.40
CA TYR B 192 -16.00 -17.62 3.73
C TYR B 192 -16.78 -18.02 2.48
N SER B 193 -17.01 -17.08 1.57
CA SER B 193 -17.69 -17.38 0.31
C SER B 193 -16.84 -18.30 -0.56
N ARG B 194 -15.55 -17.98 -0.70
CA ARG B 194 -14.63 -18.87 -1.39
C ARG B 194 -14.62 -20.28 -0.78
N GLY B 195 -14.60 -20.36 0.55
CA GLY B 195 -14.47 -21.64 1.22
C GLY B 195 -15.73 -22.48 1.17
N ALA B 196 -16.89 -21.87 1.41
CA ALA B 196 -18.15 -22.57 1.25
C ALA B 196 -18.35 -23.07 -0.18
N SER B 197 -17.98 -22.23 -1.15
CA SER B 197 -18.15 -22.63 -2.55
C SER B 197 -17.25 -23.81 -2.89
N ALA B 198 -16.02 -23.79 -2.36
CA ALA B 198 -15.08 -24.89 -2.60
C ALA B 198 -15.57 -26.17 -1.98
N LEU B 199 -16.10 -26.11 -0.76
CA LEU B 199 -16.67 -27.30 -0.15
C LEU B 199 -17.85 -27.83 -0.95
N GLY B 200 -18.62 -26.95 -1.62
CA GLY B 200 -19.67 -27.42 -2.48
C GLY B 200 -19.14 -28.22 -3.67
N VAL B 201 -17.98 -27.82 -4.19
CA VAL B 201 -17.34 -28.60 -5.24
C VAL B 201 -16.98 -29.98 -4.68
N ALA B 202 -16.32 -30.00 -3.52
CA ALA B 202 -15.90 -31.26 -2.91
C ALA B 202 -17.09 -32.17 -2.64
N LEU B 203 -18.20 -31.60 -2.17
CA LEU B 203 -19.40 -32.41 -1.94
C LEU B 203 -19.90 -33.02 -3.25
N ALA B 204 -20.00 -32.20 -4.29
CA ALA B 204 -20.58 -32.66 -5.55
C ALA B 204 -19.73 -33.75 -6.21
N LEU B 205 -18.42 -33.62 -6.12
CA LEU B 205 -17.51 -34.56 -6.77
C LEU B 205 -17.20 -35.77 -5.90
N GLY B 206 -17.72 -35.80 -4.68
CA GLY B 206 -17.45 -36.93 -3.82
C GLY B 206 -16.06 -36.95 -3.24
N GLU B 207 -15.36 -35.81 -3.25
CA GLU B 207 -14.07 -35.70 -2.58
C GLU B 207 -14.21 -35.68 -1.06
N ILE B 208 -15.38 -35.29 -0.55
CA ILE B 208 -15.67 -35.27 0.89
C ILE B 208 -17.10 -35.76 1.08
N SER B 209 -17.33 -36.54 2.12
CA SER B 209 -18.68 -37.01 2.41
C SER B 209 -19.49 -35.91 3.09
N ALA B 210 -20.80 -35.94 2.86
CA ALA B 210 -21.66 -34.84 3.29
C ALA B 210 -21.66 -34.69 4.80
N ASP B 211 -21.53 -35.78 5.53
CA ASP B 211 -21.67 -35.70 6.98
C ASP B 211 -20.44 -35.11 7.66
N LYS B 212 -19.41 -34.77 6.90
CA LYS B 212 -18.24 -34.09 7.46
C LYS B 212 -18.35 -32.58 7.33
N ILE B 213 -19.34 -32.06 6.62
CA ILE B 213 -19.44 -30.64 6.32
C ILE B 213 -20.57 -30.06 7.17
N SER B 214 -20.25 -28.99 7.89
CA SER B 214 -21.24 -28.27 8.68
C SER B 214 -20.83 -26.80 8.69
N ASN B 215 -21.71 -25.94 9.19
CA ASN B 215 -21.35 -24.53 9.28
C ASN B 215 -20.08 -24.33 10.11
N GLU B 216 -19.97 -25.05 11.23
CA GLU B 216 -18.82 -24.95 12.12
C GLU B 216 -17.53 -25.29 11.40
N ALA B 217 -17.57 -26.16 10.40
CA ALA B 217 -16.36 -26.61 9.73
C ALA B 217 -15.85 -25.63 8.68
N ILE B 218 -16.72 -24.75 8.19
CA ILE B 218 -16.36 -23.85 7.08
C ILE B 218 -15.35 -22.82 7.56
N CYS B 219 -14.20 -22.78 6.87
CA CYS B 219 -13.06 -21.94 7.21
C CYS B 219 -12.50 -22.23 8.59
N HIS B 220 -12.63 -23.48 9.05
CA HIS B 220 -12.02 -23.91 10.30
C HIS B 220 -11.30 -25.25 10.17
N ASP B 221 -11.94 -26.25 9.56
CA ASP B 221 -11.33 -27.57 9.40
C ASP B 221 -10.62 -27.62 8.05
N TRP B 222 -9.32 -27.35 8.06
CA TRP B 222 -8.55 -27.31 6.83
C TRP B 222 -8.21 -28.69 6.29
N ASN B 223 -8.45 -29.77 7.05
CA ASN B 223 -8.33 -31.12 6.51
C ASN B 223 -9.38 -31.41 5.43
N LEU B 224 -10.41 -30.58 5.35
CA LEU B 224 -11.45 -30.72 4.34
C LEU B 224 -11.10 -29.82 3.17
N TYR B 225 -10.89 -30.41 1.99
CA TYR B 225 -10.65 -29.58 0.82
C TYR B 225 -10.91 -30.35 -0.46
N SER B 226 -11.23 -29.58 -1.50
CA SER B 226 -11.28 -30.06 -2.88
C SER B 226 -9.91 -29.94 -3.51
N SER B 227 -9.59 -30.89 -4.38
CA SER B 227 -8.33 -30.87 -5.11
C SER B 227 -8.44 -30.26 -6.50
N VAL B 228 -9.63 -29.75 -6.87
CA VAL B 228 -9.85 -29.16 -8.19
C VAL B 228 -10.61 -27.83 -8.13
N ALA B 229 -11.13 -27.48 -6.95
CA ALA B 229 -11.90 -26.24 -6.84
C ALA B 229 -11.00 -25.00 -6.85
N SER B 230 -11.45 -23.97 -7.55
CA SER B 230 -10.78 -22.68 -7.65
C SER B 230 -11.85 -21.60 -7.58
N THR B 231 -11.92 -20.86 -6.48
CA THR B 231 -13.03 -19.95 -6.25
C THR B 231 -12.49 -18.54 -6.04
N SER B 232 -13.28 -17.56 -6.45
CA SER B 232 -12.84 -16.17 -6.50
C SER B 232 -14.06 -15.28 -6.23
N ALA B 233 -13.94 -14.36 -5.28
CA ALA B 233 -15.03 -13.51 -4.84
C ALA B 233 -15.00 -12.13 -5.48
N GLY B 234 -16.17 -11.50 -5.57
CA GLY B 234 -16.27 -10.16 -6.11
C GLY B 234 -17.60 -9.53 -5.71
N VAL B 235 -17.67 -8.20 -5.88
CA VAL B 235 -18.87 -7.47 -5.46
C VAL B 235 -20.00 -7.50 -6.47
N GLU B 236 -19.76 -7.97 -7.70
N GLU B 236 -19.77 -8.07 -7.65
CA GLU B 236 -20.71 -7.64 -8.75
CA GLU B 236 -20.55 -7.77 -8.84
C GLU B 236 -22.01 -8.44 -8.64
C GLU B 236 -21.83 -8.58 -8.99
N LEU B 237 -21.95 -9.73 -8.34
CA LEU B 237 -23.18 -10.51 -8.43
C LEU B 237 -23.49 -11.10 -7.04
N LEU B 238 -24.69 -11.66 -6.92
CA LEU B 238 -25.14 -12.25 -5.67
C LEU B 238 -25.21 -13.76 -5.72
N ASN B 239 -24.93 -14.37 -6.86
CA ASN B 239 -24.95 -15.81 -7.01
C ASN B 239 -23.53 -16.33 -7.19
N ASP B 240 -23.40 -17.64 -7.40
CA ASP B 240 -22.17 -18.28 -7.82
C ASP B 240 -22.30 -18.64 -9.32
N GLU B 241 -21.25 -18.37 -10.09
CA GLU B 241 -21.14 -18.85 -11.47
C GLU B 241 -20.08 -19.94 -11.52
N ILE B 242 -20.41 -21.08 -12.14
CA ILE B 242 -19.55 -22.25 -12.12
C ILE B 242 -19.14 -22.62 -13.54
N ILE B 243 -17.84 -22.87 -13.74
CA ILE B 243 -17.31 -23.54 -14.94
C ILE B 243 -16.66 -24.84 -14.50
N VAL B 244 -17.19 -25.96 -14.96
CA VAL B 244 -16.55 -27.27 -14.81
C VAL B 244 -15.71 -27.55 -16.05
N VAL B 245 -14.45 -27.89 -15.85
CA VAL B 245 -13.55 -28.21 -16.95
C VAL B 245 -12.94 -29.59 -16.69
N GLY B 246 -13.09 -30.47 -17.66
CA GLY B 246 -12.55 -31.81 -17.54
C GLY B 246 -12.41 -32.43 -18.91
N ASN B 247 -12.40 -33.75 -18.93
CA ASN B 247 -12.27 -34.52 -20.16
C ASN B 247 -13.45 -35.47 -20.25
N SER B 248 -13.99 -35.58 -21.45
CA SER B 248 -15.16 -36.41 -21.73
C SER B 248 -14.82 -37.40 -22.82
N THR B 249 -15.46 -38.59 -22.74
CA THR B 249 -15.39 -39.54 -23.84
C THR B 249 -16.21 -39.10 -25.04
N ASN B 250 -16.97 -38.03 -24.93
CA ASN B 250 -17.78 -37.57 -26.05
C ASN B 250 -17.36 -36.16 -26.45
N SER B 251 -16.08 -35.96 -26.74
CA SER B 251 -15.53 -34.65 -27.09
C SER B 251 -14.69 -34.72 -28.34
N ALA B 252 -14.81 -33.68 -29.19
CA ALA B 252 -13.96 -33.54 -30.37
C ALA B 252 -12.87 -32.50 -30.18
N SER B 253 -12.65 -32.06 -28.94
CA SER B 253 -11.62 -31.07 -28.68
C SER B 253 -10.23 -31.62 -29.06
N ASP B 254 -9.38 -30.70 -29.52
CA ASP B 254 -7.97 -30.94 -29.72
C ASP B 254 -7.15 -30.60 -28.46
N LEU B 255 -7.81 -30.51 -27.31
CA LEU B 255 -7.21 -30.15 -26.04
C LEU B 255 -7.55 -31.18 -24.98
N VAL B 256 -6.74 -31.21 -23.93
CA VAL B 256 -7.00 -31.97 -22.72
C VAL B 256 -6.67 -31.10 -21.51
N ILE B 257 -7.14 -31.52 -20.35
CA ILE B 257 -6.79 -30.86 -19.09
C ILE B 257 -6.26 -31.91 -18.13
N GLY B 258 -5.26 -31.50 -17.32
CA GLY B 258 -4.77 -32.31 -16.23
C GLY B 258 -4.56 -31.41 -15.02
N HIS B 259 -4.31 -32.02 -13.86
CA HIS B 259 -4.12 -31.20 -12.67
C HIS B 259 -3.25 -31.91 -11.65
N SER B 260 -2.79 -31.13 -10.67
CA SER B 260 -2.18 -31.63 -9.45
C SER B 260 -2.62 -30.71 -8.33
N VAL B 261 -1.96 -30.82 -7.18
CA VAL B 261 -2.20 -29.92 -6.04
C VAL B 261 -0.86 -29.45 -5.52
N MET B 262 -0.68 -28.14 -5.44
CA MET B 262 0.51 -27.60 -4.80
C MET B 262 0.39 -27.80 -3.29
N LYS B 263 1.37 -28.47 -2.69
CA LYS B 263 1.33 -28.69 -1.26
C LYS B 263 1.63 -27.41 -0.49
N ASP B 264 2.34 -26.47 -1.13
CA ASP B 264 2.65 -25.16 -0.54
C ASP B 264 2.99 -24.21 -1.69
N ALA B 265 3.31 -22.97 -1.35
CA ALA B 265 3.43 -21.91 -2.35
C ALA B 265 4.65 -22.06 -3.25
N ILE B 266 5.62 -22.91 -2.90
CA ILE B 266 6.83 -23.03 -3.71
C ILE B 266 6.99 -24.43 -4.28
N ASP B 267 5.88 -25.14 -4.44
CA ASP B 267 5.89 -26.55 -4.85
C ASP B 267 5.95 -26.62 -6.38
N ALA B 268 7.17 -26.43 -6.91
CA ALA B 268 7.37 -26.56 -8.34
C ALA B 268 7.13 -27.99 -8.82
N ASP B 269 7.36 -28.99 -7.97
CA ASP B 269 7.10 -30.38 -8.35
C ASP B 269 5.64 -30.57 -8.76
N ALA B 270 4.72 -29.92 -8.05
CA ALA B 270 3.31 -30.03 -8.40
C ALA B 270 3.02 -29.37 -9.74
N VAL B 271 3.73 -28.29 -10.08
CA VAL B 271 3.56 -27.68 -11.40
C VAL B 271 3.95 -28.69 -12.48
N ARG B 272 5.10 -29.35 -12.29
CA ARG B 272 5.54 -30.34 -13.27
C ARG B 272 4.58 -31.53 -13.32
N ALA B 273 4.01 -31.91 -12.18
CA ALA B 273 3.07 -33.03 -12.18
C ALA B 273 1.78 -32.66 -12.92
N ALA B 274 1.30 -31.44 -12.76
CA ALA B 274 0.13 -31.01 -13.50
C ALA B 274 0.41 -31.00 -15.00
N LEU B 275 1.59 -30.52 -15.41
CA LEU B 275 1.95 -30.57 -16.82
C LEU B 275 1.95 -32.00 -17.33
N LYS B 276 2.61 -32.90 -16.59
CA LYS B 276 2.66 -34.30 -17.02
C LYS B 276 1.26 -34.89 -17.10
N ASP B 277 0.39 -34.56 -16.14
CA ASP B 277 -0.98 -35.06 -16.18
C ASP B 277 -1.75 -34.55 -17.40
N ALA B 278 -1.34 -33.43 -17.98
CA ALA B 278 -1.93 -32.90 -19.18
C ALA B 278 -1.21 -33.34 -20.46
N GLY B 279 -0.32 -34.31 -20.37
CA GLY B 279 0.38 -34.85 -21.53
C GLY B 279 1.67 -34.16 -21.90
N ILE B 280 2.13 -33.18 -21.11
CA ILE B 280 3.35 -32.45 -21.39
C ILE B 280 4.47 -33.07 -20.57
N ARG B 281 5.36 -33.81 -21.24
CA ARG B 281 6.35 -34.63 -20.56
C ARG B 281 7.78 -34.11 -20.70
N SER B 282 7.98 -32.91 -21.24
CA SER B 282 9.32 -32.36 -21.36
C SER B 282 9.23 -30.86 -21.62
N ASP B 283 10.36 -30.18 -21.46
CA ASP B 283 10.38 -28.74 -21.64
C ASP B 283 9.99 -28.35 -23.06
N ASP B 284 10.44 -29.10 -24.07
CA ASP B 284 10.12 -28.75 -25.44
C ASP B 284 8.63 -28.86 -25.74
N GLU B 285 7.90 -29.68 -24.98
CA GLU B 285 6.46 -29.80 -25.15
C GLU B 285 5.69 -28.72 -24.40
N MET B 286 6.38 -27.79 -23.75
CA MET B 286 5.68 -26.73 -23.05
C MET B 286 5.01 -25.75 -24.01
N ASP B 287 5.37 -25.76 -25.30
CA ASP B 287 4.66 -24.92 -26.26
C ASP B 287 3.23 -25.40 -26.50
N ARG B 288 2.84 -26.56 -25.96
CA ARG B 288 1.46 -27.01 -26.05
C ARG B 288 0.57 -26.44 -24.96
N ILE B 289 1.13 -25.72 -23.98
CA ILE B 289 0.31 -25.11 -22.95
C ILE B 289 -0.64 -24.11 -23.57
N VAL B 290 -1.91 -24.20 -23.23
CA VAL B 290 -2.87 -23.14 -23.50
C VAL B 290 -2.98 -22.18 -22.32
N ASN B 291 -3.21 -22.72 -21.10
CA ASN B 291 -3.02 -21.92 -19.90
C ASN B 291 -2.74 -22.85 -18.72
N VAL B 292 -2.21 -22.26 -17.67
CA VAL B 292 -2.05 -22.88 -16.36
C VAL B 292 -2.94 -22.11 -15.39
N LEU B 293 -3.67 -22.82 -14.53
CA LEU B 293 -4.62 -22.18 -13.62
C LEU B 293 -4.40 -22.72 -12.22
N ALA B 294 -4.20 -21.82 -11.24
CA ALA B 294 -3.80 -22.26 -9.92
C ALA B 294 -4.35 -21.35 -8.83
N LYS B 295 -4.49 -21.95 -7.64
CA LYS B 295 -4.84 -21.26 -6.40
C LYS B 295 -3.62 -21.12 -5.52
N ALA B 296 -3.51 -19.98 -4.85
CA ALA B 296 -2.39 -19.64 -3.96
C ALA B 296 -2.91 -19.05 -2.65
N GLU B 297 -2.16 -19.23 -1.57
CA GLU B 297 -2.53 -18.60 -0.32
C GLU B 297 -1.40 -18.60 0.70
N ALA B 298 -1.54 -17.69 1.66
CA ALA B 298 -0.68 -17.66 2.83
C ALA B 298 -1.11 -18.74 3.81
N ALA B 299 -0.19 -19.62 4.18
CA ALA B 299 -0.50 -20.67 5.14
C ALA B 299 -0.84 -20.06 6.51
N SER B 300 -1.81 -20.66 7.19
CA SER B 300 -2.23 -20.15 8.49
C SER B 300 -1.10 -20.20 9.52
N SER B 301 -0.11 -21.06 9.34
CA SER B 301 1.01 -21.14 10.28
C SER B 301 1.95 -19.95 10.20
N GLY B 302 1.84 -19.11 9.18
CA GLY B 302 2.77 -18.02 9.01
C GLY B 302 4.15 -18.45 8.53
N THR B 303 4.27 -19.67 8.02
CA THR B 303 5.56 -20.22 7.62
C THR B 303 5.42 -20.96 6.29
N VAL B 304 6.57 -21.19 5.66
CA VAL B 304 6.68 -22.10 4.52
C VAL B 304 7.87 -23.01 4.78
N ARG B 305 7.63 -24.31 4.77
CA ARG B 305 8.65 -25.32 5.09
C ARG B 305 9.47 -24.90 6.29
N GLY B 306 8.77 -24.43 7.34
CA GLY B 306 9.42 -24.09 8.58
C GLY B 306 10.09 -22.72 8.61
N ARG B 307 10.02 -21.96 7.53
CA ARG B 307 10.63 -20.64 7.45
C ARG B 307 9.56 -19.56 7.59
N ARG B 308 9.80 -18.61 8.47
CA ARG B 308 8.84 -17.54 8.73
C ARG B 308 8.72 -16.63 7.50
N ASN B 309 7.53 -16.12 7.28
CA ASN B 309 7.36 -14.96 6.39
C ASN B 309 6.37 -14.01 7.03
N THR B 310 6.29 -12.80 6.46
CA THR B 310 5.54 -11.71 7.06
C THR B 310 4.14 -11.55 6.47
N MET B 311 3.71 -12.46 5.60
CA MET B 311 2.49 -12.21 4.83
C MET B 311 1.30 -11.88 5.73
N LEU B 312 1.15 -12.63 6.82
CA LEU B 312 0.03 -12.44 7.73
C LEU B 312 0.23 -11.29 8.71
N ASP B 313 1.45 -10.76 8.80
CA ASP B 313 1.76 -9.64 9.69
C ASP B 313 1.90 -8.32 8.93
N ASP B 314 1.91 -8.37 7.59
CA ASP B 314 2.25 -7.19 6.81
C ASP B 314 0.98 -6.33 6.64
N SER B 315 0.93 -5.20 7.34
CA SER B 315 -0.23 -4.32 7.29
C SER B 315 -0.26 -3.41 6.06
N ASP B 316 0.82 -3.35 5.28
CA ASP B 316 0.83 -2.53 4.08
C ASP B 316 0.34 -3.27 2.85
N ILE B 317 0.53 -4.59 2.80
CA ILE B 317 0.26 -5.39 1.60
C ILE B 317 -0.52 -6.61 2.03
N ASN B 318 -1.76 -6.70 1.59
CA ASN B 318 -2.60 -7.82 1.97
C ASN B 318 -1.99 -9.14 1.53
N HIS B 319 -2.22 -10.19 2.34
CA HIS B 319 -1.53 -11.46 2.09
C HIS B 319 -1.99 -12.15 0.82
N THR B 320 -3.23 -11.92 0.36
CA THR B 320 -3.63 -12.57 -0.88
C THR B 320 -2.83 -12.01 -2.07
N ARG B 321 -2.44 -10.74 -2.00
CA ARG B 321 -1.61 -10.17 -3.07
C ARG B 321 -0.24 -10.80 -3.10
N SER B 322 0.38 -10.98 -1.92
CA SER B 322 1.69 -11.60 -1.84
C SER B 322 1.63 -13.05 -2.33
N ALA B 323 0.60 -13.79 -1.90
CA ALA B 323 0.48 -15.19 -2.30
C ALA B 323 0.37 -15.32 -3.82
N ARG B 324 -0.42 -14.46 -4.46
CA ARG B 324 -0.52 -14.50 -5.92
C ARG B 324 0.82 -14.23 -6.59
N ALA B 325 1.55 -13.22 -6.10
CA ALA B 325 2.84 -12.91 -6.73
C ALA B 325 3.77 -14.11 -6.67
N VAL B 326 3.79 -14.79 -5.52
CA VAL B 326 4.74 -15.89 -5.30
C VAL B 326 4.41 -17.07 -6.19
N VAL B 327 3.17 -17.53 -6.18
CA VAL B 327 2.82 -18.72 -6.94
C VAL B 327 2.88 -18.45 -8.45
N ASN B 328 2.50 -17.24 -8.88
CA ASN B 328 2.70 -16.92 -10.29
C ASN B 328 4.16 -17.00 -10.66
N ALA B 329 5.05 -16.48 -9.79
CA ALA B 329 6.48 -16.52 -10.09
C ALA B 329 6.99 -17.96 -10.17
N VAL B 330 6.54 -18.82 -9.26
CA VAL B 330 6.98 -20.21 -9.27
C VAL B 330 6.54 -20.91 -10.55
N ILE B 331 5.28 -20.75 -10.92
CA ILE B 331 4.80 -21.38 -12.15
C ILE B 331 5.53 -20.80 -13.36
N ALA B 332 5.70 -19.48 -13.40
CA ALA B 332 6.36 -18.84 -14.52
C ALA B 332 7.78 -19.37 -14.70
N SER B 333 8.48 -19.61 -13.58
CA SER B 333 9.84 -20.12 -13.67
C SER B 333 9.89 -21.55 -14.21
N VAL B 334 8.80 -22.31 -14.08
CA VAL B 334 8.78 -23.68 -14.60
C VAL B 334 8.43 -23.69 -16.08
N VAL B 335 7.42 -22.91 -16.47
CA VAL B 335 6.92 -22.92 -17.83
C VAL B 335 7.51 -21.83 -18.70
N GLY B 336 8.21 -20.85 -18.13
CA GLY B 336 8.83 -19.80 -18.93
C GLY B 336 7.90 -18.70 -19.42
N ASP B 337 6.73 -18.54 -18.77
CA ASP B 337 5.67 -17.66 -19.22
C ASP B 337 4.87 -17.17 -18.02
N PRO B 338 4.95 -15.88 -17.68
CA PRO B 338 4.17 -15.39 -16.54
C PRO B 338 2.70 -15.14 -16.84
N MET B 339 2.24 -15.32 -18.07
CA MET B 339 0.83 -15.09 -18.40
C MET B 339 0.05 -16.37 -18.11
N VAL B 340 -0.10 -16.64 -16.83
CA VAL B 340 -0.88 -17.75 -16.30
C VAL B 340 -1.84 -17.23 -15.24
N TYR B 341 -2.90 -17.98 -15.03
CA TYR B 341 -3.97 -17.59 -14.09
C TYR B 341 -3.60 -18.05 -12.69
N VAL B 342 -3.41 -17.10 -11.79
CA VAL B 342 -3.25 -17.40 -10.37
C VAL B 342 -4.22 -16.55 -9.56
N SER B 343 -4.98 -17.21 -8.70
CA SER B 343 -5.97 -16.57 -7.84
C SER B 343 -5.63 -16.86 -6.39
N GLY B 344 -5.86 -15.87 -5.51
CA GLY B 344 -5.49 -15.98 -4.13
C GLY B 344 -6.66 -16.35 -3.21
N GLY B 345 -6.34 -16.89 -2.05
CA GLY B 345 -7.36 -17.29 -1.08
C GLY B 345 -7.85 -18.69 -1.41
N ALA B 346 -7.25 -19.69 -0.79
CA ALA B 346 -7.44 -21.08 -1.19
C ALA B 346 -8.09 -21.87 -0.08
N GLU B 347 -9.10 -21.28 0.56
CA GLU B 347 -9.82 -21.94 1.64
C GLU B 347 -10.52 -23.20 1.13
N HIS B 348 -10.18 -24.36 1.73
CA HIS B 348 -10.73 -25.65 1.32
C HIS B 348 -10.44 -25.96 -0.15
N GLN B 349 -9.41 -25.34 -0.70
CA GLN B 349 -8.91 -25.61 -2.04
C GLN B 349 -7.47 -26.07 -1.84
N GLY B 350 -7.24 -27.37 -1.89
CA GLY B 350 -5.97 -27.92 -1.50
C GLY B 350 -5.72 -27.69 -0.01
N PRO B 351 -4.62 -28.24 0.50
CA PRO B 351 -4.32 -28.12 1.92
C PRO B 351 -4.05 -26.66 2.31
N ASP B 352 -4.04 -26.42 3.61
CA ASP B 352 -3.73 -25.10 4.18
C ASP B 352 -2.37 -24.63 3.69
N GLY B 353 -2.36 -23.52 2.94
CA GLY B 353 -1.13 -23.02 2.35
C GLY B 353 -0.83 -23.52 0.95
N GLY B 354 -1.66 -24.40 0.40
CA GLY B 354 -1.52 -24.89 -0.95
C GLY B 354 -2.81 -24.74 -1.74
N GLY B 355 -2.86 -25.26 -2.96
CA GLY B 355 -4.00 -25.04 -3.83
C GLY B 355 -3.92 -25.89 -5.08
N PRO B 356 -5.08 -26.13 -5.73
CA PRO B 356 -5.08 -26.91 -6.97
C PRO B 356 -4.36 -26.18 -8.08
N ILE B 357 -3.82 -26.94 -9.03
CA ILE B 357 -3.20 -26.35 -10.22
C ILE B 357 -3.53 -27.22 -11.42
N ALA B 358 -4.11 -26.62 -12.46
CA ALA B 358 -4.55 -27.35 -13.63
C ALA B 358 -3.85 -26.81 -14.86
N VAL B 359 -3.71 -27.67 -15.87
CA VAL B 359 -3.06 -27.30 -17.12
C VAL B 359 -3.98 -27.71 -18.27
N ILE B 360 -4.33 -26.74 -19.12
CA ILE B 360 -5.00 -27.02 -20.39
C ILE B 360 -3.93 -27.02 -21.46
N ALA B 361 -3.87 -28.12 -22.22
CA ALA B 361 -2.81 -28.32 -23.19
C ALA B 361 -3.39 -28.86 -24.49
N ARG B 362 -2.70 -28.53 -25.58
CA ARG B 362 -2.97 -29.15 -26.87
C ARG B 362 -2.46 -30.59 -26.87
N VAL B 363 -3.21 -31.47 -27.52
CA VAL B 363 -2.86 -32.88 -27.49
C VAL B 363 -1.64 -33.17 -28.34
N MET C 2 3.62 17.98 47.51
CA MET C 2 3.44 18.70 46.26
C MET C 2 4.30 18.11 45.13
N GLN C 3 3.67 17.86 43.99
CA GLN C 3 4.35 17.39 42.80
C GLN C 3 4.31 18.49 41.75
N LYS C 4 5.43 18.70 41.07
CA LYS C 4 5.50 19.60 39.93
C LYS C 4 5.72 18.78 38.66
N VAL C 5 4.88 18.99 37.65
CA VAL C 5 4.99 18.31 36.37
C VAL C 5 5.41 19.32 35.32
N GLU C 6 6.41 18.96 34.52
CA GLU C 6 6.77 19.70 33.33
C GLU C 6 6.63 18.78 32.12
N VAL C 7 6.29 19.35 30.97
CA VAL C 7 6.00 18.58 29.77
C VAL C 7 6.67 19.28 28.59
N PHE C 8 7.47 18.54 27.85
CA PHE C 8 8.24 19.07 26.73
C PHE C 8 7.85 18.33 25.46
N ARG C 9 7.29 19.06 24.50
CA ARG C 9 6.99 18.51 23.19
C ARG C 9 8.21 18.79 22.30
N ILE C 10 8.81 17.72 21.77
CA ILE C 10 10.10 17.78 21.11
C ILE C 10 9.96 17.22 19.70
N PRO C 11 10.22 18.00 18.65
CA PRO C 11 10.23 17.44 17.31
C PRO C 11 11.39 16.47 17.12
N THR C 12 11.14 15.43 16.34
CA THR C 12 12.13 14.40 16.01
C THR C 12 12.37 14.31 14.51
N ALA C 13 13.60 13.94 14.15
CA ALA C 13 14.03 13.80 12.77
C ALA C 13 13.92 12.36 12.27
N SER C 14 13.73 11.42 13.17
CA SER C 14 13.68 9.99 12.89
C SER C 14 13.30 9.27 14.19
N PRO C 15 12.89 8.01 14.11
CA PRO C 15 12.46 7.31 15.33
C PRO C 15 13.54 7.26 16.40
N ASP C 16 14.79 7.18 15.99
CA ASP C 16 15.90 7.06 16.91
C ASP C 16 16.52 8.40 17.30
N ASP C 17 15.87 9.51 16.96
CA ASP C 17 16.45 10.85 17.19
C ASP C 17 16.28 11.25 18.65
N ILE C 18 17.38 11.33 19.40
CA ILE C 18 17.35 11.75 20.79
C ILE C 18 17.92 13.15 20.97
N SER C 19 18.21 13.87 19.88
CA SER C 19 19.01 15.08 19.99
C SER C 19 18.24 16.22 20.65
N GLY C 20 16.94 16.35 20.36
CA GLY C 20 16.15 17.38 21.00
C GLY C 20 16.05 17.18 22.50
N LEU C 21 15.87 15.93 22.93
CA LEU C 21 15.90 15.63 24.36
C LEU C 21 17.27 15.95 24.95
N ALA C 22 18.33 15.49 24.28
CA ALA C 22 19.67 15.70 24.81
C ALA C 22 19.96 17.19 24.96
N THR C 23 19.52 18.00 24.00
CA THR C 23 19.68 19.44 24.14
C THR C 23 19.08 19.92 25.46
N LEU C 24 17.85 19.49 25.75
CA LEU C 24 17.18 19.97 26.95
C LEU C 24 17.86 19.47 28.22
N ILE C 25 18.44 18.26 28.18
CA ILE C 25 19.18 17.76 29.33
C ILE C 25 20.48 18.53 29.50
N ASP C 26 21.22 18.75 28.41
CA ASP C 26 22.53 19.41 28.52
C ASP C 26 22.42 20.85 29.01
N SER C 27 21.31 21.52 28.68
CA SER C 27 21.11 22.89 29.15
C SER C 27 20.56 22.94 30.57
N GLY C 28 20.29 21.81 31.19
CA GLY C 28 19.75 21.80 32.53
C GLY C 28 18.25 22.02 32.64
N LYS C 29 17.53 22.11 31.52
CA LYS C 29 16.08 22.29 31.60
C LYS C 29 15.37 21.01 32.04
N ILE C 30 15.95 19.85 31.76
CA ILE C 30 15.40 18.56 32.16
C ILE C 30 16.44 17.82 33.00
N ASN C 31 16.04 17.40 34.20
CA ASN C 31 16.83 16.46 34.99
C ASN C 31 16.42 15.05 34.56
N PRO C 32 17.27 14.29 33.88
CA PRO C 32 16.80 13.00 33.32
C PRO C 32 16.26 12.05 34.37
N ALA C 33 16.73 12.15 35.61
CA ALA C 33 16.21 11.29 36.67
C ALA C 33 14.76 11.60 37.03
N GLU C 34 14.21 12.72 36.58
CA GLU C 34 12.84 13.10 36.88
C GLU C 34 11.86 12.75 35.76
N ILE C 35 12.34 12.22 34.64
CA ILE C 35 11.45 11.76 33.59
C ILE C 35 10.67 10.54 34.07
N VAL C 36 9.35 10.59 33.95
CA VAL C 36 8.51 9.47 34.32
C VAL C 36 7.81 8.84 33.13
N ALA C 37 7.73 9.52 31.99
CA ALA C 37 7.09 8.93 30.82
C ALA C 37 7.47 9.72 29.58
N ILE C 38 7.51 9.00 28.46
CA ILE C 38 7.67 9.62 27.14
C ILE C 38 6.59 9.06 26.23
N LEU C 39 5.80 9.96 25.64
CA LEU C 39 4.75 9.60 24.71
C LEU C 39 5.17 10.07 23.32
N GLY C 40 5.30 9.14 22.39
CA GLY C 40 5.83 9.43 21.08
C GLY C 40 4.84 9.20 19.95
N LYS C 41 4.99 9.99 18.89
CA LYS C 41 4.48 9.65 17.55
C LYS C 41 5.70 9.31 16.68
N THR C 42 5.76 8.06 16.23
CA THR C 42 6.85 7.55 15.40
C THR C 42 6.33 7.24 14.00
N GLU C 43 7.21 7.35 13.01
CA GLU C 43 6.80 7.47 11.61
C GLU C 43 6.70 6.11 10.87
N GLY C 44 6.55 5.02 11.60
CA GLY C 44 6.15 3.75 11.01
C GLY C 44 4.66 3.78 10.65
N ASN C 45 4.16 2.61 10.24
CA ASN C 45 2.79 2.59 9.73
C ASN C 45 1.74 2.50 10.83
N GLY C 46 2.16 2.40 12.10
CA GLY C 46 1.22 2.38 13.20
C GLY C 46 0.38 1.14 13.32
N CYS C 47 0.69 0.10 12.55
CA CYS C 47 -0.12 -1.11 12.53
C CYS C 47 0.68 -2.28 13.11
N VAL C 48 0.58 -3.47 12.52
CA VAL C 48 1.24 -4.63 13.14
C VAL C 48 2.76 -4.55 12.94
N ASN C 49 3.19 -4.49 11.69
CA ASN C 49 4.62 -4.49 11.36
C ASN C 49 5.16 -3.07 11.35
N ASP C 50 5.10 -2.43 12.52
CA ASP C 50 5.71 -1.12 12.74
C ASP C 50 6.81 -1.30 13.78
N PHE C 51 8.07 -1.20 13.33
CA PHE C 51 9.21 -1.36 14.21
C PHE C 51 9.85 -0.04 14.58
N THR C 52 9.29 1.08 14.11
CA THR C 52 9.75 2.37 14.58
C THR C 52 9.42 2.57 16.04
N ARG C 53 8.35 1.93 16.53
CA ARG C 53 8.00 2.06 17.94
C ARG C 53 9.12 1.50 18.82
N GLY C 54 9.51 0.25 18.59
CA GLY C 54 10.60 -0.35 19.36
C GLY C 54 11.93 0.32 19.10
N PHE C 55 12.19 0.75 17.86
CA PHE C 55 13.42 1.45 17.55
C PHE C 55 13.53 2.73 18.36
N ALA C 56 12.42 3.48 18.48
CA ALA C 56 12.42 4.70 19.27
C ALA C 56 12.63 4.41 20.76
N THR C 57 11.91 3.43 21.30
CA THR C 57 12.06 3.08 22.71
C THR C 57 13.49 2.63 23.01
N GLN C 58 14.07 1.79 22.14
CA GLN C 58 15.42 1.32 22.39
C GLN C 58 16.41 2.48 22.41
N SER C 59 16.28 3.41 21.46
CA SER C 59 17.21 4.53 21.42
C SER C 59 17.06 5.43 22.65
N LEU C 60 15.82 5.66 23.09
CA LEU C 60 15.62 6.51 24.26
C LEU C 60 16.10 5.81 25.53
N ALA C 61 15.82 4.53 25.68
CA ALA C 61 16.27 3.79 26.87
C ALA C 61 17.79 3.71 26.93
N MET C 62 18.44 3.45 25.79
CA MET C 62 19.89 3.42 25.72
C MET C 62 20.51 4.77 26.07
N TYR C 63 19.94 5.86 25.55
CA TYR C 63 20.46 7.18 25.86
C TYR C 63 20.30 7.53 27.33
N LEU C 64 19.08 7.32 27.88
CA LEU C 64 18.85 7.68 29.28
C LEU C 64 19.64 6.79 30.23
N ALA C 65 19.79 5.50 29.89
CA ALA C 65 20.60 4.62 30.74
C ALA C 65 22.05 5.10 30.80
N GLU C 66 22.57 5.58 29.67
CA GLU C 66 23.92 6.14 29.63
C GLU C 66 23.99 7.42 30.47
N LYS C 67 22.93 8.23 30.46
CA LYS C 67 22.94 9.49 31.20
C LYS C 67 22.82 9.25 32.70
N LEU C 68 22.03 8.25 33.11
CA LEU C 68 21.79 7.99 34.52
C LEU C 68 22.75 6.97 35.11
N GLY C 69 23.68 6.46 34.32
CA GLY C 69 24.61 5.47 34.82
C GLY C 69 23.99 4.15 35.20
N ILE C 70 22.83 3.81 34.65
CA ILE C 70 22.15 2.56 34.97
C ILE C 70 21.94 1.75 33.69
N SER C 71 21.30 0.61 33.82
CA SER C 71 21.13 -0.27 32.68
C SER C 71 19.85 0.07 31.92
N ARG C 72 19.82 -0.36 30.64
CA ARG C 72 18.61 -0.28 29.84
C ARG C 72 17.43 -0.90 30.58
N GLU C 73 17.62 -2.11 31.10
CA GLU C 73 16.56 -2.81 31.82
C GLU C 73 15.96 -1.94 32.91
N GLU C 74 16.80 -1.20 33.64
CA GLU C 74 16.31 -0.39 34.75
C GLU C 74 15.50 0.80 34.24
N VAL C 75 15.90 1.38 33.11
CA VAL C 75 15.15 2.52 32.59
C VAL C 75 13.75 2.09 32.20
N VAL C 76 13.62 0.98 31.47
CA VAL C 76 12.30 0.54 31.03
C VAL C 76 11.41 0.10 32.20
N LYS C 77 11.99 -0.24 33.35
CA LYS C 77 11.19 -0.52 34.54
C LYS C 77 10.78 0.75 35.28
N LYS C 78 11.47 1.87 35.06
CA LYS C 78 11.19 3.11 35.77
C LYS C 78 10.38 4.12 34.96
N VAL C 79 10.52 4.11 33.64
CA VAL C 79 9.94 5.14 32.77
C VAL C 79 8.96 4.48 31.83
N ALA C 80 7.78 5.08 31.69
CA ALA C 80 6.80 4.62 30.71
C ALA C 80 7.19 5.09 29.31
N PHE C 81 7.36 4.14 28.40
CA PHE C 81 7.65 4.44 27.00
C PHE C 81 6.45 4.02 26.19
N ILE C 82 5.70 4.98 25.69
CA ILE C 82 4.51 4.73 24.88
C ILE C 82 4.77 5.35 23.52
N MET C 83 5.15 4.52 22.54
CA MET C 83 5.40 4.97 21.18
C MET C 83 4.21 4.55 20.32
N SER C 84 3.47 5.55 19.83
CA SER C 84 2.33 5.31 18.94
C SER C 84 2.77 5.59 17.51
N GLY C 85 2.82 4.56 16.69
CA GLY C 85 3.21 4.73 15.31
C GLY C 85 2.12 5.36 14.46
N GLY C 86 2.50 5.69 13.23
CA GLY C 86 1.59 6.27 12.27
C GLY C 86 1.63 7.78 12.29
N THR C 87 2.34 8.40 11.37
CA THR C 87 2.35 9.85 11.22
C THR C 87 1.94 10.16 9.79
N GLU C 88 0.66 9.92 9.51
CA GLU C 88 0.09 10.10 8.18
C GLU C 88 -0.31 11.56 7.95
N GLY C 89 -0.61 11.87 6.71
CA GLY C 89 -0.97 13.22 6.35
C GLY C 89 0.17 14.16 6.66
N VAL C 90 -0.15 15.27 7.34
CA VAL C 90 0.85 16.25 7.73
C VAL C 90 1.30 16.07 9.18
N MET C 91 0.91 14.97 9.84
CA MET C 91 1.23 14.81 11.25
C MET C 91 2.75 14.71 11.44
N THR C 92 3.28 15.49 12.37
CA THR C 92 4.71 15.65 12.53
C THR C 92 5.24 14.70 13.61
N PRO C 93 6.24 13.87 13.31
CA PRO C 93 6.81 13.02 14.37
C PRO C 93 7.39 13.86 15.50
N HIS C 94 7.19 13.39 16.72
CA HIS C 94 7.65 14.12 17.90
C HIS C 94 7.54 13.19 19.10
N ILE C 95 8.14 13.63 20.21
CA ILE C 95 7.94 12.99 21.49
C ILE C 95 7.49 14.05 22.50
N THR C 96 6.70 13.59 23.48
CA THR C 96 6.24 14.42 24.58
C THR C 96 6.82 13.83 25.86
N VAL C 97 7.66 14.60 26.54
CA VAL C 97 8.42 14.10 27.68
C VAL C 97 7.79 14.65 28.95
N PHE C 98 7.42 13.74 29.86
CA PHE C 98 6.79 14.08 31.12
C PHE C 98 7.83 14.03 32.22
N VAL C 99 8.02 15.16 32.90
CA VAL C 99 8.95 15.30 34.01
C VAL C 99 8.14 15.57 35.27
N ARG C 100 8.42 14.83 36.35
CA ARG C 100 7.72 15.02 37.61
C ARG C 100 8.72 14.98 38.76
N LYS C 101 8.60 15.95 39.65
CA LYS C 101 9.47 16.02 40.83
C LYS C 101 8.66 16.46 42.03
N ASP C 102 9.00 15.90 43.20
CA ASP C 102 8.47 16.42 44.45
C ASP C 102 9.14 17.76 44.76
N VAL C 103 8.35 18.70 45.28
CA VAL C 103 8.85 20.02 45.59
C VAL C 103 8.26 20.48 46.92
N ALA C 104 9.00 21.35 47.61
CA ALA C 104 8.51 22.04 48.80
C ALA C 104 8.01 23.41 48.35
N ALA C 105 6.69 23.55 48.24
CA ALA C 105 6.09 24.73 47.65
C ALA C 105 4.71 24.93 48.25
N PRO C 106 4.10 26.12 48.05
CA PRO C 106 2.76 26.36 48.60
C PRO C 106 1.62 25.93 47.70
N ALA C 107 0.38 26.16 48.15
CA ALA C 107 -0.84 25.73 47.49
C ALA C 107 -2.00 26.24 48.35
N ALA C 108 -3.23 26.15 47.81
CA ALA C 108 -3.49 25.60 46.49
C ALA C 108 -3.80 26.70 45.48
N PRO C 109 -3.08 26.70 44.38
CA PRO C 109 -3.32 27.70 43.33
C PRO C 109 -4.48 27.27 42.45
N GLY C 110 -5.43 26.53 43.02
CA GLY C 110 -6.35 25.76 42.21
C GLY C 110 -5.74 24.42 41.85
N LYS C 111 -6.37 23.76 40.87
CA LYS C 111 -5.88 22.45 40.43
C LYS C 111 -4.96 22.63 39.23
N ARG C 112 -3.84 21.90 39.25
CA ARG C 112 -2.80 22.01 38.24
C ARG C 112 -2.38 20.61 37.79
N LEU C 113 -1.64 20.56 36.69
CA LEU C 113 -1.37 19.29 36.01
C LEU C 113 -0.77 18.25 36.96
N ALA C 114 -1.24 17.02 36.85
CA ALA C 114 -0.74 15.90 37.64
C ALA C 114 -0.63 14.68 36.73
N VAL C 115 0.39 13.85 36.97
CA VAL C 115 0.60 12.67 36.15
C VAL C 115 0.94 11.49 37.07
N GLY C 116 0.47 10.31 36.69
CA GLY C 116 0.83 9.09 37.38
C GLY C 116 1.02 7.96 36.38
N VAL C 117 1.81 6.97 36.77
CA VAL C 117 2.20 5.88 35.88
C VAL C 117 2.00 4.55 36.58
N ALA C 118 1.66 3.53 35.80
CA ALA C 118 1.53 2.17 36.33
C ALA C 118 1.61 1.19 35.18
N PHE C 119 2.14 -0.01 35.48
CA PHE C 119 2.28 -1.08 34.52
C PHE C 119 1.45 -2.27 34.96
N THR C 120 0.94 -3.04 33.99
CA THR C 120 0.27 -4.30 34.32
C THR C 120 1.26 -5.46 34.20
N ARG C 121 0.81 -6.63 34.64
CA ARG C 121 1.52 -7.86 34.36
C ARG C 121 1.50 -8.15 32.86
N ASP C 122 2.38 -9.04 32.42
CA ASP C 122 2.35 -9.51 31.04
C ASP C 122 1.07 -10.34 30.82
N PHE C 123 0.54 -10.27 29.60
CA PHE C 123 -0.67 -10.98 29.21
C PHE C 123 -0.32 -12.14 28.28
N LEU C 124 -0.99 -13.27 28.46
CA LEU C 124 -0.94 -14.32 27.46
C LEU C 124 -1.66 -13.85 26.20
N PRO C 125 -1.31 -14.38 25.02
CA PRO C 125 -2.05 -14.00 23.80
C PRO C 125 -3.56 -14.20 23.94
N GLU C 126 -3.99 -15.29 24.56
CA GLU C 126 -5.42 -15.61 24.70
C GLU C 126 -6.15 -14.73 25.73
N GLU C 127 -5.44 -13.84 26.42
CA GLU C 127 -6.08 -12.91 27.34
C GLU C 127 -6.37 -11.55 26.69
N LEU C 128 -5.76 -11.25 25.55
CA LEU C 128 -6.00 -9.96 24.91
C LEU C 128 -7.43 -9.88 24.42
N GLY C 129 -8.02 -8.69 24.54
CA GLY C 129 -9.39 -8.45 24.13
C GLY C 129 -10.45 -9.08 25.00
N ARG C 130 -10.09 -9.55 26.18
CA ARG C 130 -11.00 -10.23 27.08
C ARG C 130 -10.90 -9.62 28.48
N MET C 131 -11.71 -10.17 29.40
CA MET C 131 -11.88 -9.54 30.71
C MET C 131 -10.59 -9.53 31.53
N GLU C 132 -9.72 -10.53 31.35
CA GLU C 132 -8.44 -10.51 32.04
C GLU C 132 -7.72 -9.19 31.78
N GLN C 133 -7.74 -8.73 30.53
CA GLN C 133 -7.09 -7.46 30.20
C GLN C 133 -7.87 -6.28 30.76
N VAL C 134 -9.21 -6.30 30.61
CA VAL C 134 -10.04 -5.23 31.18
C VAL C 134 -9.72 -5.05 32.66
N ASN C 135 -9.85 -6.13 33.43
CA ASN C 135 -9.76 -6.01 34.88
C ASN C 135 -8.36 -5.61 35.33
N GLU C 136 -7.33 -6.18 34.70
CA GLU C 136 -5.97 -5.84 35.10
C GLU C 136 -5.62 -4.41 34.73
N VAL C 137 -6.11 -3.92 33.57
CA VAL C 137 -5.93 -2.52 33.22
C VAL C 137 -6.62 -1.63 34.25
N ALA C 138 -7.88 -1.95 34.59
CA ALA C 138 -8.59 -1.17 35.60
C ALA C 138 -7.79 -1.06 36.89
N ARG C 139 -7.24 -2.19 37.36
CA ARG C 139 -6.42 -2.18 38.56
C ARG C 139 -5.27 -1.18 38.42
N ALA C 140 -4.60 -1.19 37.27
CA ALA C 140 -3.43 -0.35 37.06
C ALA C 140 -3.82 1.11 36.91
N VAL C 141 -4.97 1.40 36.32
CA VAL C 141 -5.41 2.79 36.23
C VAL C 141 -5.61 3.37 37.62
N LYS C 142 -6.26 2.61 38.51
CA LYS C 142 -6.43 3.05 39.89
C LYS C 142 -5.10 3.29 40.58
N GLU C 143 -4.13 2.41 40.36
CA GLU C 143 -2.79 2.62 40.90
C GLU C 143 -2.18 3.91 40.35
N ALA C 144 -2.35 4.15 39.04
CA ALA C 144 -1.74 5.35 38.44
C ALA C 144 -2.43 6.61 38.93
N MET C 145 -3.75 6.56 39.15
CA MET C 145 -4.44 7.68 39.78
C MET C 145 -3.80 8.04 41.12
N LYS C 146 -3.55 7.02 41.95
CA LYS C 146 -2.93 7.27 43.25
C LYS C 146 -1.54 7.87 43.09
N ASP C 147 -0.74 7.32 42.17
CA ASP C 147 0.58 7.90 41.90
C ASP C 147 0.47 9.37 41.51
N ALA C 148 -0.62 9.75 40.84
CA ALA C 148 -0.83 11.14 40.42
C ALA C 148 -1.43 12.02 41.52
N GLN C 149 -1.83 11.45 42.65
CA GLN C 149 -2.45 12.20 43.75
C GLN C 149 -3.81 12.77 43.31
N ILE C 150 -4.52 12.01 42.48
CA ILE C 150 -5.86 12.35 42.04
C ILE C 150 -6.82 11.36 42.70
N ASP C 151 -7.75 11.88 43.49
CA ASP C 151 -8.77 11.03 44.10
C ASP C 151 -10.12 11.15 43.41
N ASP C 152 -10.35 12.20 42.63
CA ASP C 152 -11.64 12.41 41.99
C ASP C 152 -11.53 12.04 40.51
N PRO C 153 -12.22 11.00 40.04
CA PRO C 153 -12.11 10.66 38.61
C PRO C 153 -12.50 11.77 37.68
N ARG C 154 -13.34 12.72 38.12
CA ARG C 154 -13.68 13.86 37.27
C ARG C 154 -12.47 14.73 36.98
N ASP C 155 -11.39 14.59 37.76
CA ASP C 155 -10.17 15.34 37.52
C ASP C 155 -9.19 14.58 36.64
N VAL C 156 -9.58 13.43 36.11
CA VAL C 156 -8.80 12.72 35.10
C VAL C 156 -9.28 13.17 33.73
N HIS C 157 -8.35 13.66 32.91
CA HIS C 157 -8.71 14.19 31.60
C HIS C 157 -8.15 13.39 30.42
N PHE C 158 -7.22 12.47 30.67
CA PHE C 158 -6.63 11.68 29.60
C PHE C 158 -5.92 10.50 30.23
N VAL C 159 -6.20 9.30 29.73
CA VAL C 159 -5.52 8.08 30.22
C VAL C 159 -4.92 7.42 29.00
N GLN C 160 -3.60 7.54 28.87
CA GLN C 160 -2.87 7.03 27.71
C GLN C 160 -2.29 5.66 28.03
N ILE C 161 -2.45 4.73 27.10
CA ILE C 161 -2.10 3.34 27.34
C ILE C 161 -1.37 2.77 26.13
N LYS C 162 -0.31 2.02 26.39
CA LYS C 162 0.28 1.16 25.37
C LYS C 162 -0.14 -0.28 25.70
N CYS C 163 -0.55 -1.04 24.68
CA CYS C 163 -1.03 -2.39 24.92
C CYS C 163 -0.51 -3.34 23.85
N PRO C 164 -0.65 -4.65 24.03
CA PRO C 164 -0.07 -5.60 23.06
C PRO C 164 -0.94 -5.90 21.86
N LEU C 165 -0.45 -6.77 20.98
CA LEU C 165 -1.23 -7.24 19.84
C LEU C 165 -0.85 -8.69 19.55
N LEU C 166 -1.56 -9.30 18.60
CA LEU C 166 -1.28 -10.66 18.17
C LEU C 166 -0.55 -10.66 16.83
N THR C 167 0.54 -11.42 16.75
CA THR C 167 1.17 -11.74 15.49
C THR C 167 0.73 -13.13 15.03
N ALA C 168 1.02 -13.44 13.77
CA ALA C 168 0.76 -14.79 13.26
C ALA C 168 1.45 -15.84 14.13
N GLU C 169 2.70 -15.58 14.52
CA GLU C 169 3.43 -16.55 15.32
C GLU C 169 2.80 -16.71 16.71
N ARG C 170 2.35 -15.62 17.33
CA ARG C 170 1.70 -15.77 18.63
C ARG C 170 0.37 -16.50 18.51
N ILE C 171 -0.39 -16.25 17.44
CA ILE C 171 -1.64 -16.96 17.23
C ILE C 171 -1.37 -18.44 17.01
N GLU C 172 -0.36 -18.77 16.20
CA GLU C 172 -0.01 -20.16 15.95
C GLU C 172 0.45 -20.84 17.24
N ASP C 173 1.24 -20.15 18.05
CA ASP C 173 1.68 -20.71 19.32
C ASP C 173 0.49 -20.99 20.23
N ALA C 174 -0.42 -20.01 20.36
CA ALA C 174 -1.63 -20.23 21.13
C ALA C 174 -2.37 -21.48 20.65
N LYS C 175 -2.48 -21.63 19.33
CA LYS C 175 -3.14 -22.81 18.76
C LYS C 175 -2.45 -24.09 19.19
N ARG C 176 -1.11 -24.10 19.16
CA ARG C 176 -0.37 -25.29 19.55
C ARG C 176 -0.57 -25.60 21.04
N ARG C 177 -0.77 -24.59 21.86
CA ARG C 177 -1.03 -24.81 23.28
C ARG C 177 -2.48 -25.18 23.56
N GLY C 178 -3.31 -25.33 22.52
CA GLY C 178 -4.70 -25.65 22.71
C GLY C 178 -5.60 -24.48 23.05
N LYS C 179 -5.16 -23.25 22.79
CA LYS C 179 -5.88 -22.06 23.20
C LYS C 179 -6.27 -21.24 21.97
N ASP C 180 -7.52 -20.79 21.92
CA ASP C 180 -7.92 -19.89 20.85
C ASP C 180 -7.88 -18.45 21.32
N VAL C 181 -7.56 -17.56 20.38
CA VAL C 181 -7.42 -16.15 20.68
C VAL C 181 -8.73 -15.45 20.34
N VAL C 182 -8.82 -14.16 20.72
CA VAL C 182 -10.10 -13.45 20.57
C VAL C 182 -10.42 -13.18 19.10
N VAL C 183 -9.41 -13.04 18.26
CA VAL C 183 -9.63 -12.90 16.83
C VAL C 183 -8.40 -13.42 16.10
N ASN C 184 -8.63 -14.14 15.00
CA ASN C 184 -7.54 -14.71 14.22
C ASN C 184 -7.17 -13.77 13.08
N ASP C 185 -6.67 -12.60 13.46
CA ASP C 185 -6.29 -11.59 12.48
C ASP C 185 -5.40 -10.59 13.17
N THR C 186 -4.17 -10.43 12.67
CA THR C 186 -3.21 -9.62 13.41
C THR C 186 -3.68 -8.16 13.49
N TYR C 187 -4.20 -7.62 12.39
CA TYR C 187 -4.61 -6.21 12.42
C TYR C 187 -5.78 -6.00 13.38
N LYS C 188 -6.82 -6.84 13.28
CA LYS C 188 -7.98 -6.71 14.14
C LYS C 188 -7.65 -6.96 15.60
N SER C 189 -6.60 -7.73 15.90
CA SER C 189 -6.24 -7.94 17.30
C SER C 189 -5.87 -6.63 17.99
N MET C 190 -5.36 -5.66 17.22
CA MET C 190 -5.02 -4.35 17.80
C MET C 190 -6.28 -3.67 18.32
N ALA C 191 -7.39 -3.80 17.59
CA ALA C 191 -8.64 -3.18 18.02
C ALA C 191 -9.16 -3.80 19.31
N TYR C 192 -9.02 -5.11 19.48
CA TYR C 192 -9.50 -5.78 20.68
C TYR C 192 -8.64 -5.43 21.88
N SER C 193 -7.32 -5.33 21.68
CA SER C 193 -6.43 -4.91 22.76
C SER C 193 -6.70 -3.46 23.16
N ARG C 194 -6.82 -2.56 22.16
CA ARG C 194 -7.19 -1.17 22.44
C ARG C 194 -8.53 -1.09 23.16
N GLY C 195 -9.52 -1.84 22.69
CA GLY C 195 -10.87 -1.73 23.23
C GLY C 195 -10.98 -2.27 24.65
N ALA C 196 -10.39 -3.43 24.90
CA ALA C 196 -10.42 -3.99 26.25
C ALA C 196 -9.70 -3.07 27.23
N SER C 197 -8.58 -2.48 26.80
CA SER C 197 -7.85 -1.54 27.65
C SER C 197 -8.66 -0.29 27.92
N ALA C 198 -9.39 0.19 26.91
CA ALA C 198 -10.21 1.39 27.09
C ALA C 198 -11.35 1.10 28.08
N LEU C 199 -11.95 -0.08 27.99
CA LEU C 199 -12.99 -0.44 28.93
C LEU C 199 -12.42 -0.57 30.34
N GLY C 200 -11.18 -1.06 30.46
CA GLY C 200 -10.52 -1.04 31.77
C GLY C 200 -10.50 0.35 32.38
N VAL C 201 -10.26 1.37 31.56
CA VAL C 201 -10.25 2.75 32.04
C VAL C 201 -11.64 3.17 32.50
N ALA C 202 -12.63 2.95 31.66
CA ALA C 202 -14.00 3.31 32.01
C ALA C 202 -14.44 2.60 33.28
N LEU C 203 -13.99 1.37 33.49
CA LEU C 203 -14.34 0.66 34.71
C LEU C 203 -13.64 1.31 35.91
N ALA C 204 -12.34 1.57 35.78
CA ALA C 204 -11.58 2.14 36.88
C ALA C 204 -12.13 3.50 37.29
N LEU C 205 -12.57 4.30 36.32
CA LEU C 205 -13.02 5.66 36.59
C LEU C 205 -14.50 5.75 36.93
N GLY C 206 -15.23 4.63 36.92
CA GLY C 206 -16.65 4.72 37.16
C GLY C 206 -17.46 5.26 36.01
N GLU C 207 -16.91 5.28 34.80
CA GLU C 207 -17.68 5.71 33.65
C GLU C 207 -18.71 4.67 33.24
N ILE C 208 -18.42 3.39 33.44
CA ILE C 208 -19.35 2.32 33.13
C ILE C 208 -19.30 1.29 34.25
N SER C 209 -20.46 0.71 34.56
CA SER C 209 -20.55 -0.29 35.62
C SER C 209 -19.98 -1.62 35.18
N ALA C 210 -19.35 -2.33 36.13
CA ALA C 210 -18.89 -3.67 35.83
C ALA C 210 -20.01 -4.53 35.27
N ASP C 211 -21.24 -4.32 35.78
CA ASP C 211 -22.42 -5.04 35.32
C ASP C 211 -22.51 -5.12 33.80
N LYS C 212 -22.04 -4.08 33.11
CA LYS C 212 -22.24 -3.90 31.69
C LYS C 212 -21.14 -4.52 30.85
N ILE C 213 -20.01 -4.92 31.44
CA ILE C 213 -18.83 -5.33 30.70
C ILE C 213 -18.73 -6.84 30.74
N SER C 214 -18.60 -7.46 29.55
CA SER C 214 -18.29 -8.87 29.42
C SER C 214 -17.50 -9.04 28.14
N ASN C 215 -16.95 -10.25 27.95
CA ASN C 215 -16.23 -10.55 26.72
C ASN C 215 -17.09 -10.23 25.50
N GLU C 216 -18.37 -10.56 25.57
CA GLU C 216 -19.24 -10.40 24.42
C GLU C 216 -19.41 -8.93 24.04
N ALA C 217 -19.34 -8.01 25.01
CA ALA C 217 -19.50 -6.60 24.70
C ALA C 217 -18.25 -5.98 24.07
N ILE C 218 -17.08 -6.59 24.27
CA ILE C 218 -15.83 -5.97 23.83
C ILE C 218 -15.80 -5.89 22.30
N CYS C 219 -15.58 -4.68 21.79
CA CYS C 219 -15.64 -4.35 20.36
C CYS C 219 -16.97 -4.77 19.72
N HIS C 220 -18.05 -4.73 20.50
CA HIS C 220 -19.39 -4.99 19.99
C HIS C 220 -20.40 -3.96 20.47
N ASP C 221 -20.41 -3.63 21.77
CA ASP C 221 -21.38 -2.65 22.30
C ASP C 221 -20.71 -1.28 22.29
N TRP C 222 -20.91 -0.53 21.21
CA TRP C 222 -20.28 0.78 21.09
C TRP C 222 -20.93 1.84 21.98
N ASN C 223 -22.07 1.54 22.62
CA ASN C 223 -22.60 2.46 23.62
C ASN C 223 -21.71 2.52 24.87
N LEU C 224 -20.82 1.55 25.06
CA LEU C 224 -19.90 1.55 26.18
C LEU C 224 -18.62 2.24 25.75
N TYR C 225 -18.24 3.31 26.44
CA TYR C 225 -16.97 3.94 26.11
C TYR C 225 -16.50 4.84 27.24
N SER C 226 -15.20 5.06 27.25
CA SER C 226 -14.56 6.05 28.10
C SER C 226 -14.46 7.36 27.33
N SER C 227 -14.59 8.46 28.05
CA SER C 227 -14.41 9.77 27.46
C SER C 227 -12.98 10.29 27.60
N VAL C 228 -12.09 9.55 28.25
CA VAL C 228 -10.72 10.03 28.43
C VAL C 228 -9.67 8.98 28.05
N ALA C 229 -10.10 7.75 27.78
CA ALA C 229 -9.15 6.69 27.43
C ALA C 229 -8.55 6.90 26.04
N SER C 230 -7.24 6.65 25.94
CA SER C 230 -6.52 6.75 24.66
C SER C 230 -5.55 5.58 24.62
N THR C 231 -5.83 4.57 23.81
CA THR C 231 -5.05 3.35 23.81
C THR C 231 -4.43 3.09 22.44
N SER C 232 -3.26 2.44 22.47
CA SER C 232 -2.42 2.26 21.29
C SER C 232 -1.68 0.94 21.43
N ALA C 233 -1.82 0.05 20.44
CA ALA C 233 -1.24 -1.29 20.50
C ALA C 233 0.07 -1.35 19.73
N GLY C 234 0.93 -2.27 20.14
CA GLY C 234 2.24 -2.39 19.52
C GLY C 234 2.76 -3.81 19.66
N VAL C 235 3.62 -4.20 18.72
CA VAL C 235 4.21 -5.54 18.73
C VAL C 235 5.33 -5.68 19.76
N GLU C 236 5.76 -4.60 20.40
CA GLU C 236 7.02 -4.60 21.14
C GLU C 236 6.86 -4.77 22.64
N LEU C 237 5.70 -5.21 23.13
CA LEU C 237 5.53 -5.41 24.56
C LEU C 237 4.42 -6.43 24.81
N LEU C 238 4.43 -7.00 26.00
CA LEU C 238 3.45 -8.01 26.37
C LEU C 238 2.49 -7.56 27.47
N ASN C 239 2.66 -6.37 28.02
CA ASN C 239 1.77 -5.87 29.07
C ASN C 239 1.13 -4.56 28.60
N ASP C 240 0.45 -3.89 29.53
CA ASP C 240 -0.07 -2.53 29.31
C ASP C 240 0.71 -1.54 30.18
N GLU C 241 1.07 -0.40 29.62
CA GLU C 241 1.67 0.71 30.35
C GLU C 241 0.67 1.86 30.36
N ILE C 242 0.46 2.47 31.53
CA ILE C 242 -0.60 3.44 31.73
C ILE C 242 0.01 4.78 32.16
N ILE C 243 -0.45 5.87 31.52
CA ILE C 243 -0.19 7.22 32.00
C ILE C 243 -1.54 7.88 32.28
N VAL C 244 -1.78 8.22 33.55
CA VAL C 244 -2.94 9.00 33.94
C VAL C 244 -2.55 10.47 33.97
N VAL C 245 -3.33 11.32 33.31
CA VAL C 245 -3.07 12.76 33.27
C VAL C 245 -4.33 13.51 33.70
N GLY C 246 -4.20 14.33 34.72
CA GLY C 246 -5.31 15.13 35.19
C GLY C 246 -4.81 16.35 35.90
N ASN C 247 -5.64 16.87 36.80
CA ASN C 247 -5.25 17.98 37.66
C ASN C 247 -5.61 17.64 39.10
N SER C 248 -4.81 18.16 40.03
CA SER C 248 -5.09 17.91 41.44
C SER C 248 -4.68 19.12 42.25
N THR C 249 -5.24 19.19 43.46
CA THR C 249 -4.92 20.27 44.38
C THR C 249 -3.49 20.18 44.91
N ASN C 250 -2.84 19.02 44.78
CA ASN C 250 -1.50 18.82 45.30
C ASN C 250 -0.43 19.00 44.23
N SER C 251 -0.66 19.90 43.29
CA SER C 251 0.25 20.13 42.18
C SER C 251 0.80 21.55 42.22
N ALA C 252 2.09 21.66 41.91
CA ALA C 252 2.75 22.95 41.74
C ALA C 252 3.14 23.21 40.29
N SER C 253 2.59 22.46 39.34
CA SER C 253 2.93 22.71 37.95
C SER C 253 2.30 24.02 37.47
N ASP C 254 2.96 24.66 36.51
CA ASP C 254 2.41 25.82 35.82
C ASP C 254 1.62 25.42 34.59
N LEU C 255 1.13 24.18 34.55
CA LEU C 255 0.37 23.63 33.44
C LEU C 255 -0.99 23.12 33.95
N VAL C 256 -1.94 23.00 33.01
CA VAL C 256 -3.23 22.39 33.25
C VAL C 256 -3.57 21.51 32.04
N ILE C 257 -4.50 20.59 32.25
CA ILE C 257 -5.04 19.79 31.15
C ILE C 257 -6.56 19.95 31.14
N GLY C 258 -7.12 20.00 29.94
CA GLY C 258 -8.56 19.93 29.76
C GLY C 258 -8.85 19.00 28.61
N HIS C 259 -10.13 18.68 28.44
CA HIS C 259 -10.49 17.75 27.38
C HIS C 259 -11.93 17.96 26.95
N SER C 260 -12.23 17.39 25.78
CA SER C 260 -13.59 17.24 25.30
C SER C 260 -13.63 15.89 24.60
N VAL C 261 -14.67 15.65 23.80
CA VAL C 261 -14.81 14.42 23.04
C VAL C 261 -15.27 14.79 21.64
N MET C 262 -14.48 14.43 20.64
CA MET C 262 -14.89 14.61 19.26
C MET C 262 -16.03 13.63 18.94
N LYS C 263 -17.16 14.17 18.47
CA LYS C 263 -18.28 13.29 18.17
C LYS C 263 -18.05 12.54 16.87
N ASP C 264 -17.24 13.10 15.98
CA ASP C 264 -16.84 12.43 14.74
C ASP C 264 -15.51 13.04 14.31
N ALA C 265 -14.99 12.54 13.18
CA ALA C 265 -13.63 12.85 12.77
C ALA C 265 -13.45 14.29 12.32
N ILE C 266 -14.54 15.02 12.04
CA ILE C 266 -14.43 16.39 11.56
C ILE C 266 -15.00 17.39 12.57
N ASP C 267 -15.09 16.98 13.84
CA ASP C 267 -15.70 17.80 14.89
C ASP C 267 -14.67 18.83 15.36
N ALA C 268 -14.50 19.89 14.58
CA ALA C 268 -13.62 20.98 15.00
C ALA C 268 -14.14 21.67 16.26
N ASP C 269 -15.45 21.69 16.46
CA ASP C 269 -16.03 22.32 17.65
C ASP C 269 -15.48 21.68 18.92
N ALA C 270 -15.31 20.36 18.92
CA ALA C 270 -14.75 19.68 20.07
C ALA C 270 -13.29 20.05 20.31
N VAL C 271 -12.53 20.30 19.24
CA VAL C 271 -11.16 20.78 19.40
C VAL C 271 -11.17 22.10 20.14
N ARG C 272 -12.02 23.04 19.70
CA ARG C 272 -12.12 24.33 20.38
C ARG C 272 -12.64 24.18 21.81
N ALA C 273 -13.56 23.23 22.05
CA ALA C 273 -14.03 23.00 23.41
C ALA C 273 -12.90 22.50 24.30
N ALA C 274 -12.08 21.59 23.80
CA ALA C 274 -10.96 21.11 24.61
C ALA C 274 -9.98 22.24 24.90
N LEU C 275 -9.69 23.08 23.90
CA LEU C 275 -8.86 24.25 24.14
C LEU C 275 -9.44 25.09 25.27
N LYS C 276 -10.74 25.37 25.19
CA LYS C 276 -11.37 26.20 26.21
C LYS C 276 -11.27 25.55 27.58
N ASP C 277 -11.42 24.22 27.64
CA ASP C 277 -11.37 23.54 28.93
C ASP C 277 -9.99 23.62 29.56
N ALA C 278 -8.94 23.80 28.74
CA ALA C 278 -7.57 23.98 29.20
C ALA C 278 -7.20 25.45 29.38
N GLY C 279 -8.18 26.35 29.37
CA GLY C 279 -7.93 27.76 29.62
C GLY C 279 -7.62 28.58 28.40
N ILE C 280 -7.59 28.00 27.20
CA ILE C 280 -7.22 28.69 25.98
C ILE C 280 -8.53 29.20 25.37
N ARG C 281 -8.80 30.49 25.57
CA ARG C 281 -10.09 31.08 25.26
C ARG C 281 -10.15 31.78 23.91
N SER C 282 -9.02 32.10 23.29
CA SER C 282 -9.01 32.79 22.02
C SER C 282 -7.86 32.27 21.16
N ASP C 283 -7.88 32.67 19.89
CA ASP C 283 -6.78 32.32 18.99
C ASP C 283 -5.46 32.90 19.50
N ASP C 284 -5.53 34.11 20.08
CA ASP C 284 -4.31 34.73 20.58
C ASP C 284 -3.64 33.94 21.69
N GLU C 285 -4.37 33.05 22.37
CA GLU C 285 -3.82 32.33 23.51
C GLU C 285 -3.33 30.94 23.12
N MET C 286 -3.32 30.61 21.83
CA MET C 286 -2.89 29.28 21.42
C MET C 286 -1.39 29.06 21.59
N ASP C 287 -0.61 30.12 21.73
CA ASP C 287 0.81 29.96 22.06
C ASP C 287 1.03 29.29 23.41
N ARG C 288 -0.02 29.08 24.20
CA ARG C 288 0.10 28.36 25.47
C ARG C 288 -0.03 26.85 25.31
N ILE C 289 -0.32 26.35 24.11
CA ILE C 289 -0.45 24.91 23.93
C ILE C 289 0.92 24.26 24.16
N VAL C 290 0.94 23.20 24.96
CA VAL C 290 2.10 22.33 25.01
C VAL C 290 1.93 21.15 24.06
N ASN C 291 0.77 20.51 24.13
CA ASN C 291 0.40 19.56 23.09
C ASN C 291 -1.10 19.35 23.12
N VAL C 292 -1.60 18.81 22.01
CA VAL C 292 -2.96 18.30 21.87
C VAL C 292 -2.86 16.81 21.62
N LEU C 293 -3.73 16.03 22.26
CA LEU C 293 -3.69 14.57 22.17
C LEU C 293 -5.10 14.05 21.91
N ALA C 294 -5.23 13.22 20.88
CA ALA C 294 -6.57 12.85 20.43
C ALA C 294 -6.58 11.45 19.83
N LYS C 295 -7.74 10.84 19.92
CA LYS C 295 -8.04 9.57 19.28
C LYS C 295 -8.91 9.79 18.07
N ALA C 296 -8.67 9.02 17.01
CA ALA C 296 -9.36 9.13 15.73
C ALA C 296 -9.80 7.76 15.25
N GLU C 297 -10.92 7.68 14.54
CA GLU C 297 -11.31 6.38 13.99
C GLU C 297 -12.34 6.49 12.88
N ALA C 298 -12.36 5.45 12.03
CA ALA C 298 -13.46 5.22 11.12
C ALA C 298 -14.69 4.74 11.91
N ALA C 299 -15.84 5.35 11.65
CA ALA C 299 -17.08 4.90 12.26
C ALA C 299 -17.45 3.52 11.70
N SER C 300 -18.06 2.70 12.55
CA SER C 300 -18.44 1.36 12.09
C SER C 300 -19.47 1.43 10.96
N SER C 301 -20.23 2.52 10.85
CA SER C 301 -21.20 2.68 9.78
C SER C 301 -20.57 2.99 8.41
N GLY C 302 -19.29 3.32 8.34
CA GLY C 302 -18.71 3.69 7.07
C GLY C 302 -19.10 5.07 6.56
N THR C 303 -19.48 5.97 7.46
CA THR C 303 -20.02 7.26 7.10
C THR C 303 -19.52 8.33 8.07
N VAL C 304 -19.63 9.57 7.64
CA VAL C 304 -19.51 10.73 8.51
C VAL C 304 -20.68 11.62 8.16
N ARG C 305 -21.52 11.91 9.16
CA ARG C 305 -22.73 12.73 8.99
C ARG C 305 -23.53 12.31 7.76
N GLY C 306 -23.69 11.00 7.62
CA GLY C 306 -24.49 10.42 6.55
C GLY C 306 -23.78 10.25 5.24
N ARG C 307 -22.54 10.75 5.09
CA ARG C 307 -21.78 10.71 3.85
C ARG C 307 -20.84 9.50 3.86
N ARG C 308 -20.94 8.67 2.84
CA ARG C 308 -20.10 7.48 2.74
C ARG C 308 -18.62 7.82 2.59
N ASN C 309 -17.76 7.01 3.18
CA ASN C 309 -16.34 7.00 2.83
C ASN C 309 -15.89 5.55 2.71
N THR C 310 -14.67 5.35 2.21
CA THR C 310 -14.16 4.05 1.85
C THR C 310 -13.14 3.52 2.85
N MET C 311 -13.03 4.14 4.03
CA MET C 311 -11.99 3.72 4.97
C MET C 311 -12.09 2.24 5.33
N LEU C 312 -13.31 1.72 5.54
CA LEU C 312 -13.45 0.31 5.89
C LEU C 312 -13.33 -0.63 4.69
N ASP C 313 -13.41 -0.12 3.45
CA ASP C 313 -13.34 -0.91 2.23
C ASP C 313 -11.96 -0.97 1.60
N ASP C 314 -11.04 -0.09 1.99
CA ASP C 314 -9.82 0.11 1.24
C ASP C 314 -8.81 -0.96 1.63
N SER C 315 -8.58 -1.92 0.73
CA SER C 315 -7.62 -2.98 0.99
C SER C 315 -6.17 -2.55 0.81
N ASP C 316 -5.93 -1.34 0.32
CA ASP C 316 -4.57 -0.85 0.14
C ASP C 316 -4.05 -0.07 1.34
N ILE C 317 -4.94 0.55 2.09
CA ILE C 317 -4.56 1.41 3.20
C ILE C 317 -5.50 1.12 4.35
N ASN C 318 -4.96 0.64 5.47
CA ASN C 318 -5.80 0.32 6.62
C ASN C 318 -6.43 1.58 7.21
N HIS C 319 -7.64 1.40 7.76
CA HIS C 319 -8.46 2.55 8.13
C HIS C 319 -7.86 3.36 9.28
N THR C 320 -7.03 2.76 10.15
CA THR C 320 -6.43 3.58 11.21
C THR C 320 -5.45 4.60 10.65
N ARG C 321 -4.76 4.26 9.55
CA ARG C 321 -3.86 5.22 8.91
C ARG C 321 -4.64 6.42 8.39
N SER C 322 -5.77 6.17 7.71
CA SER C 322 -6.61 7.24 7.19
C SER C 322 -7.21 8.09 8.31
N ALA C 323 -7.73 7.44 9.35
CA ALA C 323 -8.33 8.18 10.46
C ALA C 323 -7.34 9.14 11.11
N ARG C 324 -6.10 8.70 11.29
CA ARG C 324 -5.08 9.57 11.88
C ARG C 324 -4.81 10.78 10.99
N ALA C 325 -4.70 10.55 9.67
CA ALA C 325 -4.45 11.67 8.76
C ALA C 325 -5.56 12.70 8.87
N VAL C 326 -6.80 12.24 8.94
CA VAL C 326 -7.97 13.13 8.94
C VAL C 326 -8.01 13.97 10.21
N VAL C 327 -7.96 13.32 11.37
CA VAL C 327 -8.13 14.05 12.63
C VAL C 327 -6.93 14.93 12.92
N ASN C 328 -5.71 14.47 12.57
CA ASN C 328 -4.58 15.37 12.69
C ASN C 328 -4.77 16.63 11.86
N ALA C 329 -5.26 16.47 10.62
CA ALA C 329 -5.48 17.64 9.75
C ALA C 329 -6.53 18.58 10.34
N VAL C 330 -7.62 18.03 10.86
CA VAL C 330 -8.65 18.87 11.47
C VAL C 330 -8.07 19.66 12.65
N ILE C 331 -7.37 18.97 13.57
CA ILE C 331 -6.76 19.66 14.71
C ILE C 331 -5.78 20.71 14.23
N ALA C 332 -4.93 20.33 13.25
CA ALA C 332 -3.90 21.25 12.76
C ALA C 332 -4.51 22.51 12.19
N SER C 333 -5.68 22.39 11.54
CA SER C 333 -6.30 23.56 10.97
C SER C 333 -6.88 24.47 12.04
N VAL C 334 -7.23 23.93 13.21
CA VAL C 334 -7.71 24.78 14.31
C VAL C 334 -6.55 25.46 15.04
N VAL C 335 -5.48 24.73 15.34
CA VAL C 335 -4.40 25.28 16.16
C VAL C 335 -3.24 25.79 15.34
N GLY C 336 -3.23 25.55 14.02
CA GLY C 336 -2.18 26.07 13.17
C GLY C 336 -0.87 25.33 13.26
N ASP C 337 -0.88 24.07 13.66
CA ASP C 337 0.32 23.30 13.98
C ASP C 337 0.00 21.81 13.84
N PRO C 338 0.61 21.11 12.89
CA PRO C 338 0.36 19.66 12.77
C PRO C 338 1.19 18.78 13.70
N MET C 339 2.02 19.35 14.54
CA MET C 339 2.83 18.56 15.48
C MET C 339 2.03 18.37 16.76
N VAL C 340 1.01 17.52 16.64
CA VAL C 340 0.16 17.13 17.74
C VAL C 340 0.01 15.61 17.69
N TYR C 341 -0.40 15.04 18.82
CA TYR C 341 -0.51 13.60 18.98
C TYR C 341 -1.89 13.12 18.55
N VAL C 342 -1.95 12.28 17.52
CA VAL C 342 -3.21 11.66 17.13
C VAL C 342 -2.96 10.16 16.93
N SER C 343 -3.79 9.34 17.56
CA SER C 343 -3.67 7.90 17.53
C SER C 343 -4.96 7.33 16.96
N GLY C 344 -4.83 6.25 16.18
CA GLY C 344 -5.95 5.71 15.44
C GLY C 344 -6.57 4.51 16.13
N GLY C 345 -7.85 4.28 15.87
CA GLY C 345 -8.56 3.18 16.49
C GLY C 345 -9.10 3.54 17.86
N ALA C 346 -10.37 3.94 17.94
CA ALA C 346 -10.95 4.54 19.13
C ALA C 346 -12.07 3.67 19.68
N GLU C 347 -11.82 2.35 19.71
CA GLU C 347 -12.78 1.39 20.24
C GLU C 347 -13.02 1.63 21.73
N HIS C 348 -14.28 1.92 22.07
CA HIS C 348 -14.70 2.25 23.43
C HIS C 348 -13.97 3.47 23.99
N GLN C 349 -13.48 4.32 23.08
CA GLN C 349 -12.84 5.59 23.40
C GLN C 349 -13.68 6.63 22.69
N GLY C 350 -14.55 7.31 23.43
CA GLY C 350 -15.54 8.16 22.82
C GLY C 350 -16.50 7.30 22.02
N PRO C 351 -17.52 7.94 21.45
CA PRO C 351 -18.53 7.20 20.69
C PRO C 351 -17.97 6.64 19.40
N ASP C 352 -18.77 5.76 18.79
CA ASP C 352 -18.44 5.13 17.53
C ASP C 352 -18.18 6.18 16.45
N GLY C 353 -16.93 6.27 15.99
CA GLY C 353 -16.54 7.26 15.00
C GLY C 353 -15.90 8.52 15.59
N GLY C 354 -15.92 8.66 16.92
CA GLY C 354 -15.29 9.76 17.61
C GLY C 354 -14.28 9.25 18.65
N GLY C 355 -13.73 10.21 19.40
CA GLY C 355 -12.68 9.87 20.36
C GLY C 355 -12.35 11.06 21.25
N PRO C 356 -11.71 10.80 22.39
CA PRO C 356 -11.34 11.89 23.29
C PRO C 356 -10.25 12.77 22.71
N ILE C 357 -10.23 14.02 23.17
CA ILE C 357 -9.19 14.97 22.77
C ILE C 357 -8.85 15.82 24.00
N ALA C 358 -7.56 15.82 24.37
CA ALA C 358 -7.09 16.57 25.51
C ALA C 358 -6.08 17.62 25.07
N VAL C 359 -6.01 18.70 25.84
CA VAL C 359 -5.07 19.78 25.62
C VAL C 359 -4.30 20.01 26.92
N ILE C 360 -2.97 20.00 26.82
CA ILE C 360 -2.10 20.43 27.91
C ILE C 360 -1.61 21.83 27.57
N ALA C 361 -1.82 22.77 28.50
CA ALA C 361 -1.56 24.18 28.26
C ALA C 361 -0.83 24.79 29.45
N ARG C 362 -0.03 25.81 29.15
CA ARG C 362 0.48 26.70 30.18
C ARG C 362 -0.67 27.50 30.77
N VAL C 363 -0.65 27.71 32.08
CA VAL C 363 -1.72 28.48 32.74
C VAL C 363 -1.70 29.94 32.28
N MET D 2 47.48 -17.21 6.68
CA MET D 2 46.47 -18.19 6.26
C MET D 2 45.09 -17.87 6.83
N GLN D 3 44.11 -17.66 5.96
CA GLN D 3 42.77 -17.24 6.35
C GLN D 3 41.77 -18.38 6.16
N LYS D 4 40.85 -18.50 7.11
CA LYS D 4 39.71 -19.40 6.99
C LYS D 4 38.43 -18.59 7.20
N VAL D 5 37.40 -18.91 6.42
CA VAL D 5 36.14 -18.18 6.46
C VAL D 5 35.01 -19.14 6.78
N GLU D 6 34.21 -18.82 7.80
CA GLU D 6 33.00 -19.54 8.15
C GLU D 6 31.81 -18.59 7.97
N VAL D 7 30.69 -19.13 7.50
CA VAL D 7 29.51 -18.33 7.19
C VAL D 7 28.30 -18.98 7.85
N PHE D 8 27.53 -18.18 8.58
CA PHE D 8 26.38 -18.64 9.35
C PHE D 8 25.13 -17.89 8.91
N ARG D 9 24.14 -18.64 8.44
CA ARG D 9 22.84 -18.10 8.07
C ARG D 9 21.89 -18.36 9.24
N ILE D 10 21.36 -17.29 9.83
CA ILE D 10 20.66 -17.36 11.11
C ILE D 10 19.27 -16.75 10.93
N PRO D 11 18.19 -17.52 11.13
CA PRO D 11 16.85 -16.90 11.08
C PRO D 11 16.69 -15.89 12.20
N THR D 12 15.90 -14.86 11.92
CA THR D 12 15.59 -13.81 12.90
C THR D 12 14.08 -13.70 13.07
N ALA D 13 13.65 -13.41 14.32
CA ALA D 13 12.24 -13.24 14.64
C ALA D 13 11.75 -11.81 14.49
N SER D 14 12.66 -10.86 14.33
CA SER D 14 12.34 -9.45 14.27
C SER D 14 13.62 -8.72 13.90
N PRO D 15 13.54 -7.43 13.55
CA PRO D 15 14.77 -6.71 13.18
C PRO D 15 15.81 -6.67 14.28
N ASP D 16 15.38 -6.63 15.54
CA ASP D 16 16.27 -6.45 16.67
C ASP D 16 16.66 -7.79 17.31
N ASP D 17 16.33 -8.90 16.67
CA ASP D 17 16.59 -10.22 17.24
C ASP D 17 18.06 -10.62 17.08
N ILE D 18 18.76 -10.74 18.20
CA ILE D 18 20.15 -11.18 18.22
C ILE D 18 20.30 -12.57 18.82
N SER D 19 19.19 -13.24 19.14
CA SER D 19 19.25 -14.47 19.93
C SER D 19 19.94 -15.60 19.17
N GLY D 20 19.68 -15.72 17.87
CA GLY D 20 20.34 -16.77 17.09
C GLY D 20 21.85 -16.58 17.06
N LEU D 21 22.29 -15.33 16.90
CA LEU D 21 23.72 -15.07 16.98
C LEU D 21 24.24 -15.31 18.39
N ALA D 22 23.45 -14.95 19.41
CA ALA D 22 23.89 -15.14 20.79
C ALA D 22 24.07 -16.63 21.10
N THR D 23 23.18 -17.48 20.59
CA THR D 23 23.29 -18.91 20.84
C THR D 23 24.60 -19.47 20.30
N LEU D 24 24.98 -19.05 19.10
CA LEU D 24 26.20 -19.56 18.48
C LEU D 24 27.45 -19.03 19.17
N ILE D 25 27.41 -17.79 19.66
CA ILE D 25 28.55 -17.29 20.43
C ILE D 25 28.64 -18.00 21.77
N ASP D 26 27.53 -18.04 22.52
CA ASP D 26 27.54 -18.65 23.84
C ASP D 26 27.94 -20.12 23.80
N SER D 27 27.77 -20.78 22.66
CA SER D 27 28.15 -22.18 22.52
C SER D 27 29.58 -22.36 22.01
N GLY D 28 30.34 -21.28 21.91
CA GLY D 28 31.70 -21.35 21.43
C GLY D 28 31.85 -21.55 19.94
N LYS D 29 30.75 -21.68 19.20
CA LYS D 29 30.85 -21.92 17.77
C LYS D 29 31.24 -20.67 16.98
N ILE D 30 31.02 -19.48 17.55
CA ILE D 30 31.43 -18.22 16.94
C ILE D 30 32.19 -17.41 17.98
N ASN D 31 33.41 -16.98 17.62
CA ASN D 31 34.16 -16.04 18.44
C ASN D 31 33.84 -14.64 17.95
N PRO D 32 33.15 -13.80 18.73
CA PRO D 32 32.70 -12.50 18.19
C PRO D 32 33.84 -11.64 17.67
N ALA D 33 35.05 -11.79 18.22
CA ALA D 33 36.17 -10.97 17.77
C ALA D 33 36.54 -11.23 16.32
N GLU D 34 36.18 -12.39 15.77
CA GLU D 34 36.54 -12.77 14.41
C GLU D 34 35.46 -12.43 13.40
N ILE D 35 34.32 -11.90 13.83
CA ILE D 35 33.28 -11.47 12.90
C ILE D 35 33.80 -10.28 12.11
N VAL D 36 33.63 -10.33 10.79
CA VAL D 36 34.03 -9.22 9.93
C VAL D 36 32.87 -8.57 9.20
N ALA D 37 31.73 -9.24 9.04
CA ALA D 37 30.60 -8.65 8.34
C ALA D 37 29.32 -9.40 8.68
N ILE D 38 28.21 -8.68 8.65
CA ILE D 38 26.89 -9.26 8.80
C ILE D 38 26.00 -8.72 7.70
N LEU D 39 25.46 -9.62 6.89
CA LEU D 39 24.57 -9.28 5.78
C LEU D 39 23.15 -9.71 6.14
N GLY D 40 22.25 -8.75 6.23
CA GLY D 40 20.92 -9.00 6.76
C GLY D 40 19.81 -8.74 5.76
N LYS D 41 18.73 -9.51 5.89
CA LYS D 41 17.45 -9.20 5.30
C LYS D 41 16.51 -8.81 6.45
N THR D 42 16.05 -7.56 6.45
CA THR D 42 15.20 -7.03 7.51
C THR D 42 13.82 -6.71 6.94
N GLU D 43 12.80 -6.83 7.80
CA GLU D 43 11.43 -6.97 7.32
C GLU D 43 10.68 -5.64 7.12
N GLY D 44 11.39 -4.52 7.06
CA GLY D 44 10.81 -3.27 6.59
C GLY D 44 10.55 -3.31 5.10
N ASN D 45 10.17 -2.16 4.54
CA ASN D 45 9.73 -2.17 3.13
C ASN D 45 10.88 -2.06 2.13
N GLY D 46 12.12 -1.93 2.60
CA GLY D 46 13.27 -1.92 1.71
C GLY D 46 13.41 -0.69 0.85
N CYS D 47 12.57 0.33 1.06
CA CYS D 47 12.54 1.52 0.21
C CYS D 47 13.06 2.71 1.02
N VAL D 48 12.40 3.87 0.98
CA VAL D 48 12.97 5.06 1.60
C VAL D 48 12.78 5.03 3.11
N ASN D 49 11.52 4.88 3.53
CA ASN D 49 11.16 4.90 4.95
C ASN D 49 11.19 3.49 5.52
N ASP D 50 12.37 2.86 5.46
CA ASP D 50 12.60 1.57 6.10
C ASP D 50 13.56 1.79 7.26
N PHE D 51 13.04 1.72 8.48
CA PHE D 51 13.85 1.94 9.67
C PHE D 51 14.28 0.64 10.33
N THR D 52 13.87 -0.51 9.78
CA THR D 52 14.34 -1.81 10.28
C THR D 52 15.82 -2.02 9.97
N ARG D 53 16.32 -1.39 8.89
CA ARG D 53 17.76 -1.43 8.62
C ARG D 53 18.55 -0.88 9.79
N GLY D 54 18.29 0.38 10.17
CA GLY D 54 19.03 0.98 11.27
C GLY D 54 18.73 0.31 12.60
N PHE D 55 17.48 -0.11 12.80
CA PHE D 55 17.11 -0.82 14.03
C PHE D 55 17.95 -2.09 14.17
N ALA D 56 18.06 -2.85 13.09
CA ALA D 56 18.84 -4.09 13.13
C ALA D 56 20.31 -3.81 13.39
N THR D 57 20.88 -2.81 12.69
CA THR D 57 22.29 -2.50 12.87
C THR D 57 22.56 -2.04 14.29
N GLN D 58 21.67 -1.20 14.85
CA GLN D 58 21.87 -0.71 16.19
C GLN D 58 21.78 -1.85 17.21
N SER D 59 20.83 -2.76 17.03
CA SER D 59 20.68 -3.86 17.96
C SER D 59 21.92 -4.76 17.94
N LEU D 60 22.44 -5.04 16.74
CA LEU D 60 23.63 -5.87 16.62
C LEU D 60 24.86 -5.16 17.18
N ALA D 61 24.98 -3.85 16.91
CA ALA D 61 26.11 -3.10 17.44
C ALA D 61 26.09 -3.05 18.96
N MET D 62 24.91 -2.79 19.54
CA MET D 62 24.76 -2.89 21.00
C MET D 62 25.28 -4.22 21.50
N TYR D 63 24.79 -5.32 20.91
CA TYR D 63 25.07 -6.64 21.45
C TYR D 63 26.56 -6.97 21.33
N LEU D 64 27.14 -6.75 20.16
CA LEU D 64 28.55 -7.09 19.99
C LEU D 64 29.46 -6.19 20.79
N ALA D 65 29.02 -4.96 21.08
CA ALA D 65 29.83 -4.07 21.92
C ALA D 65 29.91 -4.59 23.35
N GLU D 66 28.78 -4.97 23.93
CA GLU D 66 28.80 -5.50 25.29
C GLU D 66 29.53 -6.84 25.38
N LYS D 67 29.61 -7.57 24.27
CA LYS D 67 30.31 -8.84 24.24
C LYS D 67 31.81 -8.68 23.96
N LEU D 68 32.20 -7.65 23.23
CA LEU D 68 33.61 -7.36 22.99
C LEU D 68 34.17 -6.33 23.95
N GLY D 69 33.35 -5.77 24.84
CA GLY D 69 33.81 -4.79 25.80
C GLY D 69 34.13 -3.43 25.23
N ILE D 70 33.77 -3.16 23.98
CA ILE D 70 34.11 -1.90 23.32
C ILE D 70 32.84 -1.10 23.11
N SER D 71 32.97 0.06 22.47
CA SER D 71 31.84 0.94 22.24
C SER D 71 31.12 0.60 20.93
N ARG D 72 29.83 0.95 20.88
CA ARG D 72 29.05 0.75 19.66
C ARG D 72 29.76 1.39 18.46
N GLU D 73 30.26 2.62 18.63
CA GLU D 73 30.86 3.35 17.53
C GLU D 73 32.09 2.64 16.99
N GLU D 74 32.85 1.98 17.85
CA GLU D 74 34.01 1.21 17.38
C GLU D 74 33.57 -0.07 16.67
N VAL D 75 32.44 -0.66 17.08
CA VAL D 75 31.97 -1.87 16.43
C VAL D 75 31.64 -1.59 14.96
N VAL D 76 30.98 -0.46 14.69
CA VAL D 76 30.58 -0.18 13.32
C VAL D 76 31.79 0.17 12.46
N LYS D 77 32.89 0.60 13.08
CA LYS D 77 34.12 0.84 12.33
C LYS D 77 34.88 -0.45 12.06
N LYS D 78 34.68 -1.48 12.87
CA LYS D 78 35.34 -2.76 12.68
C LYS D 78 34.56 -3.69 11.76
N VAL D 79 33.25 -3.81 11.98
CA VAL D 79 32.42 -4.82 11.31
C VAL D 79 31.53 -4.12 10.29
N ALA D 80 31.49 -4.67 9.07
CA ALA D 80 30.54 -4.19 8.08
C ALA D 80 29.15 -4.69 8.43
N PHE D 81 28.20 -3.77 8.53
CA PHE D 81 26.79 -4.09 8.72
C PHE D 81 26.08 -3.67 7.43
N ILE D 82 25.59 -4.66 6.68
CA ILE D 82 24.87 -4.42 5.43
C ILE D 82 23.47 -5.00 5.63
N MET D 83 22.51 -4.14 5.95
CA MET D 83 21.13 -4.54 6.17
C MET D 83 20.30 -4.14 4.96
N SER D 84 19.77 -5.13 4.26
CA SER D 84 18.93 -4.90 3.09
C SER D 84 17.48 -5.15 3.53
N GLY D 85 16.68 -4.09 3.54
CA GLY D 85 15.29 -4.23 3.91
C GLY D 85 14.47 -4.81 2.78
N GLY D 86 13.26 -5.23 3.12
CA GLY D 86 12.32 -5.79 2.15
C GLY D 86 12.34 -7.29 2.14
N THR D 87 11.36 -7.91 2.81
CA THR D 87 11.23 -9.37 2.86
C THR D 87 9.81 -9.70 2.38
N GLU D 88 9.56 -9.46 1.10
CA GLU D 88 8.24 -9.63 0.51
C GLU D 88 8.02 -11.09 0.13
N GLY D 89 6.78 -11.41 -0.23
CA GLY D 89 6.44 -12.77 -0.58
C GLY D 89 6.65 -13.71 0.58
N VAL D 90 7.36 -14.81 0.30
CA VAL D 90 7.71 -15.79 1.32
C VAL D 90 9.13 -15.62 1.84
N MET D 91 9.82 -14.53 1.44
CA MET D 91 11.21 -14.36 1.86
C MET D 91 11.31 -14.23 3.38
N THR D 92 12.20 -15.05 3.95
CA THR D 92 12.33 -15.18 5.40
C THR D 92 13.40 -14.24 5.94
N PRO D 93 13.07 -13.38 6.91
CA PRO D 93 14.10 -12.55 7.55
C PRO D 93 15.21 -13.38 8.19
N HIS D 94 16.45 -12.96 7.97
CA HIS D 94 17.63 -13.67 8.46
C HIS D 94 18.83 -12.73 8.36
N ILE D 95 19.92 -13.12 9.01
CA ILE D 95 21.22 -12.48 8.85
C ILE D 95 22.25 -13.54 8.45
N THR D 96 23.25 -13.11 7.69
CA THR D 96 24.37 -13.97 7.32
C THR D 96 25.64 -13.40 7.94
N VAL D 97 26.26 -14.15 8.84
CA VAL D 97 27.44 -13.70 9.59
C VAL D 97 28.69 -14.31 8.99
N PHE D 98 29.65 -13.46 8.64
CA PHE D 98 30.92 -13.88 8.07
C PHE D 98 31.99 -13.81 9.16
N VAL D 99 32.66 -14.94 9.41
CA VAL D 99 33.74 -15.06 10.37
C VAL D 99 35.02 -15.33 9.60
N ARG D 100 36.08 -14.60 9.93
CA ARG D 100 37.38 -14.78 9.31
C ARG D 100 38.40 -14.98 10.43
N LYS D 101 38.87 -16.20 10.57
CA LYS D 101 39.87 -16.59 11.57
C LYS D 101 41.17 -16.94 10.85
N ASP D 102 42.29 -16.51 11.44
CA ASP D 102 43.62 -16.82 10.91
C ASP D 102 44.08 -18.13 11.55
N VAL D 103 44.15 -19.20 10.75
CA VAL D 103 44.51 -20.52 11.24
C VAL D 103 45.60 -21.08 10.35
N ALA D 104 46.74 -21.43 10.94
CA ALA D 104 47.75 -22.17 10.21
C ALA D 104 47.25 -23.58 9.94
N ALA D 105 47.50 -24.08 8.73
CA ALA D 105 46.97 -25.36 8.29
C ALA D 105 47.58 -25.68 6.94
N PRO D 106 47.61 -26.97 6.55
CA PRO D 106 48.19 -27.37 5.26
C PRO D 106 47.54 -26.66 4.07
N PRO D 109 45.47 -27.08 -0.59
CA PRO D 109 45.36 -27.14 -2.05
C PRO D 109 43.93 -26.98 -2.54
N GLY D 110 43.76 -26.35 -3.69
CA GLY D 110 42.44 -26.00 -4.17
C GLY D 110 41.98 -24.65 -3.65
N LYS D 111 41.06 -24.04 -4.39
CA LYS D 111 40.57 -22.70 -4.09
C LYS D 111 39.38 -22.77 -3.14
N ARG D 112 39.38 -21.92 -2.12
CA ARG D 112 38.34 -21.97 -1.09
C ARG D 112 37.89 -20.55 -0.74
N LEU D 113 36.75 -20.48 -0.06
CA LEU D 113 36.12 -19.21 0.25
C LEU D 113 37.12 -18.25 0.89
N ALA D 114 37.12 -17.02 0.40
CA ALA D 114 37.89 -15.93 1.01
C ALA D 114 37.03 -14.68 0.96
N VAL D 115 37.16 -13.84 2.00
CA VAL D 115 36.34 -12.64 2.11
C VAL D 115 37.24 -11.47 2.46
N GLY D 116 36.87 -10.30 1.93
CA GLY D 116 37.58 -9.07 2.23
C GLY D 116 36.62 -7.91 2.42
N VAL D 117 36.91 -7.03 3.37
CA VAL D 117 36.06 -5.88 3.66
C VAL D 117 36.86 -4.62 3.37
N ALA D 118 36.15 -3.55 3.06
CA ALA D 118 36.78 -2.25 2.81
C ALA D 118 35.69 -1.19 2.84
N PHE D 119 35.88 -0.17 3.69
CA PHE D 119 35.01 0.99 3.72
C PHE D 119 35.61 2.08 2.83
N THR D 120 34.73 2.82 2.16
CA THR D 120 35.18 4.00 1.43
C THR D 120 35.19 5.21 2.34
N ARG D 121 35.78 6.30 1.85
CA ARG D 121 35.59 7.59 2.49
C ARG D 121 34.13 8.02 2.37
N ASP D 122 33.73 8.94 3.25
CA ASP D 122 32.38 9.49 3.18
C ASP D 122 32.22 10.34 1.92
N PHE D 123 31.05 10.26 1.30
CA PHE D 123 30.77 10.98 0.07
C PHE D 123 29.99 12.25 0.35
N LEU D 124 30.30 13.30 -0.41
CA LEU D 124 29.42 14.46 -0.45
C LEU D 124 28.14 14.10 -1.21
N PRO D 125 27.00 14.71 -0.83
CA PRO D 125 25.77 14.42 -1.59
C PRO D 125 25.91 14.71 -3.08
N GLU D 126 26.65 15.76 -3.45
CA GLU D 126 26.87 16.06 -4.85
C GLU D 126 27.68 14.97 -5.54
N GLU D 127 28.33 14.07 -4.81
CA GLU D 127 29.11 13.00 -5.40
C GLU D 127 28.32 11.72 -5.58
N LEU D 128 27.11 11.63 -5.01
CA LEU D 128 26.33 10.40 -5.12
C LEU D 128 25.84 10.21 -6.54
N GLY D 129 25.93 8.96 -7.02
CA GLY D 129 25.48 8.63 -8.35
C GLY D 129 26.34 9.17 -9.47
N ARG D 130 27.59 9.51 -9.18
CA ARG D 130 28.47 10.15 -10.16
C ARG D 130 29.83 9.47 -10.13
N MET D 131 30.71 9.91 -11.03
CA MET D 131 32.01 9.27 -11.18
C MET D 131 32.80 9.24 -9.88
N GLU D 132 32.65 10.26 -9.02
CA GLU D 132 33.36 10.26 -7.76
C GLU D 132 33.03 9.01 -6.94
N GLN D 133 31.74 8.65 -6.87
CA GLN D 133 31.36 7.44 -6.15
C GLN D 133 31.88 6.20 -6.87
N VAL D 134 31.80 6.18 -8.20
CA VAL D 134 32.31 5.04 -8.97
C VAL D 134 33.79 4.80 -8.65
N ASN D 135 34.62 5.83 -8.82
CA ASN D 135 36.05 5.65 -8.67
C ASN D 135 36.43 5.25 -7.24
N GLU D 136 35.80 5.88 -6.24
CA GLU D 136 36.14 5.57 -4.87
C GLU D 136 35.71 4.16 -4.49
N VAL D 137 34.56 3.72 -4.99
CA VAL D 137 34.13 2.34 -4.72
C VAL D 137 35.11 1.35 -5.37
N ALA D 138 35.57 1.65 -6.58
CA ALA D 138 36.53 0.76 -7.24
C ALA D 138 37.80 0.63 -6.40
N ARG D 139 38.23 1.71 -5.77
CA ARG D 139 39.39 1.65 -4.87
C ARG D 139 39.16 0.65 -3.75
N ALA D 140 38.08 0.82 -2.99
CA ALA D 140 37.85 -0.03 -1.83
C ALA D 140 37.66 -1.49 -2.23
N VAL D 141 37.13 -1.75 -3.43
CA VAL D 141 36.96 -3.13 -3.89
C VAL D 141 38.32 -3.79 -4.06
N LYS D 142 39.28 -3.09 -4.66
CA LYS D 142 40.64 -3.61 -4.75
C LYS D 142 41.26 -3.73 -3.35
N GLU D 143 41.01 -2.76 -2.48
CA GLU D 143 41.43 -2.89 -1.09
C GLU D 143 40.84 -4.15 -0.47
N ALA D 144 39.54 -4.40 -0.68
CA ALA D 144 38.92 -5.60 -0.13
C ALA D 144 39.40 -6.86 -0.83
N MET D 145 39.64 -6.79 -2.15
CA MET D 145 40.31 -7.88 -2.83
C MET D 145 41.64 -8.23 -2.16
N LYS D 146 42.37 -7.22 -1.67
CA LYS D 146 43.62 -7.47 -0.97
C LYS D 146 43.40 -8.22 0.33
N ASP D 147 42.55 -7.69 1.21
CA ASP D 147 42.25 -8.35 2.48
C ASP D 147 41.76 -9.78 2.24
N ALA D 148 41.16 -10.04 1.09
CA ALA D 148 40.72 -11.39 0.73
C ALA D 148 41.87 -12.27 0.24
N GLN D 149 43.04 -11.70 -0.03
CA GLN D 149 44.15 -12.46 -0.59
C GLN D 149 43.78 -13.08 -1.94
N ILE D 150 42.91 -12.40 -2.68
CA ILE D 150 42.49 -12.83 -4.01
C ILE D 150 43.22 -11.96 -5.03
N ASP D 151 43.94 -12.60 -5.95
CA ASP D 151 44.69 -11.89 -6.98
C ASP D 151 43.95 -11.81 -8.31
N ASP D 152 43.25 -12.87 -8.69
CA ASP D 152 42.56 -12.94 -9.97
C ASP D 152 41.11 -12.51 -9.78
N PRO D 153 40.66 -11.44 -10.44
CA PRO D 153 39.24 -11.04 -10.28
C PRO D 153 38.27 -12.11 -10.74
N ARG D 154 38.70 -13.03 -11.62
CA ARG D 154 37.86 -14.14 -12.00
C ARG D 154 37.50 -15.02 -10.80
N ASP D 155 38.25 -14.89 -9.71
CA ASP D 155 37.95 -15.60 -8.48
C ASP D 155 37.01 -14.83 -7.57
N VAL D 156 36.54 -13.65 -8.00
CA VAL D 156 35.53 -12.90 -7.26
C VAL D 156 34.16 -13.30 -7.79
N HIS D 157 33.28 -13.72 -6.88
CA HIS D 157 31.96 -14.21 -7.23
C HIS D 157 30.81 -13.36 -6.70
N PHE D 158 31.07 -12.43 -5.79
CA PHE D 158 29.99 -11.61 -5.24
C PHE D 158 30.62 -10.41 -4.52
N VAL D 159 30.13 -9.22 -4.82
CA VAL D 159 30.62 -7.99 -4.20
C VAL D 159 29.41 -7.27 -3.63
N GLN D 160 29.21 -7.38 -2.33
CA GLN D 160 28.05 -6.80 -1.67
C GLN D 160 28.42 -5.43 -1.12
N ILE D 161 27.54 -4.45 -1.31
CA ILE D 161 27.81 -3.08 -0.90
C ILE D 161 26.57 -2.47 -0.26
N LYS D 162 26.78 -1.79 0.87
CA LYS D 162 25.80 -0.88 1.44
C LYS D 162 26.22 0.52 1.02
N CYS D 163 25.32 1.25 0.38
CA CYS D 163 25.63 2.57 -0.15
C CYS D 163 24.62 3.57 0.37
N PRO D 164 24.95 4.87 0.30
CA PRO D 164 24.05 5.88 0.87
C PRO D 164 22.95 6.33 -0.08
N LEU D 165 22.08 7.21 0.40
CA LEU D 165 21.05 7.84 -0.42
C LEU D 165 21.01 9.32 -0.09
N LEU D 166 20.24 10.08 -0.87
CA LEU D 166 20.11 11.52 -0.68
C LEU D 166 18.83 11.79 0.13
N THR D 167 18.99 12.39 1.30
CA THR D 167 17.87 12.84 2.12
C THR D 167 17.57 14.31 1.80
N ALA D 168 16.42 14.78 2.32
CA ALA D 168 16.04 16.17 2.11
C ALA D 168 17.12 17.11 2.62
N GLU D 169 17.71 16.79 3.79
CA GLU D 169 18.72 17.68 4.37
C GLU D 169 20.03 17.60 3.61
N ARG D 170 20.42 16.42 3.14
CA ARG D 170 21.63 16.30 2.34
C ARG D 170 21.51 17.03 1.02
N ILE D 171 20.29 17.16 0.48
CA ILE D 171 20.07 18.00 -0.69
C ILE D 171 20.21 19.47 -0.31
N GLU D 172 19.58 19.89 0.80
CA GLU D 172 19.74 21.25 1.29
C GLU D 172 21.20 21.59 1.54
N ASP D 173 21.99 20.60 1.99
CA ASP D 173 23.41 20.84 2.22
C ASP D 173 24.14 21.18 0.93
N ALA D 174 24.00 20.35 -0.10
CA ALA D 174 24.57 20.66 -1.40
C ALA D 174 24.00 21.97 -1.95
N LYS D 175 22.73 22.25 -1.67
CA LYS D 175 22.14 23.54 -2.04
C LYS D 175 22.89 24.68 -1.37
N ARG D 176 23.04 24.62 -0.04
CA ARG D 176 23.79 25.63 0.69
C ARG D 176 25.21 25.77 0.13
N ARG D 177 25.88 24.64 -0.13
CA ARG D 177 27.27 24.67 -0.57
C ARG D 177 27.44 25.10 -2.03
N GLY D 178 26.34 25.30 -2.77
CA GLY D 178 26.44 25.76 -4.13
C GLY D 178 26.65 24.68 -5.16
N LYS D 179 26.16 23.47 -4.92
CA LYS D 179 26.33 22.35 -5.84
C LYS D 179 25.01 21.60 -5.98
N ASP D 180 24.74 21.11 -7.19
CA ASP D 180 23.52 20.36 -7.45
C ASP D 180 23.78 18.85 -7.29
N VAL D 181 22.70 18.10 -7.13
CA VAL D 181 22.78 16.67 -6.91
C VAL D 181 22.29 15.93 -8.16
N VAL D 182 22.47 14.61 -8.15
CA VAL D 182 22.20 13.82 -9.34
C VAL D 182 20.71 13.70 -9.60
N VAL D 183 19.89 13.75 -8.56
CA VAL D 183 18.43 13.66 -8.70
C VAL D 183 17.82 14.22 -7.43
N ASN D 184 16.57 14.69 -7.54
CA ASN D 184 15.86 15.29 -6.42
C ASN D 184 15.06 14.26 -5.62
N ASP D 185 14.61 13.19 -6.25
CA ASP D 185 13.80 12.18 -5.57
C ASP D 185 14.70 11.32 -4.69
N THR D 186 14.35 11.22 -3.41
CA THR D 186 15.13 10.40 -2.50
C THR D 186 15.08 8.92 -2.91
N TYR D 187 13.92 8.45 -3.37
CA TYR D 187 13.82 7.07 -3.83
C TYR D 187 14.72 6.82 -5.04
N LYS D 188 14.75 7.76 -5.99
CA LYS D 188 15.56 7.57 -7.18
C LYS D 188 17.05 7.69 -6.88
N SER D 189 17.43 8.44 -5.83
CA SER D 189 18.82 8.48 -5.43
C SER D 189 19.31 7.08 -5.01
N MET D 190 18.40 6.24 -4.51
CA MET D 190 18.79 4.86 -4.18
C MET D 190 19.24 4.12 -5.44
N ALA D 191 18.54 4.31 -6.55
CA ALA D 191 18.95 3.68 -7.80
C ALA D 191 20.28 4.23 -8.29
N TYR D 192 20.48 5.55 -8.18
CA TYR D 192 21.73 6.14 -8.65
C TYR D 192 22.91 5.71 -7.78
N SER D 193 22.71 5.67 -6.46
CA SER D 193 23.77 5.21 -5.58
C SER D 193 24.06 3.74 -5.79
N ARG D 194 23.01 2.94 -6.01
CA ARG D 194 23.19 1.52 -6.29
C ARG D 194 23.92 1.31 -7.61
N GLY D 195 23.52 2.06 -8.65
CA GLY D 195 24.12 1.87 -9.96
C GLY D 195 25.56 2.34 -10.03
N ALA D 196 25.84 3.53 -9.50
CA ALA D 196 27.22 4.02 -9.49
C ALA D 196 28.13 3.06 -8.72
N SER D 197 27.66 2.57 -7.57
CA SER D 197 28.46 1.63 -6.80
C SER D 197 28.72 0.35 -7.57
N ALA D 198 27.71 -0.14 -8.30
CA ALA D 198 27.87 -1.35 -9.09
C ALA D 198 28.92 -1.15 -10.19
N LEU D 199 28.84 -0.03 -10.90
CA LEU D 199 29.84 0.27 -11.92
C LEU D 199 31.24 0.32 -11.32
N GLY D 200 31.36 0.76 -10.06
CA GLY D 200 32.65 0.72 -9.39
C GLY D 200 33.21 -0.69 -9.29
N VAL D 201 32.33 -1.69 -9.12
CA VAL D 201 32.80 -3.06 -9.08
C VAL D 201 33.24 -3.51 -10.46
N ALA D 202 32.42 -3.25 -11.48
CA ALA D 202 32.79 -3.62 -12.83
C ALA D 202 34.09 -2.95 -13.25
N LEU D 203 34.30 -1.71 -12.81
CA LEU D 203 35.53 -0.99 -13.14
C LEU D 203 36.75 -1.64 -12.48
N ALA D 204 36.63 -1.98 -11.20
CA ALA D 204 37.77 -2.54 -10.49
C ALA D 204 38.10 -3.94 -11.00
N LEU D 205 37.09 -4.76 -11.22
CA LEU D 205 37.31 -6.15 -11.64
C LEU D 205 37.64 -6.27 -13.12
N GLY D 206 37.77 -5.16 -13.84
CA GLY D 206 37.99 -5.22 -15.27
C GLY D 206 36.83 -5.77 -16.06
N GLU D 207 35.61 -5.77 -15.51
CA GLU D 207 34.45 -6.23 -16.26
C GLU D 207 34.07 -5.24 -17.35
N ILE D 208 34.32 -3.95 -17.14
CA ILE D 208 34.13 -2.92 -18.16
C ILE D 208 35.30 -1.95 -18.09
N SER D 209 35.71 -1.43 -19.25
CA SER D 209 36.82 -0.49 -19.29
C SER D 209 36.35 0.90 -18.87
N ALA D 210 37.30 1.70 -18.37
CA ALA D 210 36.94 2.97 -17.74
C ALA D 210 36.47 4.00 -18.76
N ASP D 211 36.92 3.92 -20.01
CA ASP D 211 36.57 4.93 -21.00
C ASP D 211 35.10 4.85 -21.43
N LYS D 212 34.39 3.77 -21.08
CA LYS D 212 32.95 3.71 -21.35
C LYS D 212 32.12 4.36 -20.25
N ILE D 213 32.68 4.55 -19.07
CA ILE D 213 31.93 5.02 -17.92
C ILE D 213 32.01 6.55 -17.88
N SER D 214 30.86 7.21 -17.88
CA SER D 214 30.78 8.64 -17.65
C SER D 214 29.61 8.89 -16.71
N ASN D 215 29.44 10.16 -16.32
CA ASN D 215 28.27 10.50 -15.51
C ASN D 215 26.98 10.24 -16.26
N GLU D 216 26.98 10.51 -17.58
CA GLU D 216 25.77 10.35 -18.37
C GLU D 216 25.38 8.88 -18.55
N ALA D 217 26.33 7.96 -18.41
CA ALA D 217 26.03 6.53 -18.54
C ALA D 217 25.37 5.95 -17.31
N ILE D 218 25.51 6.61 -16.16
CA ILE D 218 25.00 6.06 -14.89
C ILE D 218 23.48 6.05 -14.93
N CYS D 219 22.91 4.85 -14.77
CA CYS D 219 21.46 4.63 -14.79
C CYS D 219 20.83 5.01 -16.13
N HIS D 220 21.58 4.89 -17.22
CA HIS D 220 21.06 5.15 -18.56
C HIS D 220 21.54 4.09 -19.55
N ASP D 221 22.81 3.72 -19.50
CA ASP D 221 23.37 2.72 -20.42
C ASP D 221 23.41 1.36 -19.72
N TRP D 222 22.36 0.57 -19.93
CA TRP D 222 22.25 -0.73 -19.29
C TRP D 222 23.13 -1.80 -19.92
N ASN D 223 23.80 -1.49 -21.04
CA ASN D 223 24.79 -2.41 -21.59
C ASN D 223 25.99 -2.57 -20.65
N LEU D 224 26.19 -1.62 -19.75
CA LEU D 224 27.28 -1.68 -18.78
C LEU D 224 26.74 -2.29 -17.50
N TYR D 225 27.35 -3.38 -17.06
CA TYR D 225 26.95 -3.96 -15.79
C TYR D 225 28.02 -4.93 -15.29
N SER D 226 28.07 -5.07 -13.97
CA SER D 226 28.86 -6.08 -13.31
C SER D 226 28.04 -7.37 -13.24
N SER D 227 28.74 -8.49 -13.19
CA SER D 227 28.12 -9.79 -13.06
C SER D 227 28.22 -10.36 -11.65
N VAL D 228 28.80 -9.61 -10.71
CA VAL D 228 28.97 -10.09 -9.35
C VAL D 228 28.59 -9.03 -8.31
N ALA D 229 28.33 -7.80 -8.76
CA ALA D 229 28.01 -6.71 -7.84
C ALA D 229 26.59 -6.83 -7.32
N SER D 230 26.42 -6.47 -6.05
CA SER D 230 25.12 -6.53 -5.36
C SER D 230 25.08 -5.36 -4.39
N THR D 231 24.33 -4.32 -4.73
CA THR D 231 24.33 -3.07 -3.96
C THR D 231 22.96 -2.78 -3.38
N SER D 232 22.95 -2.21 -2.19
CA SER D 232 21.72 -1.96 -1.44
C SER D 232 21.89 -0.66 -0.70
N ALA D 233 20.91 0.23 -0.82
CA ALA D 233 21.00 1.57 -0.24
C ALA D 233 20.19 1.68 1.05
N GLY D 234 20.66 2.56 1.94
CA GLY D 234 19.96 2.88 3.16
C GLY D 234 20.29 4.29 3.59
N VAL D 235 19.54 4.77 4.57
CA VAL D 235 19.68 6.16 5.03
C VAL D 235 20.76 6.36 6.07
N GLU D 236 21.24 5.29 6.71
CA GLU D 236 21.91 5.41 7.99
C GLU D 236 23.43 5.58 7.87
N LEU D 237 23.94 5.92 6.68
CA LEU D 237 25.37 6.14 6.50
C LEU D 237 25.59 7.12 5.35
N LEU D 238 26.85 7.48 5.13
CA LEU D 238 27.20 8.33 3.99
C LEU D 238 28.38 7.82 3.19
N ASN D 239 28.94 6.66 3.51
CA ASN D 239 29.98 6.04 2.70
C ASN D 239 29.45 4.72 2.16
N ASP D 240 30.32 3.99 1.47
CA ASP D 240 30.02 2.65 0.96
C ASP D 240 30.79 1.63 1.79
N GLU D 241 30.11 0.56 2.21
CA GLU D 241 30.75 -0.56 2.88
C GLU D 241 30.74 -1.76 1.93
N ILE D 242 31.92 -2.33 1.68
CA ILE D 242 32.12 -3.33 0.64
C ILE D 242 32.55 -4.65 1.26
N ILE D 243 31.93 -5.74 0.78
CA ILE D 243 32.33 -7.10 1.12
C ILE D 243 32.62 -7.81 -0.18
N VAL D 244 33.89 -8.19 -0.39
CA VAL D 244 34.26 -9.03 -1.52
C VAL D 244 34.27 -10.49 -1.05
N VAL D 245 33.55 -11.35 -1.78
CA VAL D 245 33.50 -12.77 -1.47
C VAL D 245 33.96 -13.54 -2.71
N GLY D 246 34.85 -14.50 -2.51
CA GLY D 246 35.34 -15.28 -3.62
C GLY D 246 36.12 -16.49 -3.12
N ASN D 247 37.00 -16.98 -3.97
CA ASN D 247 37.80 -18.15 -3.66
C ASN D 247 39.27 -17.80 -3.84
N SER D 248 40.11 -18.25 -2.89
CA SER D 248 41.53 -17.98 -2.90
C SER D 248 42.30 -19.27 -2.64
N THR D 249 43.48 -19.39 -3.25
CA THR D 249 44.36 -20.51 -2.96
C THR D 249 44.94 -20.42 -1.54
N ASN D 250 45.10 -19.19 -1.03
CA ASN D 250 45.60 -18.98 0.31
C ASN D 250 44.45 -18.94 1.32
N SER D 251 43.67 -20.02 1.31
CA SER D 251 42.50 -20.13 2.17
C SER D 251 42.27 -21.59 2.53
N ALA D 252 41.83 -21.81 3.78
CA ALA D 252 41.57 -23.15 4.29
C ALA D 252 40.10 -23.33 4.66
N SER D 253 39.21 -22.59 4.00
CA SER D 253 37.79 -22.67 4.33
C SER D 253 37.18 -23.98 3.84
N ASP D 254 36.20 -24.47 4.60
CA ASP D 254 35.41 -25.62 4.21
C ASP D 254 34.25 -25.25 3.30
N LEU D 255 34.34 -24.09 2.65
CA LEU D 255 33.27 -23.56 1.82
C LEU D 255 33.85 -23.06 0.51
N VAL D 256 32.97 -22.90 -0.48
CA VAL D 256 33.29 -22.25 -1.75
C VAL D 256 32.10 -21.40 -2.15
N ILE D 257 32.34 -20.49 -3.09
CA ILE D 257 31.29 -19.64 -3.65
C ILE D 257 31.33 -19.78 -5.16
N GLY D 258 30.16 -19.95 -5.77
CA GLY D 258 30.00 -19.86 -7.21
C GLY D 258 28.92 -18.84 -7.52
N HIS D 259 28.70 -18.63 -8.81
CA HIS D 259 27.68 -17.66 -9.19
C HIS D 259 27.26 -17.85 -10.63
N SER D 260 26.18 -17.15 -10.98
CA SER D 260 25.73 -17.01 -12.35
C SER D 260 25.03 -15.65 -12.44
N VAL D 261 24.33 -15.42 -13.53
CA VAL D 261 23.57 -14.17 -13.70
C VAL D 261 22.17 -14.54 -14.17
N MET D 262 21.16 -14.12 -13.41
CA MET D 262 19.79 -14.26 -13.87
C MET D 262 19.56 -13.32 -15.04
N LYS D 263 19.20 -13.88 -16.19
CA LYS D 263 18.90 -13.05 -17.35
C LYS D 263 17.61 -12.26 -17.14
N ASP D 264 16.66 -12.82 -16.40
CA ASP D 264 15.45 -12.10 -16.05
C ASP D 264 14.95 -12.64 -14.71
N ALA D 265 13.81 -12.13 -14.27
CA ALA D 265 13.34 -12.40 -12.91
C ALA D 265 12.85 -13.82 -12.71
N ILE D 266 12.57 -14.57 -13.79
CA ILE D 266 12.10 -15.94 -13.65
C ILE D 266 13.14 -16.94 -14.16
N ASP D 267 14.41 -16.53 -14.22
CA ASP D 267 15.47 -17.36 -14.78
C ASP D 267 15.94 -18.41 -13.75
N ALA D 268 15.16 -19.50 -13.65
CA ALA D 268 15.55 -20.62 -12.80
C ALA D 268 16.78 -21.35 -13.34
N ASP D 269 17.03 -21.30 -14.65
CA ASP D 269 18.25 -21.90 -15.18
C ASP D 269 19.50 -21.27 -14.57
N ALA D 270 19.50 -19.95 -14.36
CA ALA D 270 20.67 -19.31 -13.77
C ALA D 270 20.83 -19.71 -12.30
N VAL D 271 19.71 -19.92 -11.58
CA VAL D 271 19.79 -20.42 -10.22
C VAL D 271 20.50 -21.75 -10.18
N ARG D 272 20.12 -22.67 -11.09
CA ARG D 272 20.75 -23.99 -11.11
C ARG D 272 22.22 -23.89 -11.55
N ALA D 273 22.53 -22.97 -12.46
CA ALA D 273 23.94 -22.79 -12.84
C ALA D 273 24.76 -22.26 -11.67
N ALA D 274 24.22 -21.30 -10.92
CA ALA D 274 24.95 -20.80 -9.76
C ALA D 274 25.22 -21.94 -8.77
N LEU D 275 24.21 -22.77 -8.52
CA LEU D 275 24.40 -23.93 -7.66
C LEU D 275 25.52 -24.82 -8.21
N LYS D 276 25.49 -25.09 -9.52
CA LYS D 276 26.51 -25.93 -10.12
C LYS D 276 27.89 -25.31 -9.98
N ASP D 277 28.01 -24.01 -10.24
CA ASP D 277 29.30 -23.37 -10.11
C ASP D 277 29.85 -23.48 -8.69
N ALA D 278 28.99 -23.68 -7.71
CA ALA D 278 29.40 -23.85 -6.31
C ALA D 278 29.45 -25.31 -5.88
N GLY D 279 29.39 -26.24 -6.83
CA GLY D 279 29.57 -27.65 -6.52
C GLY D 279 28.31 -28.39 -6.15
N ILE D 280 27.14 -27.82 -6.36
CA ILE D 280 25.86 -28.45 -6.06
C ILE D 280 25.25 -28.92 -7.38
N ARG D 281 25.17 -30.24 -7.56
CA ARG D 281 24.85 -30.84 -8.85
C ARG D 281 23.58 -31.66 -8.84
N SER D 282 22.94 -31.84 -7.69
CA SER D 282 21.71 -32.62 -7.61
C SER D 282 20.86 -32.09 -6.48
N ASP D 283 19.57 -32.40 -6.52
CA ASP D 283 18.67 -31.97 -5.45
C ASP D 283 19.09 -32.56 -4.11
N ASP D 284 19.73 -33.72 -4.11
CA ASP D 284 20.18 -34.34 -2.87
C ASP D 284 21.21 -33.47 -2.16
N GLU D 285 22.06 -32.79 -2.93
CA GLU D 285 23.13 -31.97 -2.37
C GLU D 285 22.69 -30.57 -1.99
N MET D 286 21.39 -30.27 -2.02
CA MET D 286 20.93 -28.93 -1.69
C MET D 286 21.25 -28.56 -0.25
N ASP D 287 21.33 -29.55 0.64
CA ASP D 287 21.59 -29.29 2.05
C ASP D 287 22.99 -28.73 2.28
N ARG D 288 23.83 -28.65 1.26
CA ARG D 288 25.12 -28.00 1.40
C ARG D 288 25.06 -26.49 1.22
N ILE D 289 23.91 -25.95 0.81
CA ILE D 289 23.76 -24.51 0.70
C ILE D 289 23.99 -23.87 2.06
N VAL D 290 24.85 -22.86 2.09
CA VAL D 290 24.90 -21.94 3.23
C VAL D 290 23.94 -20.78 3.03
N ASN D 291 24.04 -20.10 1.89
CA ASN D 291 23.02 -19.14 1.52
C ASN D 291 23.11 -18.91 0.02
N VAL D 292 22.01 -18.39 -0.53
CA VAL D 292 21.93 -17.92 -1.90
C VAL D 292 21.71 -16.42 -1.84
N LEU D 293 22.36 -15.68 -2.74
CA LEU D 293 22.37 -14.22 -2.69
C LEU D 293 22.14 -13.70 -4.10
N ALA D 294 21.10 -12.91 -4.31
CA ALA D 294 20.71 -12.54 -5.65
C ALA D 294 20.19 -11.11 -5.69
N LYS D 295 20.34 -10.49 -6.85
CA LYS D 295 19.74 -9.20 -7.15
C LYS D 295 18.50 -9.40 -8.04
N ALA D 296 17.48 -8.59 -7.78
CA ALA D 296 16.21 -8.62 -8.51
C ALA D 296 15.81 -7.22 -8.92
N GLU D 297 15.06 -7.13 -10.03
CA GLU D 297 14.55 -5.82 -10.45
C GLU D 297 13.49 -5.96 -11.54
N ALA D 298 12.70 -4.90 -11.68
CA ALA D 298 11.73 -4.79 -12.76
C ALA D 298 12.46 -4.33 -14.03
N ALA D 299 12.19 -4.99 -15.13
CA ALA D 299 12.80 -4.60 -16.40
C ALA D 299 12.21 -3.28 -16.89
N SER D 300 13.06 -2.42 -17.44
CA SER D 300 12.58 -1.11 -17.88
C SER D 300 11.56 -1.22 -19.02
N SER D 301 11.54 -2.35 -19.74
CA SER D 301 10.57 -2.55 -20.82
C SER D 301 9.14 -2.74 -20.32
N GLY D 302 8.95 -3.03 -19.02
CA GLY D 302 7.62 -3.33 -18.52
C GLY D 302 7.16 -4.73 -18.82
N THR D 303 8.06 -5.60 -19.26
CA THR D 303 7.70 -6.94 -19.70
C THR D 303 8.73 -7.94 -19.19
N VAL D 304 8.32 -9.19 -19.19
CA VAL D 304 9.19 -10.34 -18.96
C VAL D 304 8.85 -11.37 -20.03
N ARG D 305 9.86 -11.78 -20.81
CA ARG D 305 9.69 -12.75 -21.89
C ARG D 305 8.48 -12.41 -22.75
N GLY D 306 8.35 -11.13 -23.08
CA GLY D 306 7.30 -10.65 -23.94
C GLY D 306 5.97 -10.43 -23.27
N ARG D 307 5.86 -10.66 -21.97
CA ARG D 307 4.59 -10.56 -21.27
C ARG D 307 4.59 -9.32 -20.38
N ARG D 308 3.58 -8.49 -20.54
CA ARG D 308 3.45 -7.29 -19.71
C ARG D 308 3.24 -7.66 -18.24
N ASN D 309 3.76 -6.80 -17.36
CA ASN D 309 3.34 -6.80 -15.97
C ASN D 309 3.21 -5.35 -15.52
N THR D 310 2.64 -5.17 -14.33
CA THR D 310 2.24 -3.87 -13.82
C THR D 310 3.26 -3.26 -12.86
N MET D 311 4.44 -3.87 -12.70
CA MET D 311 5.35 -3.43 -11.65
C MET D 311 5.67 -1.95 -11.77
N LEU D 312 5.90 -1.46 -12.99
CA LEU D 312 6.26 -0.06 -13.18
C LEU D 312 5.04 0.87 -13.21
N ASP D 313 3.83 0.32 -13.32
CA ASP D 313 2.59 1.08 -13.34
C ASP D 313 1.83 1.03 -12.01
N ASP D 314 2.27 0.23 -11.06
CA ASP D 314 1.50 -0.03 -9.86
C ASP D 314 1.83 1.03 -8.83
N SER D 315 0.89 1.96 -8.62
CA SER D 315 1.12 3.06 -7.68
C SER D 315 0.91 2.67 -6.22
N ASP D 316 0.42 1.46 -5.94
CA ASP D 316 0.20 1.02 -4.57
C ASP D 316 1.41 0.30 -3.97
N ILE D 317 2.18 -0.39 -4.83
CA ILE D 317 3.30 -1.21 -4.40
C ILE D 317 4.53 -0.86 -5.24
N ASN D 318 5.57 -0.41 -4.57
CA ASN D 318 6.81 -0.05 -5.24
C ASN D 318 7.43 -1.25 -5.95
N HIS D 319 8.00 -1.01 -7.13
CA HIS D 319 8.41 -2.13 -7.99
C HIS D 319 9.56 -2.93 -7.38
N THR D 320 10.43 -2.30 -6.58
CA THR D 320 11.49 -3.08 -5.94
C THR D 320 10.91 -4.12 -4.98
N ARG D 321 9.78 -3.81 -4.33
CA ARG D 321 9.14 -4.78 -3.45
C ARG D 321 8.65 -5.98 -4.25
N SER D 322 8.02 -5.74 -5.40
CA SER D 322 7.51 -6.84 -6.20
C SER D 322 8.65 -7.68 -6.77
N ALA D 323 9.70 -7.03 -7.27
CA ALA D 323 10.82 -7.76 -7.85
C ALA D 323 11.45 -8.69 -6.81
N ARG D 324 11.61 -8.21 -5.58
CA ARG D 324 12.14 -9.05 -4.52
C ARG D 324 11.26 -10.25 -4.26
N ALA D 325 9.95 -10.04 -4.17
CA ALA D 325 9.05 -11.18 -3.96
C ALA D 325 9.21 -12.22 -5.06
N VAL D 326 9.26 -11.76 -6.33
CA VAL D 326 9.30 -12.69 -7.45
C VAL D 326 10.58 -13.52 -7.43
N VAL D 327 11.74 -12.85 -7.32
CA VAL D 327 13.01 -13.59 -7.46
C VAL D 327 13.23 -14.48 -6.26
N ASN D 328 12.80 -14.08 -5.07
CA ASN D 328 12.89 -14.98 -3.93
C ASN D 328 12.04 -16.22 -4.15
N ALA D 329 10.84 -16.05 -4.69
CA ALA D 329 9.98 -17.22 -4.90
C ALA D 329 10.59 -18.17 -5.91
N VAL D 330 11.22 -17.62 -6.95
CA VAL D 330 11.86 -18.46 -7.96
C VAL D 330 13.02 -19.23 -7.35
N ILE D 331 13.91 -18.55 -6.63
CA ILE D 331 15.02 -19.25 -6.01
C ILE D 331 14.51 -20.28 -5.01
N ALA D 332 13.52 -19.90 -4.21
CA ALA D 332 12.99 -20.81 -3.20
C ALA D 332 12.43 -22.08 -3.84
N SER D 333 11.80 -21.95 -5.01
CA SER D 333 11.21 -23.11 -5.67
C SER D 333 12.26 -24.05 -6.23
N VAL D 334 13.48 -23.55 -6.43
CA VAL D 334 14.57 -24.41 -6.88
C VAL D 334 15.24 -25.09 -5.69
N VAL D 335 15.53 -24.34 -4.63
CA VAL D 335 16.31 -24.90 -3.52
C VAL D 335 15.44 -25.40 -2.38
N GLY D 336 14.12 -25.16 -2.44
CA GLY D 336 13.20 -25.64 -1.42
C GLY D 336 13.25 -24.90 -0.11
N ASP D 337 13.60 -23.60 -0.12
CA ASP D 337 13.91 -22.86 1.10
C ASP D 337 13.82 -21.37 0.79
N PRO D 338 12.84 -20.66 1.35
CA PRO D 338 12.72 -19.23 1.07
C PRO D 338 13.65 -18.33 1.89
N MET D 339 14.46 -18.89 2.78
CA MET D 339 15.36 -18.09 3.61
C MET D 339 16.68 -17.88 2.85
N VAL D 340 16.60 -17.03 1.83
CA VAL D 340 17.74 -16.67 0.99
C VAL D 340 17.73 -15.16 0.81
N TYR D 341 18.90 -14.61 0.47
CA TYR D 341 19.06 -13.16 0.37
C TYR D 341 18.67 -12.69 -1.03
N VAL D 342 17.63 -11.84 -1.11
CA VAL D 342 17.29 -11.20 -2.37
C VAL D 342 17.12 -9.70 -2.12
N SER D 343 17.80 -8.90 -2.92
CA SER D 343 17.78 -7.45 -2.83
C SER D 343 17.32 -6.88 -4.15
N GLY D 344 16.59 -5.77 -4.09
CA GLY D 344 15.96 -5.19 -5.25
C GLY D 344 16.70 -3.99 -5.80
N GLY D 345 16.42 -3.68 -7.06
CA GLY D 345 17.10 -2.58 -7.74
C GLY D 345 18.46 -3.03 -8.23
N ALA D 346 18.55 -3.51 -9.46
CA ALA D 346 19.79 -4.12 -9.94
C ALA D 346 20.41 -3.29 -11.04
N GLU D 347 20.46 -1.97 -10.82
CA GLU D 347 21.04 -1.05 -11.79
C GLU D 347 22.51 -1.36 -12.02
N HIS D 348 22.85 -1.72 -13.27
CA HIS D 348 24.20 -2.10 -13.65
C HIS D 348 24.68 -3.35 -12.92
N GLN D 349 23.75 -4.15 -12.41
CA GLN D 349 24.03 -5.42 -11.77
C GLN D 349 23.31 -6.47 -12.61
N GLY D 350 24.05 -7.18 -13.45
CA GLY D 350 23.42 -8.02 -14.45
C GLY D 350 22.69 -7.16 -15.45
N PRO D 351 22.11 -7.78 -16.47
CA PRO D 351 21.44 -7.00 -17.52
C PRO D 351 20.16 -6.36 -16.99
N ASP D 352 19.59 -5.49 -17.80
CA ASP D 352 18.31 -4.84 -17.53
C ASP D 352 17.21 -5.86 -17.29
N GLY D 353 16.70 -5.91 -16.07
CA GLY D 353 15.70 -6.91 -15.70
C GLY D 353 16.27 -8.14 -15.04
N GLY D 354 17.59 -8.26 -14.95
CA GLY D 354 18.24 -9.38 -14.31
C GLY D 354 19.25 -8.91 -13.28
N GLY D 355 19.96 -9.88 -12.71
CA GLY D 355 20.91 -9.59 -11.67
C GLY D 355 21.78 -10.78 -11.32
N PRO D 356 22.90 -10.52 -10.66
CA PRO D 356 23.80 -11.62 -10.27
C PRO D 356 23.15 -12.51 -9.22
N ILE D 357 23.58 -13.76 -9.19
CA ILE D 357 23.15 -14.69 -8.16
C ILE D 357 24.35 -15.54 -7.77
N ALA D 358 24.66 -15.57 -6.47
CA ALA D 358 25.79 -16.34 -5.96
C ALA D 358 25.28 -17.36 -4.95
N VAL D 359 26.01 -18.46 -4.83
CA VAL D 359 25.72 -19.53 -3.89
C VAL D 359 26.97 -19.79 -3.06
N ILE D 360 26.80 -19.81 -1.74
CA ILE D 360 27.84 -20.23 -0.82
C ILE D 360 27.47 -21.63 -0.32
N ALA D 361 28.38 -22.58 -0.48
CA ALA D 361 28.07 -23.98 -0.20
C ALA D 361 29.23 -24.66 0.52
N ARG D 362 28.86 -25.61 1.39
CA ARG D 362 29.84 -26.52 1.96
C ARG D 362 30.44 -27.39 0.85
N VAL D 363 31.65 -27.87 1.08
CA VAL D 363 32.37 -28.67 0.10
C VAL D 363 32.23 -30.17 0.37
C1 MLI E . -6.64 12.19 -8.99
C2 MLI E . -6.41 11.97 -10.42
C3 MLI E . -6.78 13.62 -8.47
O6 MLI E . -5.49 12.57 -11.06
O7 MLI E . -7.21 11.11 -10.96
O8 MLI E . -6.48 13.95 -7.33
O9 MLI E . -7.27 14.47 -9.30
H11 MLI E . -7.44 11.70 -8.73
H12 MLI E . -5.93 11.76 -8.49
CA CA F . 0.57 24.45 -5.75
NA NA G . -17.93 -0.13 -18.27
C1 PDO H . -14.34 5.38 -20.77
O1 PDO H . -13.39 4.63 -20.10
C2 PDO H . -14.85 4.65 -22.02
C3 PDO H . -15.94 5.47 -22.69
O3 PDO H . -16.82 4.59 -23.36
H11 PDO H . -15.09 5.56 -20.19
H12 PDO H . -13.94 6.24 -21.05
HO1 PDO H . -12.73 4.47 -20.63
H21 PDO H . -15.20 3.79 -21.77
H22 PDO H . -14.11 4.52 -22.65
H31 PDO H . -15.55 6.08 -23.33
H32 PDO H . -16.43 5.97 -22.02
HO3 PDO H . -17.23 5.02 -23.98
C1 PDO I . 6.16 4.97 -10.53
O1 PDO I . 7.41 4.89 -9.89
C2 PDO I . 5.31 3.77 -10.13
C3 PDO I . 3.98 4.22 -9.49
O3 PDO I . 2.97 4.50 -10.44
H11 PDO I . 5.72 5.80 -10.26
H12 PDO I . 6.30 4.98 -11.49
HO1 PDO I . 7.72 4.11 -9.98
H21 PDO I . 5.80 3.23 -9.49
H22 PDO I . 5.11 3.24 -10.92
H31 PDO I . 4.15 5.03 -8.98
H32 PDO I . 3.67 3.52 -8.90
HO3 PDO I . 3.05 3.97 -11.09
CL CL J . -9.17 4.89 -15.47
N1 BR8 K . -11.11 -12.35 -5.70
C2 BR8 K . -10.28 -11.72 -6.70
O2 BR8 K . -10.63 -10.76 -7.29
N3 BR8 K . -8.95 -12.24 -6.93
C4 BR8 K . -8.46 -13.41 -6.23
O4 BR8 K . -7.37 -13.86 -6.45
C5 BR8 K . -9.34 -14.04 -5.20
C6 BR8 K . -10.72 -13.46 -4.97
O8 BR8 K . -11.41 -13.94 -4.13
H1 BR8 K . -11.89 -12.03 -5.57
H3 BR8 K . -8.44 -11.85 -7.51
H51C BR8 K . -9.50 -14.95 -5.52
H52C BR8 K . -8.88 -13.94 -4.36
CA CA L . -5.70 -24.40 0.47
C1 PDO M . -6.16 -21.84 4.82
O1 PDO M . -6.91 -22.10 3.67
C2 PDO M . -5.66 -20.39 4.80
C3 PDO M . -6.35 -19.58 5.90
O3 PDO M . -6.17 -18.21 5.64
H11 PDO M . -6.70 -21.99 5.60
H12 PDO M . -5.39 -22.44 4.84
HO1 PDO M . -7.07 -22.94 3.62
H21 PDO M . -5.87 -19.99 3.94
H22 PDO M . -4.70 -20.37 4.94
H31 PDO M . -5.94 -19.80 6.76
H32 PDO M . -7.29 -19.79 5.91
HO3 PDO M . -6.54 -18.01 4.90
C1 PDO N . -7.49 -23.13 -29.56
O1 PDO N . -8.25 -24.03 -28.78
C2 PDO N . -6.07 -23.10 -29.01
C3 PDO N . -5.65 -21.66 -28.75
O3 PDO N . -4.54 -21.64 -27.89
H11 PDO N . -7.89 -22.25 -29.50
H12 PDO N . -7.49 -23.44 -30.48
HO1 PDO N . -9.02 -24.12 -29.12
H21 PDO N . -5.46 -23.49 -29.66
H22 PDO N . -6.03 -23.61 -28.18
H31 PDO N . -6.39 -21.18 -28.34
H32 PDO N . -5.41 -21.23 -29.58
HO3 PDO N . -4.54 -20.91 -27.44
CL CL O . -6.20 -18.88 -40.59
N1 BR8 P . -0.58 3.72 16.58
C2 BR8 P . -0.02 2.43 16.94
O2 BR8 P . 1.13 2.20 16.84
N3 BR8 P . -0.92 1.44 17.46
C4 BR8 P . -2.32 1.69 17.62
O4 BR8 P . -3.04 0.86 18.04
C5 BR8 P . -2.88 3.04 17.22
C6 BR8 P . -1.91 4.05 16.71
O8 BR8 P . -2.29 5.14 16.41
H1 BR8 P . -0.04 4.31 16.27
H3 BR8 P . -0.61 0.66 17.69
H51C BR8 P . -3.26 3.42 18.03
H52C BR8 P . -3.50 2.86 16.49
CA CA Q . -14.84 5.85 19.59
C1 PDO R . 13.12 21.45 21.85
O1 PDO R . 13.37 20.77 20.64
C2 PDO R . 11.62 21.64 22.05
C3 PDO R . 11.37 22.44 23.33
O3 PDO R . 10.14 22.07 23.90
H11 PDO R . 13.47 20.91 22.58
H12 PDO R . 13.56 22.30 21.83
HO1 PDO R . 14.20 20.76 20.49
H21 PDO R . 11.18 20.77 22.12
H22 PDO R . 11.25 22.13 21.28
H31 PDO R . 11.34 23.38 23.11
H32 PDO R . 12.08 22.28 23.96
HO3 PDO R . 9.90 22.65 24.46
C1 PDO S . 6.27 23.65 28.56
O1 PDO S . 7.11 23.09 27.58
C2 PDO S . 7.10 24.08 29.78
C3 PDO S . 7.52 22.86 30.58
O3 PDO S . 6.42 22.34 31.27
H11 PDO S . 5.82 24.41 28.19
H12 PDO S . 5.61 22.99 28.83
HO1 PDO S . 7.80 23.57 27.48
H21 PDO S . 6.56 24.66 30.34
H22 PDO S . 7.88 24.56 29.48
H31 PDO S . 8.21 23.10 31.21
H32 PDO S . 7.87 22.17 29.98
HO3 PDO S . 6.68 21.81 31.87
C1 PDO T . -5.48 7.25 3.24
O1 PDO T . -6.89 7.37 3.10
C2 PDO T . -4.62 8.50 2.94
C3 PDO T . -4.10 9.11 4.26
O3 PDO T . -3.34 8.16 4.98
H11 PDO T . -5.30 6.97 4.15
H12 PDO T . -5.18 6.54 2.63
HO1 PDO T . -7.25 6.61 3.21
H21 PDO T . -5.16 9.16 2.49
H22 PDO T . -3.86 8.26 2.39
H31 PDO T . -4.85 9.39 4.80
H32 PDO T . -3.54 9.87 4.07
HO3 PDO T . -3.81 7.86 5.63
C1 PDO U . -15.60 1.78 16.41
O1 PDO U . -15.17 2.09 17.71
C2 PDO U . -14.73 0.67 15.79
C3 PDO U . -14.87 0.65 14.27
O3 PDO U . -13.95 -0.25 13.72
H11 PDO U . -16.52 1.46 16.44
H12 PDO U . -15.56 2.57 15.85
HO1 PDO U . -14.36 2.36 17.68
H21 PDO U . -14.99 -0.18 16.15
H22 PDO U . -13.80 0.85 16.01
H31 PDO U . -14.71 1.54 13.91
H32 PDO U . -15.77 0.37 14.03
HO3 PDO U . -13.88 -0.11 12.89
N1 BR8 V . 17.76 -0.97 -0.11
C2 BR8 V . 17.11 -1.95 0.74
O2 BR8 V . 16.92 -1.73 1.90
N3 BR8 V . 16.68 -3.22 0.17
C4 BR8 V . 16.90 -3.52 -1.22
O4 BR8 V . 16.55 -4.57 -1.66
C5 BR8 V . 17.58 -2.49 -2.11
C6 BR8 V . 17.99 -1.19 -1.44
O8 BR8 V . 18.53 -0.37 -2.11
H1 BR8 V . 18.01 -0.23 0.25
H3 BR8 V . 16.29 -3.80 0.67
H51C BR8 V . 16.93 -2.25 -2.78
H52C BR8 V . 18.40 -2.91 -2.42
CA CA W . 20.22 -5.46 -13.89
C1 PDO X . 4.50 -8.75 -4.00
O1 PDO X . 5.04 -7.88 -3.03
C2 PDO X . 3.08 -8.29 -4.36
C3 PDO X . 3.15 -7.02 -5.23
O3 PDO X . 3.50 -7.23 -6.59
H11 PDO X . 5.05 -8.73 -4.80
H12 PDO X . 4.46 -9.65 -3.64
HO1 PDO X . 4.79 -8.11 -2.26
H21 PDO X . 2.59 -8.09 -3.54
H22 PDO X . 2.63 -8.99 -4.85
H31 PDO X . 3.81 -6.42 -4.84
H32 PDO X . 2.28 -6.59 -5.21
HO3 PDO X . 3.29 -6.55 -7.04
C1 PEG Y . 13.27 -0.02 -12.87
O1 PEG Y . 13.51 -1.17 -12.10
C2 PEG Y . 14.59 0.56 -13.35
O2 PEG Y . 15.40 -0.52 -13.72
C3 PEG Y . 16.59 -0.20 -14.39
C4 PEG Y . 17.27 -1.52 -14.71
O4 PEG Y . 18.64 -1.46 -14.45
H11 PEG Y . 12.80 0.64 -12.35
H12 PEG Y . 12.73 -0.26 -13.65
HO1 PEG Y . 12.91 -1.75 -12.27
H21 PEG Y . 15.02 1.05 -12.63
H22 PEG Y . 14.46 1.15 -14.11
H31 PEG Y . 16.38 0.28 -15.20
H32 PEG Y . 17.16 0.34 -13.82
H41 PEG Y . 16.88 -2.23 -14.18
H42 PEG Y . 17.13 -1.72 -15.66
HO4 PEG Y . 19.08 -1.60 -15.17
#